data_6ANN
# 
_entry.id   6ANN 
# 
_audit_conform.dict_name       mmcif_pdbx.dic 
_audit_conform.dict_version    5.381 
_audit_conform.dict_location   http://mmcif.pdb.org/dictionaries/ascii/mmcif_pdbx.dic 
# 
loop_
_database_2.database_id 
_database_2.database_code 
_database_2.pdbx_database_accession 
_database_2.pdbx_DOI 
PDB   6ANN         pdb_00006ann 10.2210/pdb6ann/pdb 
WWPDB D_1000229513 ?            ?                   
# 
_pdbx_database_related.db_name        PDB 
_pdbx_database_related.details        'related linear peptide sequence' 
_pdbx_database_related.db_id          6ANM 
_pdbx_database_related.content_type   unspecified 
# 
_pdbx_database_status.status_code                     REL 
_pdbx_database_status.status_code_sf                  REL 
_pdbx_database_status.status_code_mr                  ? 
_pdbx_database_status.entry_id                        6ANN 
_pdbx_database_status.recvd_initial_deposition_date   2017-08-14 
_pdbx_database_status.SG_entry                        N 
_pdbx_database_status.deposit_site                    RCSB 
_pdbx_database_status.process_site                    RCSB 
_pdbx_database_status.status_code_cs                  ? 
_pdbx_database_status.methods_development_category    ? 
_pdbx_database_status.pdb_format_compatible           Y 
_pdbx_database_status.status_code_nmr_data            ? 
# 
loop_
_audit_author.name 
_audit_author.pdbx_ordinal 
_audit_author.identifier_ORCID 
'Cameron, A.J.' 1 ? 
'Sarojini, V.'  2 ? 
'Squire, C.J.'  3 ? 
# 
_citation.abstract                  ? 
_citation.abstract_id_CAS           ? 
_citation.book_id_ISBN              ? 
_citation.book_publisher            ? 
_citation.book_publisher_city       ? 
_citation.book_title                ? 
_citation.coordinate_linkage        ? 
_citation.country                   DE 
_citation.database_id_Medline       ? 
_citation.details                   ? 
_citation.id                        primary 
_citation.journal_abbrev            'Chem Asian J' 
_citation.journal_id_ASTM           ? 
_citation.journal_id_CSD            ? 
_citation.journal_id_ISSN           1861-471X 
_citation.journal_full              ? 
_citation.journal_issue             ? 
_citation.journal_volume            12 
_citation.language                  ? 
_citation.page_first                3195 
_citation.page_last                 3202 
_citation.title                     
'Crystal and NMR Structures of a Peptidomimetic beta-Turn That Provides Facile Synthesis of 13-Membered Cyclic Tetrapeptides.' 
_citation.year                      2017 
_citation.database_id_CSD           ? 
_citation.pdbx_database_id_DOI      10.1002/asia.201701422 
_citation.pdbx_database_id_PubMed   29098772 
_citation.unpublished_flag          ? 
# 
loop_
_citation_author.citation_id 
_citation_author.name 
_citation_author.ordinal 
_citation_author.identifier_ORCID 
primary 'Cameron, A.J.'   1 ? 
primary 'Squire, C.J.'    2 ? 
primary 'Edwards, P.J.B.' 3 ? 
primary 'Harjes, E.'      4 ? 
primary 'Sarojini, V.'    5 ? 
# 
_cell.entry_id           6ANN 
_cell.length_a           14.502 
_cell.length_b           21.962 
_cell.length_c           45.170 
_cell.angle_alpha        90.00 
_cell.angle_beta         90.00 
_cell.angle_gamma        90.00 
_cell.Z_PDB              20 
_cell.pdbx_unique_axis   ? 
# 
_symmetry.entry_id                         6ANN 
_symmetry.space_group_name_H-M             'P 21 21 21' 
_symmetry.pdbx_full_space_group_name_H-M   ? 
_symmetry.cell_setting                     ? 
_symmetry.Int_Tables_number                19 
# 
loop_
_entity.id 
_entity.type 
_entity.src_method 
_entity.pdbx_description 
_entity.formula_weight 
_entity.pdbx_number_of_molecules 
_entity.pdbx_ec 
_entity.pdbx_mutation 
_entity.pdbx_fragment 
_entity.details 
1 polymer     syn 'cyclic DLE-ZAE-BE2-DAL' 482.572 5 ? ? ? ? 
2 non-polymer syn ETHANOL                  46.068  3 ? ? ? ? 
3 water       nat water                    18.015  4 ? ? ? ? 
# 
_entity_poly.entity_id                      1 
_entity_poly.type                           'polypeptide(D)' 
_entity_poly.nstd_linkage                   no 
_entity_poly.nstd_monomer                   yes 
_entity_poly.pdbx_seq_one_letter_code       '(DLE)(ZAE)(BE2)(DAL)' 
_entity_poly.pdbx_seq_one_letter_code_can   LXXA 
_entity_poly.pdbx_strand_id                 A,B,C,D,E 
_entity_poly.pdbx_target_identifier         ? 
# 
loop_
_entity_poly_seq.entity_id 
_entity_poly_seq.num 
_entity_poly_seq.mon_id 
_entity_poly_seq.hetero 
1 1 DLE n 
1 2 ZAE n 
1 3 BE2 n 
1 4 DAL n 
# 
_pdbx_entity_src_syn.entity_id              1 
_pdbx_entity_src_syn.pdbx_src_id            1 
_pdbx_entity_src_syn.pdbx_alt_source_flag   sample 
_pdbx_entity_src_syn.pdbx_beg_seq_num       1 
_pdbx_entity_src_syn.pdbx_end_seq_num       4 
_pdbx_entity_src_syn.organism_scientific    'synthetic construct' 
_pdbx_entity_src_syn.organism_common_name   ? 
_pdbx_entity_src_syn.ncbi_taxonomy_id       32630 
_pdbx_entity_src_syn.details                ? 
# 
_struct_ref.id                         1 
_struct_ref.db_name                    PDB 
_struct_ref.db_code                    6ANN 
_struct_ref.pdbx_db_accession          6ANN 
_struct_ref.pdbx_db_isoform            ? 
_struct_ref.entity_id                  1 
_struct_ref.pdbx_seq_one_letter_code   ? 
_struct_ref.pdbx_align_begin           1 
# 
loop_
_struct_ref_seq.align_id 
_struct_ref_seq.ref_id 
_struct_ref_seq.pdbx_PDB_id_code 
_struct_ref_seq.pdbx_strand_id 
_struct_ref_seq.seq_align_beg 
_struct_ref_seq.pdbx_seq_align_beg_ins_code 
_struct_ref_seq.seq_align_end 
_struct_ref_seq.pdbx_seq_align_end_ins_code 
_struct_ref_seq.pdbx_db_accession 
_struct_ref_seq.db_align_beg 
_struct_ref_seq.pdbx_db_align_beg_ins_code 
_struct_ref_seq.db_align_end 
_struct_ref_seq.pdbx_db_align_end_ins_code 
_struct_ref_seq.pdbx_auth_seq_align_beg 
_struct_ref_seq.pdbx_auth_seq_align_end 
1 1 6ANN A 1 ? 4 ? 6ANN 1001 ? 1004 ? 1001 1004 
2 1 6ANN B 1 ? 4 ? 6ANN 2001 ? 2004 ? 2001 2004 
3 1 6ANN C 1 ? 4 ? 6ANN 3001 ? 3004 ? 3001 3004 
4 1 6ANN D 1 ? 4 ? 6ANN 4001 ? 4004 ? 4001 4004 
5 1 6ANN E 1 ? 4 ? 6ANN 5001 ? 5004 ? 5001 5004 
# 
loop_
_chem_comp.id 
_chem_comp.type 
_chem_comp.mon_nstd_flag 
_chem_comp.name 
_chem_comp.pdbx_synonyms 
_chem_comp.formula 
_chem_comp.formula_weight 
BE2 'L-peptide linking' . '2-AMINOBENZOIC ACID'    ? 'C7 H7 N O2'   137.136 
DAL 'D-peptide linking' . D-ALANINE                ? 'C3 H7 N O2'   89.093  
DLE 'D-peptide linking' . D-LEUCINE                ? 'C6 H13 N O2'  131.173 
EOH non-polymer         . ETHANOL                  ? 'C2 H6 O'      46.068  
HOH non-polymer         . WATER                    ? 'H2 O'         18.015  
ZAE 'D-peptide linking' . N-methyl-D-phenylalanine ? 'C10 H13 N O2' 179.216 
# 
_exptl.absorpt_coefficient_mu     ? 
_exptl.absorpt_correction_T_max   ? 
_exptl.absorpt_correction_T_min   ? 
_exptl.absorpt_correction_type    ? 
_exptl.absorpt_process_details    ? 
_exptl.entry_id                   6ANN 
_exptl.crystals_number            1 
_exptl.details                    ? 
_exptl.method                     'X-RAY DIFFRACTION' 
_exptl.method_details             ? 
# 
_exptl_crystal.colour                      ? 
_exptl_crystal.density_diffrn              ? 
_exptl_crystal.density_Matthews            1.49 
_exptl_crystal.density_method              ? 
_exptl_crystal.density_percent_sol         17.48 
_exptl_crystal.description                 ? 
_exptl_crystal.F_000                       ? 
_exptl_crystal.id                          1 
_exptl_crystal.preparation                 ? 
_exptl_crystal.size_max                    ? 
_exptl_crystal.size_mid                    ? 
_exptl_crystal.size_min                    ? 
_exptl_crystal.size_rad                    ? 
_exptl_crystal.colour_lustre               ? 
_exptl_crystal.colour_modifier             ? 
_exptl_crystal.colour_primary              ? 
_exptl_crystal.density_meas                ? 
_exptl_crystal.density_meas_esd            ? 
_exptl_crystal.density_meas_gt             ? 
_exptl_crystal.density_meas_lt             ? 
_exptl_crystal.density_meas_temp           ? 
_exptl_crystal.density_meas_temp_esd       ? 
_exptl_crystal.density_meas_temp_gt        ? 
_exptl_crystal.density_meas_temp_lt        ? 
_exptl_crystal.pdbx_crystal_image_url      ? 
_exptl_crystal.pdbx_crystal_image_format   ? 
_exptl_crystal.pdbx_mosaicity              ? 
_exptl_crystal.pdbx_mosaicity_esd          ? 
# 
_exptl_crystal_grow.apparatus       ? 
_exptl_crystal_grow.atmosphere      ? 
_exptl_crystal_grow.crystal_id      1 
_exptl_crystal_grow.details         ? 
_exptl_crystal_grow.method          EVAPORATION 
_exptl_crystal_grow.method_ref      ? 
_exptl_crystal_grow.pH              ? 
_exptl_crystal_grow.pressure        ? 
_exptl_crystal_grow.pressure_esd    ? 
_exptl_crystal_grow.seeding         ? 
_exptl_crystal_grow.seeding_ref     ? 
_exptl_crystal_grow.temp            293 
_exptl_crystal_grow.temp_details    ? 
_exptl_crystal_grow.temp_esd        ? 
_exptl_crystal_grow.time            ? 
_exptl_crystal_grow.pdbx_details    'evaporation from methanol/ethanol mixture' 
_exptl_crystal_grow.pdbx_pH_range   ? 
# 
_diffrn.ambient_environment    ? 
_diffrn.ambient_temp           100 
_diffrn.ambient_temp_details   ? 
_diffrn.ambient_temp_esd       ? 
_diffrn.crystal_id             1 
_diffrn.crystal_support        ? 
_diffrn.crystal_treatment      ? 
_diffrn.details                ? 
_diffrn.id                     1 
_diffrn.ambient_pressure       ? 
_diffrn.ambient_pressure_esd   ? 
_diffrn.ambient_pressure_gt    ? 
_diffrn.ambient_pressure_lt    ? 
_diffrn.ambient_temp_gt        ? 
_diffrn.ambient_temp_lt        ? 
# 
_diffrn_detector.details                      ? 
_diffrn_detector.detector                     CCD 
_diffrn_detector.diffrn_id                    1 
_diffrn_detector.type                         'ADSC QUANTUM 210r' 
_diffrn_detector.area_resol_mean              ? 
_diffrn_detector.dtime                        ? 
_diffrn_detector.pdbx_frames_total            ? 
_diffrn_detector.pdbx_collection_time_total   ? 
_diffrn_detector.pdbx_collection_date         2016-02-25 
# 
_diffrn_radiation.collimation                      ? 
_diffrn_radiation.diffrn_id                        1 
_diffrn_radiation.filter_edge                      ? 
_diffrn_radiation.inhomogeneity                    ? 
_diffrn_radiation.monochromator                    ? 
_diffrn_radiation.polarisn_norm                    ? 
_diffrn_radiation.polarisn_ratio                   ? 
_diffrn_radiation.probe                            ? 
_diffrn_radiation.type                             ? 
_diffrn_radiation.xray_symbol                      ? 
_diffrn_radiation.wavelength_id                    1 
_diffrn_radiation.pdbx_monochromatic_or_laue_m_l   M 
_diffrn_radiation.pdbx_wavelength_list             ? 
_diffrn_radiation.pdbx_wavelength                  ? 
_diffrn_radiation.pdbx_diffrn_protocol             'SINGLE WAVELENGTH' 
_diffrn_radiation.pdbx_analyzer                    ? 
_diffrn_radiation.pdbx_scattering_type             x-ray 
# 
_diffrn_radiation_wavelength.id           1 
_diffrn_radiation_wavelength.wavelength   0.71076 
_diffrn_radiation_wavelength.wt           1.0 
# 
_diffrn_source.current                     ? 
_diffrn_source.details                     ? 
_diffrn_source.diffrn_id                   1 
_diffrn_source.power                       ? 
_diffrn_source.size                        ? 
_diffrn_source.source                      SYNCHROTRON 
_diffrn_source.target                      ? 
_diffrn_source.type                        'AUSTRALIAN SYNCHROTRON BEAMLINE MX1' 
_diffrn_source.voltage                     ? 
_diffrn_source.take-off_angle              ? 
_diffrn_source.pdbx_wavelength_list        0.71076 
_diffrn_source.pdbx_wavelength             ? 
_diffrn_source.pdbx_synchrotron_beamline   MX1 
_diffrn_source.pdbx_synchrotron_site       'Australian Synchrotron' 
# 
_reflns.B_iso_Wilson_estimate            ? 
_reflns.entry_id                         6ANN 
_reflns.data_reduction_details           ? 
_reflns.data_reduction_method            ? 
_reflns.d_resolution_high                0.76 
_reflns.d_resolution_low                 22.58 
_reflns.details                          ? 
_reflns.limit_h_max                      ? 
_reflns.limit_h_min                      ? 
_reflns.limit_k_max                      ? 
_reflns.limit_k_min                      ? 
_reflns.limit_l_max                      ? 
_reflns.limit_l_min                      ? 
_reflns.number_all                       ? 
_reflns.number_obs                       18520 
_reflns.observed_criterion               ? 
_reflns.observed_criterion_F_max         ? 
_reflns.observed_criterion_F_min         ? 
_reflns.observed_criterion_I_max         ? 
_reflns.observed_criterion_I_min         ? 
_reflns.observed_criterion_sigma_F       ? 
_reflns.observed_criterion_sigma_I       ? 
_reflns.percent_possible_obs             99.8 
_reflns.R_free_details                   ? 
_reflns.Rmerge_F_all                     ? 
_reflns.Rmerge_F_obs                     ? 
_reflns.Friedel_coverage                 ? 
_reflns.number_gt                        ? 
_reflns.threshold_expression             ? 
_reflns.pdbx_redundancy                  26.3 
_reflns.pdbx_Rmerge_I_obs                0.145 
_reflns.pdbx_Rmerge_I_all                ? 
_reflns.pdbx_Rsym_value                  ? 
_reflns.pdbx_netI_over_av_sigmaI         ? 
_reflns.pdbx_netI_over_sigmaI            11.5 
_reflns.pdbx_res_netI_over_av_sigmaI_2   ? 
_reflns.pdbx_res_netI_over_sigmaI_2      ? 
_reflns.pdbx_chi_squared                 ? 
_reflns.pdbx_scaling_rejects             ? 
_reflns.pdbx_d_res_high_opt              ? 
_reflns.pdbx_d_res_low_opt               ? 
_reflns.pdbx_d_res_opt_method            ? 
_reflns.phase_calculation_details        ? 
_reflns.pdbx_Rrim_I_all                  ? 
_reflns.pdbx_Rpim_I_all                  0.036 
_reflns.pdbx_d_opt                       ? 
_reflns.pdbx_number_measured_all         ? 
_reflns.pdbx_diffrn_id                   1 
_reflns.pdbx_ordinal                     1 
_reflns.pdbx_CC_half                     0.997 
_reflns.pdbx_R_split                     ? 
# 
_reflns_shell.d_res_high                  0.76 
_reflns_shell.d_res_low                   0.77 
_reflns_shell.meanI_over_sigI_all         ? 
_reflns_shell.meanI_over_sigI_obs         2.0 
_reflns_shell.number_measured_all         ? 
_reflns_shell.number_measured_obs         ? 
_reflns_shell.number_possible             ? 
_reflns_shell.number_unique_all           ? 
_reflns_shell.number_unique_obs           864 
_reflns_shell.percent_possible_all        96.4 
_reflns_shell.percent_possible_obs        ? 
_reflns_shell.Rmerge_F_all                ? 
_reflns_shell.Rmerge_F_obs                ? 
_reflns_shell.Rmerge_I_all                ? 
_reflns_shell.Rmerge_I_obs                0.840 
_reflns_shell.meanI_over_sigI_gt          ? 
_reflns_shell.meanI_over_uI_all           ? 
_reflns_shell.meanI_over_uI_gt            ? 
_reflns_shell.number_measured_gt          ? 
_reflns_shell.number_unique_gt            ? 
_reflns_shell.percent_possible_gt         ? 
_reflns_shell.Rmerge_F_gt                 ? 
_reflns_shell.Rmerge_I_gt                 ? 
_reflns_shell.pdbx_redundancy             10.2 
_reflns_shell.pdbx_Rsym_value             ? 
_reflns_shell.pdbx_chi_squared            ? 
_reflns_shell.pdbx_netI_over_sigmaI_all   ? 
_reflns_shell.pdbx_netI_over_sigmaI_obs   ? 
_reflns_shell.pdbx_Rrim_I_all             ? 
_reflns_shell.pdbx_Rpim_I_all             0.282 
_reflns_shell.pdbx_rejects                ? 
_reflns_shell.pdbx_ordinal                1 
_reflns_shell.pdbx_diffrn_id              1 
_reflns_shell.pdbx_CC_half                0.793 
_reflns_shell.pdbx_R_split                ? 
# 
_refine.pdbx_refine_id                           'X-RAY DIFFRACTION' 
_refine.entry_id                                 6ANN 
_refine.pdbx_diffrn_id                           1 
_refine.pdbx_TLS_residual_ADP_flag               ? 
_refine.ls_number_reflns_obs                     17502 
_refine.ls_number_reflns_all                     ? 
_refine.pdbx_ls_sigma_I                          ? 
_refine.pdbx_ls_sigma_F                          ? 
_refine.pdbx_data_cutoff_high_absF               ? 
_refine.pdbx_data_cutoff_low_absF                ? 
_refine.pdbx_data_cutoff_high_rms_absF           ? 
_refine.ls_d_res_low                             22.58 
_refine.ls_d_res_high                            0.76 
_refine.ls_percent_reflns_obs                    99.75 
_refine.ls_R_factor_obs                          0.14430 
_refine.ls_R_factor_all                          ? 
_refine.ls_R_factor_R_work                       0.14362 
_refine.ls_R_factor_R_free                       0.15672 
_refine.ls_R_factor_R_free_error                 ? 
_refine.ls_R_factor_R_free_error_details         ? 
_refine.ls_percent_reflns_R_free                 5.2 
_refine.ls_number_reflns_R_free                  962 
_refine.ls_number_parameters                     ? 
_refine.ls_number_restraints                     ? 
_refine.occupancy_min                            ? 
_refine.occupancy_max                            ? 
_refine.correlation_coeff_Fo_to_Fc               0.974 
_refine.correlation_coeff_Fo_to_Fc_free          0.970 
_refine.B_iso_mean                               5.159 
_refine.aniso_B[1][1]                            -0.28 
_refine.aniso_B[2][2]                            0.21 
_refine.aniso_B[3][3]                            0.07 
_refine.aniso_B[1][2]                            0.00 
_refine.aniso_B[1][3]                            -0.00 
_refine.aniso_B[2][3]                            0.00 
_refine.solvent_model_details                    MASK 
_refine.solvent_model_param_ksol                 ? 
_refine.solvent_model_param_bsol                 ? 
_refine.pdbx_solvent_vdw_probe_radii             1.20 
_refine.pdbx_solvent_ion_probe_radii             0.80 
_refine.pdbx_solvent_shrinkage_radii             0.80 
_refine.pdbx_ls_cross_valid_method               THROUGHOUT 
_refine.details                                  'HYDROGENS HAVE BEEN USED IF PRESENT IN THE INPUT' 
_refine.pdbx_starting_model                      ? 
_refine.pdbx_method_to_determine_struct          'AB INITIO PHASING' 
_refine.pdbx_isotropic_thermal_model             ? 
_refine.pdbx_stereochemistry_target_values       'MAXIMUM LIKELIHOOD' 
_refine.pdbx_stereochem_target_val_spec_case     ? 
_refine.pdbx_R_Free_selection_details            RANDOM 
_refine.pdbx_overall_ESU_R                       0.014 
_refine.pdbx_overall_ESU_R_Free                  0.014 
_refine.overall_SU_ML                            0.012 
_refine.pdbx_overall_phase_error                 ? 
_refine.overall_SU_B                             0.362 
_refine.overall_SU_R_Cruickshank_DPI             ? 
_refine.pdbx_overall_SU_R_free_Cruickshank_DPI   ? 
_refine.pdbx_overall_SU_R_Blow_DPI               ? 
_refine.pdbx_overall_SU_R_free_Blow_DPI          ? 
# 
_refine_hist.pdbx_refine_id                   'X-RAY DIFFRACTION' 
_refine_hist.cycle_id                         1 
_refine_hist.pdbx_number_atoms_protein        170 
_refine_hist.pdbx_number_atoms_nucleic_acid   0 
_refine_hist.pdbx_number_atoms_ligand         9 
_refine_hist.number_atoms_solvent             4 
_refine_hist.number_atoms_total               183 
_refine_hist.d_res_high                       0.76 
_refine_hist.d_res_low                        22.58 
# 
loop_
_refine_ls_restr.type 
_refine_ls_restr.dev_ideal 
_refine_ls_restr.dev_ideal_target 
_refine_ls_restr.weight 
_refine_ls_restr.number 
_refine_ls_restr.pdbx_refine_id 
_refine_ls_restr.pdbx_restraint_function 
r_bond_refined_d             0.032 0.020 ? 211 'X-RAY DIFFRACTION' ? 
r_bond_other_d               0.006 0.020 ? 227 'X-RAY DIFFRACTION' ? 
r_angle_refined_deg          2.970 2.951 ? 241 'X-RAY DIFFRACTION' ? 
r_angle_other_deg            1.535 3.000 ? 483 'X-RAY DIFFRACTION' ? 
r_dihedral_angle_1_deg       ?     ?     ? ?   'X-RAY DIFFRACTION' ? 
r_dihedral_angle_2_deg       ?     ?     ? ?   'X-RAY DIFFRACTION' ? 
r_dihedral_angle_3_deg       ?     ?     ? ?   'X-RAY DIFFRACTION' ? 
r_dihedral_angle_4_deg       ?     ?     ? ?   'X-RAY DIFFRACTION' ? 
r_chiral_restr               0.218 0.200 ? 28  'X-RAY DIFFRACTION' ? 
r_gen_planes_refined         0.027 0.020 ? 96  'X-RAY DIFFRACTION' ? 
r_gen_planes_other           0.008 0.020 ? 61  'X-RAY DIFFRACTION' ? 
r_nbd_refined                ?     ?     ? ?   'X-RAY DIFFRACTION' ? 
r_nbd_other                  ?     ?     ? ?   'X-RAY DIFFRACTION' ? 
r_nbtor_refined              ?     ?     ? ?   'X-RAY DIFFRACTION' ? 
r_nbtor_other                ?     ?     ? ?   'X-RAY DIFFRACTION' ? 
r_xyhbond_nbd_refined        ?     ?     ? ?   'X-RAY DIFFRACTION' ? 
r_xyhbond_nbd_other          ?     ?     ? ?   'X-RAY DIFFRACTION' ? 
r_metal_ion_refined          ?     ?     ? ?   'X-RAY DIFFRACTION' ? 
r_metal_ion_other            ?     ?     ? ?   'X-RAY DIFFRACTION' ? 
r_symmetry_vdw_refined       ?     ?     ? ?   'X-RAY DIFFRACTION' ? 
r_symmetry_vdw_other         ?     ?     ? ?   'X-RAY DIFFRACTION' ? 
r_symmetry_hbond_refined     ?     ?     ? ?   'X-RAY DIFFRACTION' ? 
r_symmetry_hbond_other       ?     ?     ? ?   'X-RAY DIFFRACTION' ? 
r_symmetry_metal_ion_refined ?     ?     ? ?   'X-RAY DIFFRACTION' ? 
r_symmetry_metal_ion_other   ?     ?     ? ?   'X-RAY DIFFRACTION' ? 
r_mcbond_it                  0.450 0.369 ? 48  'X-RAY DIFFRACTION' ? 
r_mcbond_other               0.447 0.370 ? 48  'X-RAY DIFFRACTION' ? 
r_mcangle_it                 0.532 0.548 ? 28  'X-RAY DIFFRACTION' ? 
r_mcangle_other              0.527 0.544 ? 29  'X-RAY DIFFRACTION' ? 
r_scbond_it                  1.057 0.513 ? 163 'X-RAY DIFFRACTION' ? 
r_scbond_other               1.057 0.517 ? 164 'X-RAY DIFFRACTION' ? 
r_scangle_it                 ?     ?     ? ?   'X-RAY DIFFRACTION' ? 
r_scangle_other              1.170 0.740 ? 213 'X-RAY DIFFRACTION' ? 
r_long_range_B_refined       1.021 5.124 ? 312 'X-RAY DIFFRACTION' ? 
r_long_range_B_other         1.020 5.156 ? 313 'X-RAY DIFFRACTION' ? 
r_rigid_bond_restr           5.416 3.000 ? 438 'X-RAY DIFFRACTION' ? 
r_sphericity_free            ?     ?     ? ?   'X-RAY DIFFRACTION' ? 
r_sphericity_bonded          5.232 5.000 ? 456 'X-RAY DIFFRACTION' ? 
# 
_refine_ls_shell.pdbx_refine_id                   'X-RAY DIFFRACTION' 
_refine_ls_shell.pdbx_total_number_of_bins_used   20 
_refine_ls_shell.d_res_high                       0.759 
_refine_ls_shell.d_res_low                        0.779 
_refine_ls_shell.number_reflns_R_work             1218 
_refine_ls_shell.R_factor_R_work                  0.239 
_refine_ls_shell.percent_reflns_obs               97.44 
_refine_ls_shell.R_factor_R_free                  0.230 
_refine_ls_shell.R_factor_R_free_error            ? 
_refine_ls_shell.percent_reflns_R_free            ? 
_refine_ls_shell.number_reflns_R_free             76 
_refine_ls_shell.number_reflns_all                ? 
_refine_ls_shell.R_factor_all                     ? 
# 
_struct.entry_id                     6ANN 
_struct.title                        'Structure of cyclic D-Leu-N-methyl-D-Phe-2-Abz-D-Ala at 0.76 Angstrom' 
_struct.pdbx_model_details           ? 
_struct.pdbx_formula_weight          ? 
_struct.pdbx_formula_weight_method   ? 
_struct.pdbx_model_type_details      ? 
_struct.pdbx_CASP_flag               N 
# 
_struct_keywords.entry_id        6ANN 
_struct_keywords.text            
'unnatural amino acid, peptidomimetic beta-turn, D-amino acid, tetrapeptide, cyclic peptide, DE NOVO PROTEIN' 
_struct_keywords.pdbx_keywords   'DE NOVO PROTEIN' 
# 
loop_
_struct_asym.id 
_struct_asym.pdbx_blank_PDB_chainid_flag 
_struct_asym.pdbx_modified 
_struct_asym.entity_id 
_struct_asym.details 
A N N 1 ? 
B N N 1 ? 
C N N 1 ? 
D N N 1 ? 
E N N 1 ? 
F N N 2 ? 
G N N 2 ? 
H N N 2 ? 
I N N 3 ? 
J N N 3 ? 
K N N 3 ? 
L N N 3 ? 
# 
loop_
_struct_conn.id 
_struct_conn.conn_type_id 
_struct_conn.pdbx_leaving_atom_flag 
_struct_conn.pdbx_PDB_id 
_struct_conn.ptnr1_label_asym_id 
_struct_conn.ptnr1_label_comp_id 
_struct_conn.ptnr1_label_seq_id 
_struct_conn.ptnr1_label_atom_id 
_struct_conn.pdbx_ptnr1_label_alt_id 
_struct_conn.pdbx_ptnr1_PDB_ins_code 
_struct_conn.pdbx_ptnr1_standard_comp_id 
_struct_conn.ptnr1_symmetry 
_struct_conn.ptnr2_label_asym_id 
_struct_conn.ptnr2_label_comp_id 
_struct_conn.ptnr2_label_seq_id 
_struct_conn.ptnr2_label_atom_id 
_struct_conn.pdbx_ptnr2_label_alt_id 
_struct_conn.pdbx_ptnr2_PDB_ins_code 
_struct_conn.ptnr1_auth_asym_id 
_struct_conn.ptnr1_auth_comp_id 
_struct_conn.ptnr1_auth_seq_id 
_struct_conn.ptnr2_auth_asym_id 
_struct_conn.ptnr2_auth_comp_id 
_struct_conn.ptnr2_auth_seq_id 
_struct_conn.ptnr2_symmetry 
_struct_conn.pdbx_ptnr3_label_atom_id 
_struct_conn.pdbx_ptnr3_label_seq_id 
_struct_conn.pdbx_ptnr3_label_comp_id 
_struct_conn.pdbx_ptnr3_label_asym_id 
_struct_conn.pdbx_ptnr3_label_alt_id 
_struct_conn.pdbx_ptnr3_PDB_ins_code 
_struct_conn.details 
_struct_conn.pdbx_dist_value 
_struct_conn.pdbx_value_order 
_struct_conn.pdbx_role 
covale1  covale both ? A DLE 1 C A ? ? 1_555 A ZAE 2 N ? ? A DLE 1001 A ZAE 1002 1_555 ? ? ? ? ? ? ? 1.361 ? ? 
covale2  covale both ? A DLE 1 C B ? ? 1_555 A ZAE 2 N ? ? A DLE 1001 A ZAE 1002 1_555 ? ? ? ? ? ? ? 1.361 ? ? 
covale3  covale both ? A DLE 1 N A ? ? 1_555 A DAL 4 C ? ? A DLE 1001 A DAL 1004 1_555 ? ? ? ? ? ? ? 1.341 ? ? 
covale4  covale both ? A DLE 1 N B ? ? 1_555 A DAL 4 C ? ? A DLE 1001 A DAL 1004 1_555 ? ? ? ? ? ? ? 1.343 ? ? 
covale5  covale both ? A ZAE 2 C ? ? ? 1_555 A BE2 3 N ? ? A ZAE 1002 A BE2 1003 1_555 ? ? ? ? ? ? ? 1.357 ? ? 
covale6  covale both ? A BE2 3 C ? ? ? 1_555 A DAL 4 N ? ? A BE2 1003 A DAL 1004 1_555 ? ? ? ? ? ? ? 1.338 ? ? 
covale7  covale both ? B DLE 1 C ? ? ? 1_555 B ZAE 2 N ? ? B DLE 2001 B ZAE 2002 1_555 ? ? ? ? ? ? ? 1.371 ? ? 
covale8  covale both ? B DLE 1 N ? ? ? 1_555 B DAL 4 C ? ? B DLE 2001 B DAL 2004 1_555 ? ? ? ? ? ? ? 1.333 ? ? 
covale9  covale both ? B ZAE 2 C ? ? ? 1_555 B BE2 3 N ? ? B ZAE 2002 B BE2 2003 1_555 ? ? ? ? ? ? ? 1.370 ? ? 
covale10 covale both ? B BE2 3 C ? ? ? 1_555 B DAL 4 N ? ? B BE2 2003 B DAL 2004 1_555 ? ? ? ? ? ? ? 1.335 ? ? 
covale11 covale both ? C DLE 1 C A ? ? 1_555 C ZAE 2 N A ? C DLE 3001 C ZAE 3002 1_555 ? ? ? ? ? ? ? 1.303 ? ? 
covale12 covale both ? C DLE 1 C B ? ? 1_555 C ZAE 2 N B ? C DLE 3001 C ZAE 3002 1_555 ? ? ? ? ? ? ? 1.471 ? ? 
covale13 covale both ? C DLE 1 N A ? ? 1_555 C DAL 4 C A ? C DLE 3001 C DAL 3004 1_555 ? ? ? ? ? ? ? 1.381 ? ? 
covale14 covale both ? C DLE 1 N B ? ? 1_555 C DAL 4 C B ? C DLE 3001 C DAL 3004 1_555 ? ? ? ? ? ? ? 1.310 ? ? 
covale15 covale both ? C ZAE 2 C A ? ? 1_555 C BE2 3 N A ? C ZAE 3002 C BE2 3003 1_555 ? ? ? ? ? ? ? 1.367 ? ? 
covale16 covale both ? C ZAE 2 C B ? ? 1_555 C BE2 3 N B ? C ZAE 3002 C BE2 3003 1_555 ? ? ? ? ? ? ? 1.360 ? ? 
covale17 covale both ? C BE2 3 C A ? ? 1_555 C DAL 4 N A ? C BE2 3003 C DAL 3004 1_555 ? ? ? ? ? ? ? 1.358 ? ? 
covale18 covale both ? C BE2 3 C B ? ? 1_555 C DAL 4 N B ? C BE2 3003 C DAL 3004 1_555 ? ? ? ? ? ? ? 1.318 ? ? 
covale19 covale both ? D DLE 1 C ? ? ? 1_555 D ZAE 2 N ? ? D DLE 4001 D ZAE 4002 1_555 ? ? ? ? ? ? ? 1.371 ? ? 
covale20 covale both ? D DLE 1 N ? ? ? 1_555 D DAL 4 C ? ? D DLE 4001 D DAL 4004 1_555 ? ? ? ? ? ? ? 1.330 ? ? 
covale21 covale both ? D ZAE 2 C ? ? ? 1_555 D BE2 3 N ? ? D ZAE 4002 D BE2 4003 1_555 ? ? ? ? ? ? ? 1.386 ? ? 
covale22 covale both ? D BE2 3 C ? ? ? 1_555 D DAL 4 N ? ? D BE2 4003 D DAL 4004 1_555 ? ? ? ? ? ? ? 1.344 ? ? 
covale23 covale both ? E DLE 1 C ? ? ? 1_555 E ZAE 2 N ? ? E DLE 5001 E ZAE 5002 1_555 ? ? ? ? ? ? ? 1.361 ? ? 
covale24 covale both ? E DLE 1 N ? ? ? 1_555 E DAL 4 C ? ? E DLE 5001 E DAL 5004 1_555 ? ? ? ? ? ? ? 1.342 ? ? 
covale25 covale both ? E ZAE 2 C ? ? ? 1_555 E BE2 3 N ? ? E ZAE 5002 E BE2 5003 1_555 ? ? ? ? ? ? ? 1.378 ? ? 
covale26 covale both ? E BE2 3 C ? ? ? 1_555 E DAL 4 N ? ? E BE2 5003 E DAL 5004 1_555 ? ? ? ? ? ? ? 1.330 ? ? 
# 
_struct_conn_type.id          covale 
_struct_conn_type.criteria    ? 
_struct_conn_type.reference   ? 
# 
loop_
_struct_site.id 
_struct_site.pdbx_evidence_code 
_struct_site.pdbx_auth_asym_id 
_struct_site.pdbx_auth_comp_id 
_struct_site.pdbx_auth_seq_id 
_struct_site.pdbx_auth_ins_code 
_struct_site.pdbx_num_residues 
_struct_site.details 
AC1 Software A EOH 1101 ? 6  'binding site for residue EOH A 1101'                   
AC2 Software B EOH 2101 ? 5  'binding site for residue EOH B 2101'                   
AC3 Software D EOH 4101 ? 3  'binding site for residue EOH D 4101'                   
AC4 Software A ZAE 1002 ? 10 'binding site for residues ZAE A 1002 and BE2 A 1003'   
AC5 Software B DLE 2001 ? 8  'binding site for Di-peptide DLE B 2001 and DAL B 2004' 
AC6 Software B DLE 2001 ? 9  'binding site for Di-peptide DLE B 2001 and ZAE B 2002' 
AC7 Software B ZAE 2002 ? 11 'binding site for residues ZAE B 2002 and BE2 B 2003'   
AC8 Software B BE2 2003 ? 9  'binding site for Di-peptide BE2 B 2003 and DAL B 2004' 
AC9 Software C DLE 3001 ? 9  'binding site for Di-peptide DLE C 3001 and DAL C 3004' 
AD1 Software C DLE 3001 ? 9  'binding site for Di-peptide DLE C 3001 and ZAE C 3002' 
AD2 Software C ZAE 3002 ? 9  'binding site for residues ZAE C 3002 and BE2 C 3003'   
AD3 Software C BE2 3003 ? 10 'binding site for Di-peptide BE2 C 3003 and DAL C 3004' 
AD4 Software D DLE 4001 ? 12 'binding site for Di-peptide DLE D 4001 and ZAE D 4002' 
AD5 Software D DLE 4001 ? 9  'binding site for Di-peptide DLE D 4001 and DAL D 4004' 
AD6 Software D ZAE 4002 ? 13 'binding site for residues ZAE D 4002 and BE2 D 4003'   
AD7 Software D BE2 4003 ? 9  'binding site for Di-peptide BE2 D 4003 and DAL D 4004' 
AD8 Software E DLE 5001 ? 10 'binding site for Di-peptide DLE E 5001 and ZAE E 5002' 
AD9 Software E DLE 5001 ? 9  'binding site for Di-peptide DLE E 5001 and DAL E 5004' 
AE1 Software E ZAE 5002 ? 10 'binding site for residues ZAE E 5002 and BE2 E 5003'   
AE2 Software E BE2 5003 ? 9  'binding site for Di-peptide BE2 E 5003 and DAL E 5004' 
# 
loop_
_struct_site_gen.id 
_struct_site_gen.site_id 
_struct_site_gen.pdbx_num_res 
_struct_site_gen.label_comp_id 
_struct_site_gen.label_asym_id 
_struct_site_gen.label_seq_id 
_struct_site_gen.pdbx_auth_ins_code 
_struct_site_gen.auth_comp_id 
_struct_site_gen.auth_asym_id 
_struct_site_gen.auth_seq_id 
_struct_site_gen.label_atom_id 
_struct_site_gen.label_alt_id 
_struct_site_gen.symmetry 
_struct_site_gen.details 
1   AC1 6  DLE A 1 ? DLE A 1001 . ? 1_655 ? 
2   AC1 6  BE2 A 3 ? BE2 A 1003 . ? 1_555 ? 
3   AC1 6  BE2 C 3 ? BE2 C 3003 . ? 1_655 ? 
4   AC1 6  ZAE D 2 ? ZAE D 4002 . ? 3_745 ? 
5   AC1 6  HOH K . ? HOH D 4201 . ? 3_745 ? 
6   AC1 6  HOH L . ? HOH E 5101 . ? 3_645 ? 
7   AC2 5  BE2 A 3 ? BE2 A 1003 . ? 4_455 ? 
8   AC2 5  BE2 B 3 ? BE2 B 2003 . ? 1_555 ? 
9   AC2 5  HOH J . ? HOH B 2201 . ? 1_555 ? 
10  AC2 5  ZAE E 2 ? ZAE E 5002 . ? 2_564 ? 
11  AC2 5  HOH L . ? HOH E 5101 . ? 2_564 ? 
12  AC3 3  ZAE C 2 ? ZAE C 3002 . ? 3_655 ? 
13  AC3 3  DLE D 1 ? DLE D 4001 . ? 1_555 ? 
14  AC3 3  ZAE D 2 ? ZAE D 4002 . ? 1_555 ? 
15  AC4 10 DLE A 1 ? DLE A 1001 . ? 1_555 ? 
16  AC4 10 DLE A 1 ? DLE A 1001 . ? 4_555 ? 
17  AC4 10 DAL A 4 ? DAL A 1004 . ? 1_555 ? 
18  AC4 10 EOH F . ? EOH A 1101 . ? 1_555 ? 
19  AC4 10 ZAE B 2 ? ZAE B 2002 . ? 4_555 ? 
20  AC4 10 EOH G . ? EOH B 2101 . ? 4_555 ? 
21  AC4 10 HOH J . ? HOH B 2201 . ? 4_555 ? 
22  AC4 10 DLE C 1 ? DLE C 3001 . ? 1_555 ? 
23  AC4 10 DAL C 4 ? DAL C 3004 . ? 1_555 ? 
24  AC4 10 DAL D 4 ? DAL D 4004 . ? 3_645 ? 
25  AC5 8  ZAE B 2 ? ZAE B 2002 . ? 1_555 ? 
26  AC5 8  BE2 B 3 ? BE2 B 2003 . ? 1_555 ? 
27  AC5 8  BE2 C 3 ? BE2 C 3003 . ? 1_555 ? 
28  AC5 8  DAL C 4 ? DAL C 3004 . ? 1_555 ? 
29  AC5 8  DLE E 1 ? DLE E 5001 . ? 3_655 ? 
30  AC5 8  ZAE E 2 ? ZAE E 5002 . ? 3_555 ? 
31  AC5 8  BE2 E 3 ? BE2 E 5003 . ? 3_655 ? 
32  AC5 8  DAL E 4 ? DAL E 5004 . ? 3_655 ? 
33  AC6 9  ZAE A 2 ? ZAE A 1002 . ? 4_455 ? 
34  AC6 9  BE2 B 3 ? BE2 B 2003 . ? 1_555 ? 
35  AC6 9  BE2 B 3 ? BE2 B 2003 . ? 1_455 ? 
36  AC6 9  DAL B 4 ? DAL B 2004 . ? 1_555 ? 
37  AC6 9  BE2 C 3 ? BE2 C 3003 . ? 1_555 ? 
38  AC6 9  DAL C 4 ? DAL C 3004 . ? 1_555 ? 
39  AC6 9  BE2 D 3 ? BE2 D 4003 . ? 2_564 ? 
40  AC6 9  DLE E 1 ? DLE E 5001 . ? 2_564 ? 
41  AC6 9  ZAE E 2 ? ZAE E 5002 . ? 3_555 ? 
42  AC7 11 ZAE A 2 ? ZAE A 1002 . ? 4_455 ? 
43  AC7 11 DLE B 1 ? DLE B 2001 . ? 1_555 ? 
44  AC7 11 DAL B 4 ? DAL B 2004 . ? 1_555 ? 
45  AC7 11 EOH G . ? EOH B 2101 . ? 1_555 ? 
46  AC7 11 DAL C 4 ? DAL C 3004 . ? 1_555 ? 
47  AC7 11 BE2 D 3 ? BE2 D 4003 . ? 2_664 ? 
48  AC7 11 BE2 D 3 ? BE2 D 4003 . ? 2_564 ? 
49  AC7 11 DLE E 1 ? DLE E 5001 . ? 3_655 ? 
50  AC7 11 DLE E 1 ? DLE E 5001 . ? 2_564 ? 
51  AC7 11 ZAE E 2 ? ZAE E 5002 . ? 3_555 ? 
52  AC7 11 DAL E 4 ? DAL E 5004 . ? 3_655 ? 
53  AC8 9  DLE B 1 ? DLE B 2001 . ? 1_555 ? 
54  AC8 9  ZAE B 2 ? ZAE B 2002 . ? 1_555 ? 
55  AC8 9  ZAE B 2 ? ZAE B 2002 . ? 1_655 ? 
56  AC8 9  EOH G . ? EOH B 2101 . ? 1_555 ? 
57  AC8 9  DAL C 4 ? DAL C 3004 . ? 1_555 ? 
58  AC8 9  BE2 D 3 ? BE2 D 4003 . ? 2_664 ? 
59  AC8 9  DLE E 1 ? DLE E 5001 . ? 3_655 ? 
60  AC8 9  BE2 E 3 ? BE2 E 5003 . ? 3_655 ? 
61  AC8 9  DAL E 4 ? DAL E 5004 . ? 3_655 ? 
62  AC9 9  BE2 A 3 ? BE2 A 1003 . ? 1_555 ? 
63  AC9 9  DAL A 4 ? DAL A 1004 . ? 1_555 ? 
64  AC9 9  DLE B 1 ? DLE B 2001 . ? 1_555 ? 
65  AC9 9  ZAE B 2 ? ZAE B 2002 . ? 1_555 ? 
66  AC9 9  BE2 B 3 ? BE2 B 2003 . ? 1_555 ? 
67  AC9 9  DAL B 4 ? DAL B 2004 . ? 1_555 ? 
68  AC9 9  ZAE C 2 ? ZAE C 3002 . ? 1_555 ? 
69  AC9 9  BE2 C 3 ? BE2 C 3003 . ? 1_555 ? 
70  AC9 9  DLE D 1 ? DLE D 4001 . ? 1_655 ? 
71  AD1 9  BE2 A 3 ? BE2 A 1003 . ? 1_555 ? 
72  AD1 9  DAL A 4 ? DAL A 1004 . ? 1_555 ? 
73  AD1 9  BE2 C 3 ? BE2 C 3003 . ? 1_555 ? 
74  AD1 9  DAL C 4 ? DAL C 3004 . ? 1_555 ? 
75  AD1 9  DLE D 1 ? DLE D 4001 . ? 1_655 ? 
76  AD1 9  ZAE D 2 ? ZAE D 4002 . ? 1_555 ? 
77  AD1 9  EOH H . ? EOH D 4101 . ? 3_645 ? 
78  AD1 9  ZAE E 2 ? ZAE E 5002 . ? 1_655 ? 
79  AD1 9  BE2 E 3 ? BE2 E 5003 . ? 1_655 ? 
80  AD2 9  DAL A 4 ? DAL A 1004 . ? 1_555 ? 
81  AD2 9  EOH F . ? EOH A 1101 . ? 1_455 ? 
82  AD2 9  DLE B 1 ? DLE B 2001 . ? 1_555 ? 
83  AD2 9  DLE C 1 ? DLE C 3001 . ? 1_555 ? 
84  AD2 9  DAL C 4 ? DAL C 3004 . ? 1_555 ? 
85  AD2 9  ZAE D 2 ? ZAE D 4002 . ? 1_555 ? 
86  AD2 9  EOH H . ? EOH D 4101 . ? 3_645 ? 
87  AD2 9  ZAE E 2 ? ZAE E 5002 . ? 1_655 ? 
88  AD2 9  BE2 E 3 ? BE2 E 5003 . ? 1_655 ? 
89  AD3 10 BE2 A 3 ? BE2 A 1003 . ? 1_555 ? 
90  AD3 10 DAL A 4 ? DAL A 1004 . ? 1_555 ? 
91  AD3 10 EOH F . ? EOH A 1101 . ? 1_455 ? 
92  AD3 10 DLE B 1 ? DLE B 2001 . ? 1_555 ? 
93  AD3 10 ZAE B 2 ? ZAE B 2002 . ? 1_555 ? 
94  AD3 10 BE2 B 3 ? BE2 B 2003 . ? 1_555 ? 
95  AD3 10 DAL B 4 ? DAL B 2004 . ? 1_555 ? 
96  AD3 10 DLE C 1 ? DLE C 3001 . ? 1_555 ? 
97  AD3 10 ZAE C 2 ? ZAE C 3002 . ? 1_555 ? 
98  AD3 10 ZAE D 2 ? ZAE D 4002 . ? 1_555 ? 
99  AD4 12 DAL A 4 ? DAL A 1004 . ? 3_655 ? 
100 AD4 12 EOH F . ? EOH A 1101 . ? 3_755 ? 
101 AD4 12 DLE C 1 ? DLE C 3001 . ? 1_455 ? 
102 AD4 12 ZAE C 2 ? ZAE C 3002 . ? 1_555 ? 
103 AD4 12 BE2 C 3 ? BE2 C 3003 . ? 1_555 ? 
104 AD4 12 BE2 D 3 ? BE2 D 4003 . ? 1_555 ? 
105 AD4 12 DAL D 4 ? DAL D 4004 . ? 1_555 ? 
106 AD4 12 EOH H . ? EOH D 4101 . ? 1_555 ? 
107 AD4 12 ZAE E 2 ? ZAE E 5002 . ? 1_655 ? 
108 AD4 12 BE2 E 3 ? BE2 E 5003 . ? 1_555 ? 
109 AD4 12 DAL E 4 ? DAL E 5004 . ? 1_555 ? 
110 AD4 12 HOH L . ? HOH E 5101 . ? 1_655 ? 
111 AD5 9  DLE A 1 ? DLE A 1001 . ? 3_655 ? 
112 AD5 9  BE2 A 3 ? BE2 A 1003 . ? 3_655 ? 
113 AD5 9  DAL A 4 ? DAL A 1004 . ? 3_655 ? 
114 AD5 9  DLE C 1 ? DLE C 3001 . ? 1_455 ? 
115 AD5 9  ZAE D 2 ? ZAE D 4002 . ? 1_555 ? 
116 AD5 9  BE2 D 3 ? BE2 D 4003 . ? 1_555 ? 
117 AD5 9  EOH H . ? EOH D 4101 . ? 1_555 ? 
118 AD5 9  BE2 E 3 ? BE2 E 5003 . ? 1_555 ? 
119 AD5 9  DAL E 4 ? DAL E 5004 . ? 1_555 ? 
120 AD6 13 DLE A 1 ? DLE A 1001 . ? 3_655 ? 
121 AD6 13 DAL A 4 ? DAL A 1004 . ? 3_655 ? 
122 AD6 13 EOH F . ? EOH A 1101 . ? 3_755 ? 
123 AD6 13 ZAE B 2 ? ZAE B 2002 . ? 2_565 ? 
124 AD6 13 BE2 B 3 ? BE2 B 2003 . ? 2_665 ? 
125 AD6 13 ZAE C 2 ? ZAE C 3002 . ? 1_555 ? 
126 AD6 13 BE2 C 3 ? BE2 C 3003 . ? 1_555 ? 
127 AD6 13 DLE D 1 ? DLE D 4001 . ? 1_555 ? 
128 AD6 13 DAL D 4 ? DAL D 4004 . ? 1_555 ? 
129 AD6 13 EOH H . ? EOH D 4101 . ? 1_555 ? 
130 AD6 13 ZAE E 2 ? ZAE E 5002 . ? 1_655 ? 
131 AD6 13 DAL E 4 ? DAL E 5004 . ? 1_555 ? 
132 AD6 13 HOH L . ? HOH E 5101 . ? 1_655 ? 
133 AD7 9  DLE A 1 ? DLE A 1001 . ? 3_655 ? 
134 AD7 9  BE2 A 3 ? BE2 A 1003 . ? 3_655 ? 
135 AD7 9  DAL A 4 ? DAL A 1004 . ? 3_655 ? 
136 AD7 9  ZAE B 2 ? ZAE B 2002 . ? 2_565 ? 
137 AD7 9  BE2 B 3 ? BE2 B 2003 . ? 2_665 ? 
138 AD7 9  DLE D 1 ? DLE D 4001 . ? 1_555 ? 
139 AD7 9  ZAE D 2 ? ZAE D 4002 . ? 1_555 ? 
140 AD7 9  BE2 E 3 ? BE2 E 5003 . ? 1_555 ? 
141 AD7 9  DAL E 4 ? DAL E 5004 . ? 1_555 ? 
142 AD8 10 DLE B 1 ? DLE B 2001 . ? 3_545 ? 
143 AD8 10 ZAE B 2 ? ZAE B 2002 . ? 2_565 ? 
144 AD8 10 ZAE B 2 ? ZAE B 2002 . ? 3_545 ? 
145 AD8 10 BE2 B 3 ? BE2 B 2003 . ? 3_645 ? 
146 AD8 10 DAL B 4 ? DAL B 2004 . ? 3_645 ? 
147 AD8 10 EOH G . ? EOH B 2101 . ? 2_565 ? 
148 AD8 10 ZAE C 2 ? ZAE C 3002 . ? 1_455 ? 
149 AD8 10 ZAE D 2 ? ZAE D 4002 . ? 1_455 ? 
150 AD8 10 BE2 E 3 ? BE2 E 5003 . ? 1_555 ? 
151 AD8 10 DAL E 4 ? DAL E 5004 . ? 1_555 ? 
152 AD9 9  ZAE B 2 ? ZAE B 2002 . ? 2_565 ? 
153 AD9 9  BE2 B 3 ? BE2 B 2003 . ? 3_645 ? 
154 AD9 9  DAL B 4 ? DAL B 2004 . ? 3_645 ? 
155 AD9 9  HOH J . ? HOH B 2201 . ? 2_565 ? 
156 AD9 9  DLE D 1 ? DLE D 4001 . ? 1_555 ? 
157 AD9 9  BE2 D 3 ? BE2 D 4003 . ? 1_555 ? 
158 AD9 9  DAL D 4 ? DAL D 4004 . ? 1_555 ? 
159 AD9 9  ZAE E 2 ? ZAE E 5002 . ? 1_555 ? 
160 AD9 9  BE2 E 3 ? BE2 E 5003 . ? 1_555 ? 
161 AE1 10 DLE B 1 ? DLE B 2001 . ? 3_545 ? 
162 AE1 10 ZAE B 2 ? ZAE B 2002 . ? 3_545 ? 
163 AE1 10 DAL B 4 ? DAL B 2004 . ? 3_645 ? 
164 AE1 10 EOH G . ? EOH B 2101 . ? 2_565 ? 
165 AE1 10 ZAE C 2 ? ZAE C 3002 . ? 1_455 ? 
166 AE1 10 DLE D 1 ? DLE D 4001 . ? 1_555 ? 
167 AE1 10 ZAE D 2 ? ZAE D 4002 . ? 1_455 ? 
168 AE1 10 DAL D 4 ? DAL D 4004 . ? 1_555 ? 
169 AE1 10 DLE E 1 ? DLE E 5001 . ? 1_555 ? 
170 AE1 10 DAL E 4 ? DAL E 5004 . ? 1_555 ? 
171 AE2 9  BE2 B 3 ? BE2 B 2003 . ? 3_645 ? 
172 AE2 9  DAL B 4 ? DAL B 2004 . ? 3_645 ? 
173 AE2 9  HOH J . ? HOH B 2201 . ? 2_565 ? 
174 AE2 9  ZAE C 2 ? ZAE C 3002 . ? 1_455 ? 
175 AE2 9  DLE D 1 ? DLE D 4001 . ? 1_555 ? 
176 AE2 9  BE2 D 3 ? BE2 D 4003 . ? 1_555 ? 
177 AE2 9  DAL D 4 ? DAL D 4004 . ? 1_555 ? 
178 AE2 9  DLE E 1 ? DLE E 5001 . ? 1_555 ? 
179 AE2 9  ZAE E 2 ? ZAE E 5002 . ? 1_555 ? 
# 
_atom_sites.entry_id                    6ANN 
_atom_sites.fract_transf_matrix[1][1]   -0.02731713 
_atom_sites.fract_transf_matrix[1][2]   0.06313892 
_atom_sites.fract_transf_matrix[1][3]   0.00472430 
_atom_sites.fract_transf_matrix[2][1]   -0.04104758 
_atom_sites.fract_transf_matrix[2][2]   -0.01830536 
_atom_sites.fract_transf_matrix[2][3]   0.00729821 
_atom_sites.fract_transf_matrix[3][1]   0.00385890 
_atom_sites.fract_transf_matrix[3][2]   0.00003839 
_atom_sites.fract_transf_matrix[3][3]   0.02180006 
_atom_sites.fract_transf_vector[1]      0.541747 
_atom_sites.fract_transf_vector[2]      0.375546 
_atom_sites.fract_transf_vector[3]      0.205123 
# 
loop_
_atom_type.symbol 
C 
H 
N 
O 
# 
loop_
_atom_site.group_PDB 
_atom_site.id 
_atom_site.type_symbol 
_atom_site.label_atom_id 
_atom_site.label_alt_id 
_atom_site.label_comp_id 
_atom_site.label_asym_id 
_atom_site.label_entity_id 
_atom_site.label_seq_id 
_atom_site.pdbx_PDB_ins_code 
_atom_site.Cartn_x 
_atom_site.Cartn_y 
_atom_site.Cartn_z 
_atom_site.occupancy 
_atom_site.B_iso_or_equiv 
_atom_site.pdbx_formal_charge 
_atom_site.auth_seq_id 
_atom_site.auth_comp_id 
_atom_site.auth_asym_id 
_atom_site.auth_atom_id 
_atom_site.pdbx_PDB_model_num 
HETATM 1   N N    A DLE A 1 1 ? 2.320  2.794   -6.001  0.50 2.68  ? 1001 DLE A N    1 
HETATM 2   N N    B DLE A 1 1 ? 2.317  2.799   -6.007  0.50 2.69  ? 1001 DLE A N    1 
HETATM 3   C CA   A DLE A 1 1 ? 2.307  2.478   -7.434  0.50 2.54  ? 1001 DLE A CA   1 
HETATM 4   C CA   B DLE A 1 1 ? 2.302  2.479   -7.435  0.50 2.56  ? 1001 DLE A CA   1 
HETATM 5   C CB   A DLE A 1 1 ? 3.576  1.745   -7.858  0.50 3.78  ? 1001 DLE A CB   1 
HETATM 6   C CB   B DLE A 1 1 ? 3.581  1.791   -7.917  0.50 3.21  ? 1001 DLE A CB   1 
HETATM 7   C CG   A DLE A 1 1 ? 3.620  0.246   -7.532  0.50 4.74  ? 1001 DLE A CG   1 
HETATM 8   C CG   B DLE A 1 1 ? 4.075  0.637   -7.134  0.50 3.66  ? 1001 DLE A CG   1 
HETATM 9   C CD1  A DLE A 1 1 ? 4.814  -0.389  -8.309  0.50 5.39  ? 1001 DLE A CD1  1 
HETATM 10  C CD1  B DLE A 1 1 ? 2.963  -0.454  -6.982  0.50 4.51  ? 1001 DLE A CD1  1 
HETATM 11  C CD2  A DLE A 1 1 ? 3.775  -0.023  -6.072  0.50 6.28  ? 1001 DLE A CD2  1 
HETATM 12  C CD2  B DLE A 1 1 ? 5.327  -0.010  -7.823  0.50 5.02  ? 1001 DLE A CD2  1 
HETATM 13  C C    A DLE A 1 1 ? 2.198  3.826   -8.112  0.50 2.54  ? 1001 DLE A C    1 
HETATM 14  C C    B DLE A 1 1 ? 2.200  3.844   -8.106  0.50 2.48  ? 1001 DLE A C    1 
HETATM 15  O O    A DLE A 1 1 ? 3.132  4.626   -8.004  0.50 3.41  ? 1001 DLE A O    1 
HETATM 16  O O    B DLE A 1 1 ? 3.140  4.640   -7.999  0.50 3.26  ? 1001 DLE A O    1 
HETATM 17  H HA   A DLE A 1 1 ? 1.483  1.805   -7.705  0.50 2.69  ? 1001 DLE A HA   1 
HETATM 18  H HA   B DLE A 1 1 ? 1.481  1.804   -7.709  0.50 2.68  ? 1001 DLE A HA   1 
HETATM 19  H HB2  A DLE A 1 1 ? 4.430  2.226   -7.379  0.50 3.58  ? 1001 DLE A HB2  1 
HETATM 20  H HB2  B DLE A 1 1 ? 4.374  2.538   -7.960  0.50 3.13  ? 1001 DLE A HB2  1 
HETATM 21  H HB3  A DLE A 1 1 ? 3.702  1.866   -8.935  0.50 3.58  ? 1001 DLE A HB3  1 
HETATM 22  H HB3  B DLE A 1 1 ? 3.415  1.454   -8.943  0.50 3.11  ? 1001 DLE A HB3  1 
HETATM 23  H HG   A DLE A 1 1 ? 2.687  -0.220  -7.880  0.50 4.54  ? 1001 DLE A HG   1 
HETATM 24  H HG   B DLE A 1 1 ? 4.365  0.987   -6.134  0.50 3.60  ? 1001 DLE A HG   1 
HETATM 25  H HD11 A DLE A 1 1 ? 4.699  -1.441  -8.333  0.50 5.09  ? 1001 DLE A HD11 1 
HETATM 26  H HD11 B DLE A 1 1 ? 3.040  -0.903  -6.027  0.50 4.27  ? 1001 DLE A HD11 1 
HETATM 27  H HD12 A DLE A 1 1 ? 4.831  -0.012  -9.299  0.50 5.15  ? 1001 DLE A HD12 1 
HETATM 28  H HD12 B DLE A 1 1 ? 2.009  -0.003  -7.085  0.50 4.27  ? 1001 DLE A HD12 1 
HETATM 29  H HD13 A DLE A 1 1 ? 5.722  -0.144  -7.822  0.50 5.01  ? 1001 DLE A HD13 1 
HETATM 30  H HD13 B DLE A 1 1 ? 3.092  -1.187  -7.733  0.50 4.23  ? 1001 DLE A HD13 1 
HETATM 31  H HD21 A DLE A 1 1 ? 4.306  0.779   -5.628  0.50 5.86  ? 1001 DLE A HD21 1 
HETATM 32  H HD21 B DLE A 1 1 ? 5.009  -0.763  -8.496  0.50 4.72  ? 1001 DLE A HD21 1 
HETATM 33  H HD22 A DLE A 1 1 ? 2.819  -0.107  -5.624  0.50 5.91  ? 1001 DLE A HD22 1 
HETATM 34  H HD22 B DLE A 1 1 ? 5.862  0.734   -8.354  0.50 4.59  ? 1001 DLE A HD22 1 
HETATM 35  H HD23 A DLE A 1 1 ? 4.310  -0.926  -5.938  0.50 5.65  ? 1001 DLE A HD23 1 
HETATM 36  H HD23 B DLE A 1 1 ? 5.955  -0.438  -7.086  0.50 4.62  ? 1001 DLE A HD23 1 
HETATM 37  N N    . ZAE A 1 2 ? 1.071  4.186   -8.786  1.00 2.92  ? 1002 ZAE A N    1 
HETATM 38  C CA   . ZAE A 1 2 ? 1.088  5.501   -9.450  1.00 3.65  ? 1002 ZAE A CA   1 
HETATM 39  C C    . ZAE A 1 2 ? 1.408  6.620   -8.440  1.00 4.05  ? 1002 ZAE A C    1 
HETATM 40  O O    . ZAE A 1 2 ? 2.163  7.573   -8.720  1.00 4.57  ? 1002 ZAE A O    1 
HETATM 41  C CB   . ZAE A 1 2 ? 2.021  5.557   -10.651 1.00 3.86  ? 1002 ZAE A CB   1 
HETATM 42  C CG   . ZAE A 1 2 ? 1.901  4.337   -11.516 1.00 4.28  ? 1002 ZAE A CG   1 
HETATM 43  C CD1  . ZAE A 1 2 ? 0.809  4.118   -12.354 1.00 6.71  ? 1002 ZAE A CD1  1 
HETATM 44  C CD2  . ZAE A 1 2 ? 2.850  3.271   -11.401 1.00 4.92  ? 1002 ZAE A CD2  1 
HETATM 45  C CE1  . ZAE A 1 2 ? 0.684  2.843   -13.038 1.00 7.22  ? 1002 ZAE A CE1  1 
HETATM 46  C CE2  . ZAE A 1 2 ? 2.717  2.060   -12.057 1.00 5.78  ? 1002 ZAE A CE2  1 
HETATM 47  C CZ   . ZAE A 1 2 ? 1.635  1.890   -12.894 1.00 6.99  ? 1002 ZAE A CZ   1 
HETATM 48  C C10  . ZAE A 1 2 ? -0.077 3.288   -8.963  1.00 4.37  ? 1002 ZAE A C10  1 
HETATM 49  H HA   . ZAE A 1 2 ? 0.080  5.710   -9.834  1.00 3.53  ? 1002 ZAE A HA   1 
HETATM 50  H HB2  . ZAE A 1 2 ? 3.060  5.683   -10.347 1.00 3.85  ? 1002 ZAE A HB2  1 
HETATM 51  H HB3  . ZAE A 1 2 ? 1.756  6.427   -11.253 1.00 3.69  ? 1002 ZAE A HB3  1 
HETATM 52  H HD1  . ZAE A 1 2 ? 0.046  4.872   -12.453 1.00 5.95  ? 1002 ZAE A HD1  1 
HETATM 53  H HD2  . ZAE A 1 2 ? 3.681  3.397   -10.718 1.00 4.89  ? 1002 ZAE A HD2  1 
HETATM 54  H HE1  . ZAE A 1 2 ? -0.139 2.679   -13.722 1.00 6.23  ? 1002 ZAE A HE1  1 
HETATM 55  H HE2  . ZAE A 1 2 ? 3.472  1.295   -11.955 1.00 5.66  ? 1002 ZAE A HE2  1 
HETATM 56  H HZ   . ZAE A 1 2 ? 1.549  0.966   -13.451 1.00 6.28  ? 1002 ZAE A HZ   1 
HETATM 57  H H11  . ZAE A 1 2 ? -0.843 3.791   -9.491  1.00 3.71  ? 1002 ZAE A H11  1 
HETATM 58  H H12  . ZAE A 1 2 ? 0.194  2.432   -9.527  1.00 3.85  ? 1002 ZAE A H12  1 
HETATM 59  H H13  . ZAE A 1 2 ? -0.480 2.993   -8.027  1.00 3.65  ? 1002 ZAE A H13  1 
HETATM 60  C C    . BE2 A 1 3 ? 0.650  5.280   -4.732  1.00 2.94  ? 1003 BE2 A C    1 
HETATM 61  O O    . BE2 A 1 3 ? -0.233 4.703   -5.374  1.00 3.55  ? 1003 BE2 A O    1 
HETATM 62  C C1   . BE2 A 1 3 ? 0.846  6.745   -4.861  1.00 3.43  ? 1003 BE2 A C1   1 
HETATM 63  C CA   . BE2 A 1 3 ? 0.889  7.355   -6.162  1.00 4.29  ? 1003 BE2 A CA   1 
HETATM 64  C C3   . BE2 A 1 3 ? 1.135  8.743   -6.235  1.00 4.98  ? 1003 BE2 A C3   1 
HETATM 65  N N    . BE2 A 1 3 ? 0.723  6.523   -7.273  1.00 4.06  ? 1003 BE2 A N    1 
HETATM 66  C C4   . BE2 A 1 3 ? 1.177  9.506   -5.118  1.00 5.71  ? 1003 BE2 A C4   1 
HETATM 67  C C5   . BE2 A 1 3 ? 1.157  8.924   -3.857  1.00 5.08  ? 1003 BE2 A C5   1 
HETATM 68  C C6   . BE2 A 1 3 ? 0.975  7.564   -3.732  1.00 3.91  ? 1003 BE2 A C6   1 
HETATM 69  H H3   . BE2 A 1 3 ? 1.117  9.245   -7.193  1.00 4.76  ? 1003 BE2 A H3   1 
HETATM 70  H H    . BE2 A 1 3 ? 0.146  5.824   -7.247  1.00 3.68  ? 1003 BE2 A H    1 
HETATM 71  H H4   . BE2 A 1 3 ? 1.361  10.566  -5.224  1.00 5.01  ? 1003 BE2 A H4   1 
HETATM 72  H H5   . BE2 A 1 3 ? 1.268  9.496   -2.959  1.00 4.83  ? 1003 BE2 A H5   1 
HETATM 73  H H6   . BE2 A 1 3 ? 0.951  7.126   -2.744  1.00 3.92  ? 1003 BE2 A H6   1 
HETATM 74  N N    . DAL A 1 4 ? 1.480  4.600   -3.932  1.00 2.76  ? 1004 DAL A N    1 
HETATM 75  C CA   . DAL A 1 4 ? 1.327  3.156   -3.801  1.00 2.68  ? 1004 DAL A CA   1 
HETATM 76  C CB   . DAL A 1 4 ? 2.448  2.589   -2.915  1.00 3.17  ? 1004 DAL A CB   1 
HETATM 77  C C    . DAL A 1 4 ? 1.301  2.480   -5.189  1.00 2.52  ? 1004 DAL A C    1 
HETATM 78  O O    . DAL A 1 4 ? 0.402  1.674   -5.475  1.00 2.70  ? 1004 DAL A O    1 
HETATM 79  H H    . DAL A 1 4 ? 2.152  5.052   -3.428  1.00 2.66  ? 1004 DAL A H    1 
HETATM 80  H HA   . DAL A 1 4 ? 0.375  2.930   -3.298  1.00 2.74  ? 1004 DAL A HA   1 
HETATM 81  H HB1  . DAL A 1 4 ? 3.385  2.807   -3.354  1.00 2.94  ? 1004 DAL A HB1  1 
HETATM 82  H HB2  . DAL A 1 4 ? 2.396  3.018   -1.947  1.00 3.00  ? 1004 DAL A HB2  1 
HETATM 83  H HB3  . DAL A 1 4 ? 2.337  1.540   -2.840  1.00 2.99  ? 1004 DAL A HB3  1 
HETATM 84  N N    . DLE B 1 1 ? -5.154 -0.993  -2.254  1.00 2.69  ? 2001 DLE B N    1 
HETATM 85  C CA   . DLE B 1 1 ? -4.585 -2.221  -2.809  1.00 2.74  ? 2001 DLE B CA   1 
HETATM 86  C CB   . DLE B 1 1 ? -3.319 -2.632  -2.039  1.00 2.87  ? 2001 DLE B CB   1 
HETATM 87  C CG   . DLE B 1 1 ? -2.628 -3.860  -2.597  1.00 3.84  ? 2001 DLE B CG   1 
HETATM 88  C CD1  . DLE B 1 1 ? -1.339 -4.107  -1.866  1.00 6.70  ? 2001 DLE B CD1  1 
HETATM 89  C CD2  . DLE B 1 1 ? -3.498 -5.092  -2.597  1.00 5.75  ? 2001 DLE B CD2  1 
HETATM 90  C C    . DLE B 1 1 ? -4.283 -1.906  -4.268  1.00 2.63  ? 2001 DLE B C    1 
HETATM 91  O O    . DLE B 1 1 ? -3.391 -1.111  -4.540  1.00 3.12  ? 2001 DLE B O    1 
HETATM 92  H H    . DLE B 1 1 ? -4.421 -0.355  -2.182  1.00 2.66  ? 2001 DLE B H    1 
HETATM 93  H HA   . DLE B 1 1 ? -5.280 -3.066  -2.714  1.00 2.75  ? 2001 DLE B HA   1 
HETATM 94  H HB2  . DLE B 1 1 ? -3.597 -2.836  -1.003  1.00 2.86  ? 2001 DLE B HB2  1 
HETATM 95  H HB3  . DLE B 1 1 ? -2.610 -1.818  -2.018  1.00 2.81  ? 2001 DLE B HB3  1 
HETATM 96  H HG   . DLE B 1 1 ? -2.346 -3.639  -3.630  1.00 3.88  ? 2001 DLE B HG   1 
HETATM 97  H HD11 . DLE B 1 1 ? -0.814 -4.904  -2.324  1.00 5.61  ? 2001 DLE B HD11 1 
HETATM 98  H HD12 . DLE B 1 1 ? -0.741 -3.233  -1.888  1.00 5.07  ? 2001 DLE B HD12 1 
HETATM 99  H HD13 . DLE B 1 1 ? -1.559 -4.355  -0.863  1.00 6.03  ? 2001 DLE B HD13 1 
HETATM 100 H HD21 . DLE B 1 1 ? -4.238 -5.007  -1.845  1.00 5.11  ? 2001 DLE B HD21 1 
HETATM 101 H HD22 . DLE B 1 1 ? -3.964 -5.189  -3.542  1.00 5.19  ? 2001 DLE B HD22 1 
HETATM 102 H HD23 . DLE B 1 1 ? -2.913 -5.955  -2.413  1.00 5.06  ? 2001 DLE B HD23 1 
HETATM 103 N N    . ZAE B 1 2 ? -5.071 -2.439  -5.254  1.00 2.72  ? 2002 ZAE B N    1 
HETATM 104 C CA   . ZAE B 1 2 ? -4.721 -2.072  -6.637  1.00 3.02  ? 2002 ZAE B CA   1 
HETATM 105 C C    . ZAE B 1 2 ? -4.726 -0.553  -6.849  1.00 3.23  ? 2002 ZAE B C    1 
HETATM 106 O O    . ZAE B 1 2 ? -3.888 0.012   -7.536  1.00 3.81  ? 2002 ZAE B O    1 
HETATM 107 C CB   . ZAE B 1 2 ? -3.414 -2.721  -7.133  1.00 3.49  ? 2002 ZAE B CB   1 
HETATM 108 C CG   . ZAE B 1 2 ? -3.468 -4.218  -7.043  1.00 4.13  ? 2002 ZAE B CG   1 
HETATM 109 C CD1  . ZAE B 1 2 ? -4.351 -4.873  -7.919  1.00 6.03  ? 2002 ZAE B CD1  1 
HETATM 110 C CD2  . ZAE B 1 2 ? -2.739 -4.942  -6.166  1.00 5.63  ? 2002 ZAE B CD2  1 
HETATM 111 C CE1  . ZAE B 1 2 ? -4.490 -6.261  -7.861  1.00 7.40  ? 2002 ZAE B CE1  1 
HETATM 112 C CE2  . ZAE B 1 2 ? -2.858 -6.304  -6.063  1.00 7.84  ? 2002 ZAE B CE2  1 
HETATM 113 C CZ   . ZAE B 1 2 ? -3.752 -6.981  -6.903  1.00 7.82  ? 2002 ZAE B CZ   1 
HETATM 114 C C10  . ZAE B 1 2 ? -6.152 -3.386  -5.065  1.00 3.56  ? 2002 ZAE B C10  1 
HETATM 115 H HA   . ZAE B 1 2 ? -5.510 -2.446  -7.303  1.00 3.05  ? 2002 ZAE B HA   1 
HETATM 116 H HB2  . ZAE B 1 2 ? -2.557 -2.350  -6.568  1.00 3.47  ? 2002 ZAE B HB2  1 
HETATM 117 H HB3  . ZAE B 1 2 ? -3.262 -2.449  -8.177  1.00 3.36  ? 2002 ZAE B HB3  1 
HETATM 118 H HD1  . ZAE B 1 2 ? -4.944 -4.301  -8.619  1.00 5.64  ? 2002 ZAE B HD1  1 
HETATM 119 H HD2  . ZAE B 1 2 ? -2.073 -4.426  -5.491  1.00 5.67  ? 2002 ZAE B HD2  1 
HETATM 120 H HE1  . ZAE B 1 2 ? -5.177 -6.772  -8.524  1.00 6.51  ? 2002 ZAE B HE1  1 
HETATM 121 H HE2  . ZAE B 1 2 ? -2.261 -6.853  -5.345  1.00 6.74  ? 2002 ZAE B HE2  1 
HETATM 122 H HZ   . ZAE B 1 2 ? -3.818 -8.061  -6.866  1.00 7.15  ? 2002 ZAE B HZ   1 
HETATM 123 H H11  . ZAE B 1 2 ? -6.634 -3.604  -5.976  1.00 3.30  ? 2002 ZAE B H11  1 
HETATM 124 H H12  . ZAE B 1 2 ? -5.772 -4.287  -4.662  1.00 3.34  ? 2002 ZAE B H12  1 
HETATM 125 H H13  . ZAE B 1 2 ? -6.873 -2.982  -4.400  1.00 3.27  ? 2002 ZAE B H13  1 
HETATM 126 C C    . BE2 B 1 3 ? -7.023 1.094   -3.993  1.00 2.78  ? 2003 BE2 B C    1 
HETATM 127 O O    . BE2 B 1 3 ? -7.718 0.102   -4.201  1.00 3.05  ? 2003 BE2 B O    1 
HETATM 128 C C1   . BE2 B 1 3 ? -6.653 2.016   -5.115  1.00 3.23  ? 2003 BE2 B C1   1 
HETATM 129 C CA   . BE2 B 1 3 ? -6.066 1.449   -6.289  1.00 3.14  ? 2003 BE2 B CA   1 
HETATM 130 C C3   . BE2 B 1 3 ? -5.773 2.248   -7.400  1.00 3.81  ? 2003 BE2 B C3   1 
HETATM 131 N N    . BE2 B 1 3 ? -5.819 0.059   -6.293  1.00 3.25  ? 2003 BE2 B N    1 
HETATM 132 C C4   . BE2 B 1 3 ? -6.045 3.620   -7.321  1.00 3.97  ? 2003 BE2 B C4   1 
HETATM 133 C C5   . BE2 B 1 3 ? -6.599 4.210   -6.161  1.00 4.31  ? 2003 BE2 B C5   1 
HETATM 134 C C6   . BE2 B 1 3 ? -6.883 3.387   -5.080  1.00 3.61  ? 2003 BE2 B C6   1 
HETATM 135 H H3   . BE2 B 1 3 ? -5.314 1.855   -8.289  1.00 3.70  ? 2003 BE2 B H3   1 
HETATM 136 H H4   . BE2 B 1 3 ? -5.779 4.256   -8.156  1.00 3.63  ? 2003 BE2 B H4   1 
HETATM 137 H H5   . BE2 B 1 3 ? -6.799 5.272   -6.124  1.00 3.83  ? 2003 BE2 B H5   1 
HETATM 138 H H6   . BE2 B 1 3 ? -7.353 3.816   -4.204  1.00 3.54  ? 2003 BE2 B H6   1 
HETATM 139 N N    . DAL B 1 4 ? -6.569 1.404   -2.776  1.00 2.86  ? 2004 DAL B N    1 
HETATM 140 C CA   . DAL B 1 4 ? -6.925 0.539   -1.639  1.00 2.71  ? 2004 DAL B CA   1 
HETATM 141 C CB   . DAL B 1 4 ? -6.372 1.130   -0.359  1.00 3.21  ? 2004 DAL B CB   1 
HETATM 142 C C    . DAL B 1 4 ? -6.436 -0.876  -1.909  1.00 2.63  ? 2004 DAL B C    1 
HETATM 143 O O    . DAL B 1 4 ? -7.174 -1.860  -1.766  1.00 3.31  ? 2004 DAL B O    1 
HETATM 144 H H    . DAL B 1 4 ? -6.092 2.209   -2.577  1.00 2.79  ? 2004 DAL B H    1 
HETATM 145 H HA   . DAL B 1 4 ? -8.019 0.501   -1.524  1.00 2.74  ? 2004 DAL B HA   1 
HETATM 146 H HB1  . DAL B 1 4 ? -5.317 1.208   -0.427  1.00 3.03  ? 2004 DAL B HB1  1 
HETATM 147 H HB2  . DAL B 1 4 ? -6.790 2.091   -0.198  1.00 3.02  ? 2004 DAL B HB2  1 
HETATM 148 H HB3  . DAL B 1 4 ? -6.623 0.501   0.454   1.00 2.98  ? 2004 DAL B HB3  1 
HETATM 149 N N    A DLE C 1 1 ? -2.374 3.992   -2.674  0.50 4.59  ? 3001 DLE C N    1 
HETATM 150 N N    B DLE C 1 1 ? -2.389 3.984   -2.689  0.50 3.31  ? 3001 DLE C N    1 
HETATM 151 C CA   A DLE C 1 1 ? -2.375 4.631   -1.277  0.50 5.94  ? 3001 DLE C CA   1 
HETATM 152 C CA   B DLE C 1 1 ? -2.375 4.807   -1.531  0.50 4.34  ? 3001 DLE C CA   1 
HETATM 153 C CB   A DLE C 1 1 ? -1.897 6.069   -1.137  0.50 4.30  ? 3001 DLE C CB   1 
HETATM 154 C CB   B DLE C 1 1 ? -2.015 6.254   -1.983  0.50 2.92  ? 3001 DLE C CB   1 
HETATM 155 C CG   A DLE C 1 1 ? -2.652 7.087   -2.006  0.50 5.60  ? 3001 DLE C CG   1 
HETATM 156 C CG   B DLE C 1 1 ? -2.120 7.221   -0.823  0.50 3.84  ? 3001 DLE C CG   1 
HETATM 157 C CD1  A DLE C 1 1 ? -4.180 6.887   -1.839  0.50 7.86  ? 3001 DLE C CD1  1 
HETATM 158 C CD1  B DLE C 1 1 ? -1.560 8.582   -1.142  0.50 4.49  ? 3001 DLE C CD1  1 
HETATM 159 C CD2  A DLE C 1 1 ? -2.204 8.483   -1.748  0.50 7.43  ? 3001 DLE C CD2  1 
HETATM 160 C CD2  B DLE C 1 1 ? -3.279 7.244   0.069   0.50 6.78  ? 3001 DLE C CD2  1 
HETATM 161 C C    A DLE C 1 1 ? -1.300 4.001   -0.536  0.50 5.14  ? 3001 DLE C C    1 
HETATM 162 C C    B DLE C 1 1 ? -1.358 4.159   -0.612  0.50 4.80  ? 3001 DLE C C    1 
HETATM 163 O O    A DLE C 1 1 ? -0.127 4.063   -0.909  0.50 5.62  ? 3001 DLE C O    1 
HETATM 164 O O    B DLE C 1 1 ? -0.165 4.121   -0.879  0.50 4.88  ? 3001 DLE C O    1 
HETATM 165 H HA   A DLE C 1 1 ? -3.349 4.509   -0.776  0.50 5.15  ? 3001 DLE C HA   1 
HETATM 166 H HA   B DLE C 1 1 ? -3.366 4.812   -1.053  0.50 3.75  ? 3001 DLE C HA   1 
HETATM 167 H HB2  A DLE C 1 1 ? -0.837 6.111   -1.393  0.50 4.76  ? 3001 DLE C HB2  1 
HETATM 168 H HB2  B DLE C 1 1 ? -2.685 6.567   -2.785  0.50 2.95  ? 3001 DLE C HB2  1 
HETATM 169 H HB3  A DLE C 1 1 ? -1.989 6.367   -0.091  0.50 4.55  ? 3001 DLE C HB3  1 
HETATM 170 H HB3  B DLE C 1 1 ? -1.002 6.250   -2.373  0.50 3.13  ? 3001 DLE C HB3  1 
HETATM 171 H HG   A DLE C 1 1 ? -2.404 6.854   -3.045  0.50 5.33  ? 3001 DLE C HG   1 
HETATM 172 H HG   B DLE C 1 1 ? -1.351 6.819   -0.149  0.50 4.02  ? 3001 DLE C HG   1 
HETATM 173 H HD11 A DLE C 1 1 ? -4.693 7.427   -2.593  0.50 7.17  ? 3001 DLE C HD11 1 
HETATM 174 H HD11 B DLE C 1 1 ? -1.613 9.196   -0.280  0.50 4.28  ? 3001 DLE C HD11 1 
HETATM 175 H HD12 A DLE C 1 1 ? -4.413 5.857   -1.924  0.50 7.29  ? 3001 DLE C HD12 1 
HETATM 176 H HD12 B DLE C 1 1 ? -0.549 8.486   -1.444  0.50 4.22  ? 3001 DLE C HD12 1 
HETATM 177 H HD13 A DLE C 1 1 ? -4.481 7.239   -0.886  0.50 7.31  ? 3001 DLE C HD13 1 
HETATM 178 H HD13 B DLE C 1 1 ? -2.123 9.022   -1.923  0.50 4.38  ? 3001 DLE C HD13 1 
HETATM 179 H HD21 A DLE C 1 1 ? -2.258 8.685   -0.710  0.50 6.97  ? 3001 DLE C HD21 1 
HETATM 180 H HD21 B DLE C 1 1 ? -3.777 8.173   -0.031  0.50 5.88  ? 3001 DLE C HD21 1 
HETATM 181 H HD22 A DLE C 1 1 ? -1.204 8.600   -2.079  0.50 7.01  ? 3001 DLE C HD22 1 
HETATM 182 H HD22 B DLE C 1 1 ? -3.941 6.460   -0.190  0.50 6.26  ? 3001 DLE C HD22 1 
HETATM 183 H HD23 A DLE C 1 1 ? -2.830 9.158   -2.272  0.50 6.66  ? 3001 DLE C HD23 1 
HETATM 184 H HD23 B DLE C 1 1 ? -2.955 7.116   1.069   0.50 5.91  ? 3001 DLE C HD23 1 
HETATM 185 N N    A ZAE C 1 2 ? -1.729 3.336   0.500   0.50 5.43  ? 3002 ZAE C N    1 
HETATM 186 N N    B ZAE C 1 2 ? -1.735 3.297   0.518   0.50 5.85  ? 3002 ZAE C N    1 
HETATM 187 C CA   A ZAE C 1 2 ? -0.686 2.710   1.298   0.50 6.07  ? 3002 ZAE C CA   1 
HETATM 188 C CA   B ZAE C 1 2 ? -0.675 2.676   1.307   0.50 6.12  ? 3002 ZAE C CA   1 
HETATM 189 C C    A ZAE C 1 2 ? 0.238  1.801   0.462   0.50 5.03  ? 3002 ZAE C C    1 
HETATM 190 C C    B ZAE C 1 2 ? 0.233  1.796   0.456   0.50 5.42  ? 3002 ZAE C C    1 
HETATM 191 O O    A ZAE C 1 2 ? 1.404  1.713   0.705   0.50 6.46  ? 3002 ZAE C O    1 
HETATM 192 O O    B ZAE C 1 2 ? 1.402  1.666   0.671   0.50 7.30  ? 3002 ZAE C O    1 
HETATM 193 C CB   A ZAE C 1 2 ? 0.107  3.687   2.192   0.50 7.26  ? 3002 ZAE C CB   1 
HETATM 194 C CB   B ZAE C 1 2 ? 0.121  3.684   2.156   0.50 6.69  ? 3002 ZAE C CB   1 
HETATM 195 C CG   A ZAE C 1 2 ? -0.838 4.374   3.137   0.50 5.68  ? 3002 ZAE C CG   1 
HETATM 196 C CG   B ZAE C 1 2 ? -0.832 4.367   3.119   0.50 5.72  ? 3002 ZAE C CG   1 
HETATM 197 C CD1  A ZAE C 1 2 ? -1.241 3.708   4.291   0.50 7.22  ? 3002 ZAE C CD1  1 
HETATM 198 C CD1  B ZAE C 1 2 ? -1.223 3.702   4.269   0.50 7.16  ? 3002 ZAE C CD1  1 
HETATM 199 C CD2  A ZAE C 1 2 ? -1.264 5.643   2.890   0.50 5.73  ? 3002 ZAE C CD2  1 
HETATM 200 C CD2  B ZAE C 1 2 ? -1.264 5.640   2.887   0.50 5.73  ? 3002 ZAE C CD2  1 
HETATM 201 C CE1  A ZAE C 1 2 ? -2.190 4.322   5.132   0.50 6.90  ? 3002 ZAE C CE1  1 
HETATM 202 C CE1  B ZAE C 1 2 ? -2.159 4.335   5.096   0.50 6.73  ? 3002 ZAE C CE1  1 
HETATM 203 C CE2  A ZAE C 1 2 ? -2.196 6.255   3.726   0.50 5.83  ? 3002 ZAE C CE2  1 
HETATM 204 C CE2  B ZAE C 1 2 ? -2.195 6.258   3.721   0.50 5.85  ? 3002 ZAE C CE2  1 
HETATM 205 C CZ   A ZAE C 1 2 ? -2.709 5.582   4.838   0.50 6.13  ? 3002 ZAE C CZ   1 
HETATM 206 C CZ   B ZAE C 1 2 ? -2.700 5.587   4.830   0.50 6.16  ? 3002 ZAE C CZ   1 
HETATM 207 C C10  A ZAE C 1 2 ? -3.144 3.269   0.930   0.50 5.68  ? 3002 ZAE C C10  1 
HETATM 208 C C10  B ZAE C 1 2 ? -3.110 3.140   0.991   0.50 7.60  ? 3002 ZAE C C10  1 
HETATM 209 H HA   A ZAE C 1 2 ? -1.214 2.049   1.995   0.50 5.91  ? 3002 ZAE C HA   1 
HETATM 210 H HA   B ZAE C 1 2 ? -1.180 2.019   2.023   0.50 6.07  ? 3002 ZAE C HA   1 
HETATM 211 H HB2  A ZAE C 1 2 ? 0.615  4.428   1.572   0.50 6.92  ? 3002 ZAE C HB2  1 
HETATM 212 H HB2  B ZAE C 1 2 ? 0.594  4.425   1.510   0.50 6.54  ? 3002 ZAE C HB2  1 
HETATM 213 H HB3  A ZAE C 1 2 ? 0.864  3.140   2.758   0.50 6.66  ? 3002 ZAE C HB3  1 
HETATM 214 H HB3  B ZAE C 1 2 ? 0.904  3.164   2.713   0.50 6.37  ? 3002 ZAE C HB3  1 
HETATM 215 H HD1  A ZAE C 1 2 ? -0.902 2.706   4.469   0.50 6.46  ? 3002 ZAE C HD1  1 
HETATM 216 H HD1  B ZAE C 1 2 ? -0.884 2.700   4.451   0.50 6.44  ? 3002 ZAE C HD1  1 
HETATM 217 H HD2  A ZAE C 1 2 ? -0.947 6.145   1.984   0.50 5.59  ? 3002 ZAE C HD2  1 
HETATM 218 H HD2  B ZAE C 1 2 ? -0.956 6.144   1.979   0.50 5.60  ? 3002 ZAE C HD2  1 
HETATM 219 H HE1  A ZAE C 1 2 ? -2.538 3.801   6.013   0.50 6.22  ? 3002 ZAE C HE1  1 
HETATM 220 H HE1  B ZAE C 1 2 ? -2.502 3.809   5.976   0.50 6.22  ? 3002 ZAE C HE1  1 
HETATM 221 H HE2  A ZAE C 1 2 ? -2.555 7.249   3.489   0.50 5.74  ? 3002 ZAE C HE2  1 
HETATM 222 H HE2  B ZAE C 1 2 ? -2.554 7.252   3.484   0.50 5.73  ? 3002 ZAE C HE2  1 
HETATM 223 H HZ   A ZAE C 1 2 ? -3.372 6.083   5.532   0.50 6.05  ? 3002 ZAE C HZ   1 
HETATM 224 H HZ   B ZAE C 1 2 ? -3.358 6.077   5.535   0.50 6.01  ? 3002 ZAE C HZ   1 
HETATM 225 H H11  A ZAE C 1 2 ? -3.443 2.254   1.004   0.50 5.24  ? 3002 ZAE C H11  1 
HETATM 226 H H11  B ZAE C 1 2 ? -3.437 2.151   0.802   0.50 6.93  ? 3002 ZAE C H11  1 
HETATM 227 H H12  A ZAE C 1 2 ? -3.249 3.739   1.875   0.50 5.46  ? 3002 ZAE C H12  1 
HETATM 228 H H12  B ZAE C 1 2 ? -3.150 3.333   2.031   0.50 7.25  ? 3002 ZAE C H12  1 
HETATM 229 H H13  A ZAE C 1 2 ? -3.753 3.766   0.219   0.50 5.65  ? 3002 ZAE C H13  1 
HETATM 230 H H13  B ZAE C 1 2 ? -3.739 3.822   0.481   0.50 7.25  ? 3002 ZAE C H13  1 
HETATM 231 C C    A BE2 C 1 3 ? -1.863 0.793   -2.818  0.50 2.92  ? 3003 BE2 C C    1 
HETATM 232 C C    B BE2 C 1 3 ? -1.863 0.795   -2.817  0.50 2.83  ? 3003 BE2 C C    1 
HETATM 233 O O    A BE2 C 1 3 ? -2.766 0.813   -1.945  0.50 3.47  ? 3003 BE2 C O    1 
HETATM 234 O O    B BE2 C 1 3 ? -2.761 0.818   -1.942  0.50 3.14  ? 3003 BE2 C O    1 
HETATM 235 C C1   A BE2 C 1 3 ? -0.589 0.017   -2.616  0.50 2.85  ? 3003 BE2 C C1   1 
HETATM 236 C C1   B BE2 C 1 3 ? -0.592 0.019   -2.612  0.50 2.75  ? 3003 BE2 C C1   1 
HETATM 237 C CA   A BE2 C 1 3 ? 0.106  0.136   -1.383  0.50 3.85  ? 3003 BE2 C CA   1 
HETATM 238 C CA   B BE2 C 1 3 ? 0.116  0.138   -1.389  0.50 3.30  ? 3003 BE2 C CA   1 
HETATM 239 C C3   A BE2 C 1 3 ? 1.281  -0.564  -1.199  0.50 4.54  ? 3003 BE2 C C3   1 
HETATM 240 C C3   B BE2 C 1 3 ? 1.277  -0.571  -1.198  0.50 3.99  ? 3003 BE2 C C3   1 
HETATM 241 N N    A BE2 C 1 3 ? -0.437 1.020   -0.433  0.50 4.53  ? 3003 BE2 C N    1 
HETATM 242 N N    B BE2 C 1 3 ? -0.444 1.031   -0.441  0.50 3.97  ? 3003 BE2 C N    1 
HETATM 243 C C4   A BE2 C 1 3 ? 1.732  -1.436  -2.190  0.50 4.94  ? 3003 BE2 C C4   1 
HETATM 244 C C4   B BE2 C 1 3 ? 1.745  -1.432  -2.191  0.50 4.43  ? 3003 BE2 C C4   1 
HETATM 245 C C5   A BE2 C 1 3 ? 1.047  -1.550  -3.372  0.50 4.21  ? 3003 BE2 C C5   1 
HETATM 246 C C5   B BE2 C 1 3 ? 1.046  -1.550  -3.376  0.50 3.90  ? 3003 BE2 C C5   1 
HETATM 247 C C6   A BE2 C 1 3 ? -0.112 -0.835  -3.603  0.50 3.20  ? 3003 BE2 C C6   1 
HETATM 248 C C6   B BE2 C 1 3 ? -0.116 -0.832  -3.607  0.50 3.02  ? 3003 BE2 C C6   1 
HETATM 249 H H3   A BE2 C 1 3 ? 1.818  -0.484  -0.261  0.50 4.21  ? 3003 BE2 C H3   1 
HETATM 250 H H3   B BE2 C 1 3 ? 1.817  -0.480  -0.264  0.50 3.65  ? 3003 BE2 C H3   1 
HETATM 251 H H    A BE2 C 1 3 ? -1.452 1.142   -0.470  0.50 4.17  ? 3003 BE2 C H    1 
HETATM 252 H H    B BE2 C 1 3 ? -1.438 1.139   -0.467  0.50 3.67  ? 3003 BE2 C H    1 
HETATM 253 H H4   A BE2 C 1 3 ? 2.649  -1.993  -2.045  0.50 4.28  ? 3003 BE2 C H4   1 
HETATM 254 H H4   B BE2 C 1 3 ? 2.658  -1.994  -2.043  0.50 3.82  ? 3003 BE2 C H4   1 
HETATM 255 H H5   A BE2 C 1 3 ? 1.425  -2.209  -4.143  0.50 3.80  ? 3003 BE2 C H5   1 
HETATM 256 H H5   B BE2 C 1 3 ? 1.423  -2.209  -4.148  0.50 3.53  ? 3003 BE2 C H5   1 
HETATM 257 H H6   A BE2 C 1 3 ? -0.649 -0.946  -4.538  0.50 3.24  ? 3003 BE2 C H6   1 
HETATM 258 H H6   B BE2 C 1 3 ? -0.655 -0.943  -4.540  0.50 3.10  ? 3003 BE2 C H6   1 
HETATM 259 N N    A DAL C 1 4 ? -1.954 1.517   -3.963  0.50 2.79  ? 3004 DAL C N    1 
HETATM 260 N N    B DAL C 1 4 ? -1.934 1.487   -3.937  0.50 2.78  ? 3004 DAL C N    1 
HETATM 261 C CA   A DAL C 1 4 ? -3.168 2.281   -4.224  0.50 3.15  ? 3004 DAL C CA   1 
HETATM 262 C CA   B DAL C 1 4 ? -3.149 2.265   -4.184  0.50 2.96  ? 3004 DAL C CA   1 
HETATM 263 C CB   A DAL C 1 4 ? -3.057 2.980   -5.570  0.50 3.87  ? 3004 DAL C CB   1 
HETATM 264 C CB   B DAL C 1 4 ? -3.028 2.978   -5.506  0.50 3.50  ? 3004 DAL C CB   1 
HETATM 265 C C    A DAL C 1 4 ? -3.450 3.246   -3.113  0.50 3.54  ? 3004 DAL C C    1 
HETATM 266 C C    B DAL C 1 4 ? -3.420 3.246   -3.018  0.50 3.44  ? 3004 DAL C C    1 
HETATM 267 O O    A DAL C 1 4 ? -4.562 3.348   -2.599  0.50 4.27  ? 3004 DAL C O    1 
HETATM 268 O O    B DAL C 1 4 ? -4.540 3.357   -2.525  0.50 3.95  ? 3004 DAL C O    1 
HETATM 269 H H    A DAL C 1 4 ? -1.290 1.548   -4.599  0.50 2.67  ? 3004 DAL C H    1 
HETATM 270 H H    B DAL C 1 4 ? -1.285 1.548   -4.595  0.50 2.65  ? 3004 DAL C H    1 
HETATM 271 H HA   A DAL C 1 4 ? -4.005 1.574   -4.276  0.50 3.18  ? 3004 DAL C HA   1 
HETATM 272 H HA   B DAL C 1 4 ? -3.994 1.569   -4.249  0.50 3.02  ? 3004 DAL C HA   1 
HETATM 273 H HB1  A DAL C 1 4 ? -2.093 3.382   -5.682  0.50 3.56  ? 3004 DAL C HB1  1 
HETATM 274 H HB1  B DAL C 1 4 ? -2.046 3.332   -5.628  0.50 3.26  ? 3004 DAL C HB1  1 
HETATM 275 H HB2  A DAL C 1 4 ? -3.225 2.280   -6.343  0.50 3.72  ? 3004 DAL C HB2  1 
HETATM 276 H HB2  B DAL C 1 4 ? -3.246 2.302   -6.288  0.50 3.39  ? 3004 DAL C HB2  1 
HETATM 277 H HB3  A DAL C 1 4 ? -3.777 3.752   -5.619  0.50 3.61  ? 3004 DAL C HB3  1 
HETATM 278 H HB3  B DAL C 1 4 ? -3.711 3.787   -5.531  0.50 3.28  ? 3004 DAL C HB3  1 
HETATM 279 N N    . DLE D 1 1 ? 0.457  -5.095  5.932   1.00 3.85  ? 4001 DLE D N    1 
HETATM 280 C CA   . DLE D 1 1 ? -0.148 -4.395  4.819   1.00 4.38  ? 4001 DLE D CA   1 
HETATM 281 C CB   . DLE D 1 1 ? 0.770  -4.490  3.569   1.00 6.43  ? 4001 DLE D CB   1 
HETATM 282 C CG   . DLE D 1 1 ? 0.064  -3.976  2.334   1.00 8.14  ? 4001 DLE D CG   1 
HETATM 283 C CD1  . DLE D 1 1 ? 1.099  -3.691  1.242   1.00 14.15 ? 4001 DLE D CD1  1 
HETATM 284 C CD2  . DLE D 1 1 ? -1.017 -4.930  1.867   1.00 14.74 ? 4001 DLE D CD2  1 
HETATM 285 C C    . DLE D 1 1 ? -0.292 -2.964  5.280   1.00 4.16  ? 4001 DLE D C    1 
HETATM 286 O O    . DLE D 1 1 ? 0.711  -2.316  5.562   1.00 5.25  ? 4001 DLE D O    1 
HETATM 287 H H    . DLE D 1 1 ? 1.327  -4.778  6.238   1.00 3.95  ? 4001 DLE D H    1 
HETATM 288 H HA   . DLE D 1 1 ? -1.113 -4.837  4.552   1.00 4.54  ? 4001 DLE D HA   1 
HETATM 289 H HB2  . DLE D 1 1 ? 1.053  -5.533  3.413   1.00 6.44  ? 4001 DLE D HB2  1 
HETATM 290 H HB3  . DLE D 1 1 ? 1.681  -3.920  3.732   1.00 6.18  ? 4001 DLE D HB3  1 
HETATM 291 H HG   . DLE D 1 1 ? -0.432 -3.046  2.590   1.00 7.94  ? 4001 DLE D HG   1 
HETATM 292 H HD11 . DLE D 1 1 ? 0.627  -3.661  0.294   1.00 11.88 ? 4001 DLE D HD11 1 
HETATM 293 H HD12 . DLE D 1 1 ? 1.556  -2.754  1.432   1.00 12.43 ? 4001 DLE D HD12 1 
HETATM 294 H HD13 . DLE D 1 1 ? 1.838  -4.447  1.251   1.00 12.95 ? 4001 DLE D HD13 1 
HETATM 295 H HD21 . DLE D 1 1 ? -0.713 -5.406  0.972   1.00 11.61 ? 4001 DLE D HD21 1 
HETATM 296 H HD22 . DLE D 1 1 ? -1.207 -5.685  2.584   1.00 11.75 ? 4001 DLE D HD22 1 
HETATM 297 H HD23 . DLE D 1 1 ? -1.902 -4.384  1.690   1.00 12.94 ? 4001 DLE D HD23 1 
HETATM 298 N N    . ZAE D 1 2 ? -1.536 -2.420  5.469   1.00 3.96  ? 4002 ZAE D N    1 
HETATM 299 C CA   . ZAE D 1 2 ? -1.613 -1.043  5.888   1.00 4.38  ? 4002 ZAE D CA   1 
HETATM 300 C C    . ZAE D 1 2 ? -0.806 -0.747  7.177   1.00 4.18  ? 4002 ZAE D C    1 
HETATM 301 O O    . ZAE D 1 2 ? -0.343 0.329   7.384   1.00 5.61  ? 4002 ZAE D O    1 
HETATM 302 C CB   . ZAE D 1 2 ? -1.163 -0.015  4.786   1.00 6.61  ? 4002 ZAE D CB   1 
HETATM 303 C CG   . ZAE D 1 2 ? -2.021 -0.201  3.547   1.00 5.69  ? 4002 ZAE D CG   1 
HETATM 304 C CD1  . ZAE D 1 2 ? -3.366 0.077   3.540   1.00 6.42  ? 4002 ZAE D CD1  1 
HETATM 305 C CD2  . ZAE D 1 2 ? -1.473 -0.754  2.404   1.00 6.16  ? 4002 ZAE D CD2  1 
HETATM 306 C CE1  . ZAE D 1 2 ? -4.188 -0.157  2.432   1.00 7.00  ? 4002 ZAE D CE1  1 
HETATM 307 C CE2  . ZAE D 1 2 ? -2.265 -0.990  1.275   1.00 5.83  ? 4002 ZAE D CE2  1 
HETATM 308 C CZ   . ZAE D 1 2 ? -3.592 -0.728  1.300   1.00 6.01  ? 4002 ZAE D CZ   1 
HETATM 309 C C10  . ZAE D 1 2 ? -2.784 -3.055  4.998   1.00 4.14  ? 4002 ZAE D C10  1 
HETATM 310 H HA   . ZAE D 1 2 ? -2.658 -0.830  6.110   1.00 4.49  ? 4002 ZAE D HA   1 
HETATM 311 H HB2  . ZAE D 1 2 ? -0.100 -0.100  4.551   1.00 6.14  ? 4002 ZAE D HB2  1 
HETATM 312 H HB3  . ZAE D 1 2 ? -1.355 0.963   5.202   1.00 5.91  ? 4002 ZAE D HB3  1 
HETATM 313 H HD1  . ZAE D 1 2 ? -3.828 0.474   4.424   1.00 6.08  ? 4002 ZAE D HD1  1 
HETATM 314 H HD2  . ZAE D 1 2 ? -0.418 -0.993  2.381   1.00 5.67  ? 4002 ZAE D HD2  1 
HETATM 315 H HE1  . ZAE D 1 2 ? -5.245 0.077   2.454   1.00 6.28  ? 4002 ZAE D HE1  1 
HETATM 316 H HE2  . ZAE D 1 2 ? -1.816 -1.411  0.383   1.00 5.55  ? 4002 ZAE D HE2  1 
HETATM 317 H HZ   . ZAE D 1 2 ? -4.185 -0.886  0.408   1.00 5.88  ? 4002 ZAE D HZ   1 
HETATM 318 H H11  . ZAE D 1 2 ? -3.624 -2.444  5.201   1.00 4.01  ? 4002 ZAE D H11  1 
HETATM 319 H H12  . ZAE D 1 2 ? -2.734 -3.216  3.951   1.00 4.04  ? 4002 ZAE D H12  1 
HETATM 320 H H13  . ZAE D 1 2 ? -2.927 -3.984  5.484   1.00 4.04  ? 4002 ZAE D H13  1 
HETATM 321 C C    . BE2 D 1 3 ? -0.099 -4.328  9.017   1.00 2.84  ? 4003 BE2 D C    1 
HETATM 322 O O    . BE2 D 1 3 ? -1.241 -4.462  8.570   1.00 2.77  ? 4003 BE2 D O    1 
HETATM 323 C C1   . BE2 D 1 3 ? 0.286  -3.088  9.775   1.00 2.72  ? 4003 BE2 D C1   1 
HETATM 324 C CA   . BE2 D 1 3 ? -0.140 -1.823  9.310   1.00 3.17  ? 4003 BE2 D CA   1 
HETATM 325 C C3   . BE2 D 1 3 ? 0.193  -0.688  10.032  1.00 3.84  ? 4003 BE2 D C3   1 
HETATM 326 N N    . BE2 D 1 3 ? -0.866 -1.769  8.111   1.00 3.53  ? 4003 BE2 D N    1 
HETATM 327 C C4   . BE2 D 1 3 ? 0.889  -0.796  11.237  1.00 3.94  ? 4003 BE2 D C4   1 
HETATM 328 C C5   . BE2 D 1 3 ? 1.280  -2.027  11.712  1.00 3.45  ? 4003 BE2 D C5   1 
HETATM 329 C C6   . BE2 D 1 3 ? 0.998  -3.211  10.963  1.00 3.06  ? 4003 BE2 D C6   1 
HETATM 330 H H3   . BE2 D 1 3 ? -0.118 0.296   9.716   1.00 3.55  ? 4003 BE2 D H3   1 
HETATM 331 H H    . BE2 D 1 3 ? -1.358 -2.577  7.866   1.00 3.22  ? 4003 BE2 D H    1 
HETATM 332 H H4   . BE2 D 1 3 ? 1.146  0.098   11.789  1.00 3.48  ? 4003 BE2 D H4   1 
HETATM 333 H H5   . BE2 D 1 3 ? 1.858  -2.087  12.624  1.00 3.25  ? 4003 BE2 D H5   1 
HETATM 334 H H6   . BE2 D 1 3 ? 1.295  -4.184  11.336  1.00 2.99  ? 4003 BE2 D H6   1 
HETATM 335 N N    . DAL D 1 4 ? 0.856  -5.237  8.753   1.00 3.00  ? 4004 DAL D N    1 
HETATM 336 C CA   . DAL D 1 4 ? 0.497  -6.400  7.951   1.00 3.49  ? 4004 DAL D CA   1 
HETATM 337 C CB   . DAL D 1 4 ? 1.745  -7.251  7.684   1.00 4.62  ? 4004 DAL D CB   1 
HETATM 338 C C    . DAL D 1 4 ? -0.202 -5.996  6.655   1.00 3.70  ? 4004 DAL D C    1 
HETATM 339 O O    . DAL D 1 4 ? -1.281 -6.528  6.336   1.00 3.99  ? 4004 DAL D O    1 
HETATM 340 H H    . DAL D 1 4 ? 1.784  -5.135  9.038   1.00 3.06  ? 4004 DAL D H    1 
HETATM 341 H HA   . DAL D 1 4 ? -0.194 -7.026  8.525   1.00 3.59  ? 4004 DAL D HA   1 
HETATM 342 H HB1  . DAL D 1 4 ? 2.461  -6.673  7.170   1.00 4.28  ? 4004 DAL D HB1  1 
HETATM 343 H HB2  . DAL D 1 4 ? 2.149  -7.600  8.596   1.00 4.34  ? 4004 DAL D HB2  1 
HETATM 344 H HB3  . DAL D 1 4 ? 1.477  -8.082  7.084   1.00 4.30  ? 4004 DAL D HB3  1 
HETATM 345 N N    . DLE E 1 1 ? 5.626  -4.136  8.619   1.00 2.78  ? 5001 DLE E N    1 
HETATM 346 C CA   A DLE E 1 1 ? 6.335  -5.389  8.740   0.70 3.08  ? 5001 DLE E CA   1 
HETATM 347 C CA   B DLE E 1 1 ? 6.341  -5.403  8.762   0.30 3.20  ? 5001 DLE E CA   1 
HETATM 348 C CB   A DLE E 1 1 ? 7.614  -5.299  9.601   0.70 3.71  ? 5001 DLE E CB   1 
HETATM 349 C CB   B DLE E 1 1 ? 7.614  -5.279  9.623   0.30 3.85  ? 5001 DLE E CB   1 
HETATM 350 C CG   A DLE E 1 1 ? 7.320  -4.928  11.050  0.70 5.11  ? 5001 DLE E CG   1 
HETATM 351 C CG   B DLE E 1 1 ? 7.337  -5.053  11.142  0.30 5.41  ? 5001 DLE E CG   1 
HETATM 352 C CD1  A DLE E 1 1 ? 6.694  -6.029  11.717  0.70 8.45  ? 5001 DLE E CD1  1 
HETATM 353 C CD1  B DLE E 1 1 ? 8.357  -5.879  12.131  0.30 6.11  ? 5001 DLE E CD1  1 
HETATM 354 C CD2  A DLE E 1 1 ? 8.643  -4.641  11.704  0.70 5.70  ? 5001 DLE E CD2  1 
HETATM 355 C CD2  B DLE E 1 1 ? 7.327  -3.572  11.474  0.30 6.62  ? 5001 DLE E CD2  1 
HETATM 356 C C    . DLE E 1 1 ? 6.789  -5.756  7.325   1.00 3.70  ? 5001 DLE E C    1 
HETATM 357 O O    . DLE E 1 1 ? 7.585  -5.015  6.738   1.00 4.47  ? 5001 DLE E O    1 
HETATM 358 H HA   . DLE E 1 1 ? 5.700  -6.185  9.173   1.00 3.30  ? 5001 DLE E HA   1 
HETATM 359 H HB2  A DLE E 1 1 ? 8.276  -4.545  9.176   0.70 3.72  ? 5001 DLE E HB2  1 
HETATM 360 H HB2  B DLE E 1 1 ? 8.212  -4.445  9.256   0.30 3.82  ? 5001 DLE E HB2  1 
HETATM 361 H HB3  A DLE E 1 1 ? 8.142  -6.254  9.564   0.70 3.75  ? 5001 DLE E HB3  1 
HETATM 362 H HB3  B DLE E 1 1 ? 8.211  -6.184  9.505   0.30 3.81  ? 5001 DLE E HB3  1 
HETATM 363 H HG   A DLE E 1 1 ? 6.679  -4.038  11.102  0.70 4.81  ? 5001 DLE E HG   1 
HETATM 364 H HG   B DLE E 1 1 ? 6.326  -5.434  11.345  0.30 5.21  ? 5001 DLE E HG   1 
HETATM 365 H HD11 A DLE E 1 1 ? 6.608  -5.798  12.743  0.70 7.15  ? 5001 DLE E HD11 1 
HETATM 366 H HD11 B DLE E 1 1 ? 8.233  -5.542  13.127  0.30 6.26  ? 5001 DLE E HD11 1 
HETATM 367 H HD12 A DLE E 1 1 ? 5.724  -6.197  11.334  0.70 7.38  ? 5001 DLE E HD12 1 
HETATM 368 H HD12 B DLE E 1 1 ? 8.141  -6.914  12.078  0.30 6.62  ? 5001 DLE E HD12 1 
HETATM 369 H HD13 A DLE E 1 1 ? 7.278  -6.905  11.604  0.70 7.73  ? 5001 DLE E HD13 1 
HETATM 370 H HD13 B DLE E 1 1 ? 9.356  -5.710  11.824  0.30 6.24  ? 5001 DLE E HD13 1 
HETATM 371 H HD21 A DLE E 1 1 ? 9.277  -5.483  11.600  0.70 5.68  ? 5001 DLE E HD21 1 
HETATM 372 H HD21 B DLE E 1 1 ? 8.164  -3.105  11.022  0.30 6.45  ? 5001 DLE E HD21 1 
HETATM 373 H HD22 A DLE E 1 1 ? 9.094  -3.802  11.241  0.70 5.57  ? 5001 DLE E HD22 1 
HETATM 374 H HD22 B DLE E 1 1 ? 6.436  -3.135  11.104  0.30 6.44  ? 5001 DLE E HD22 1 
HETATM 375 H HD23 A DLE E 1 1 ? 8.497  -4.435  12.731  0.70 5.35  ? 5001 DLE E HD23 1 
HETATM 376 H HD23 B DLE E 1 1 ? 7.374  -3.445  12.523  0.30 6.04  ? 5001 DLE E HD23 1 
HETATM 377 N N    . ZAE E 1 2 ? 6.226  -6.815  6.681   1.00 4.15  ? 5002 ZAE E N    1 
HETATM 378 C CA   . ZAE E 1 2 ? 6.676  -7.105  5.317   1.00 5.45  ? 5002 ZAE E CA   1 
HETATM 379 C C    . ZAE E 1 2 ? 6.501  -5.930  4.390   1.00 6.02  ? 5002 ZAE E C    1 
HETATM 380 O O    . ZAE E 1 2 ? 7.285  -5.719  3.470   1.00 8.19  ? 5002 ZAE E O    1 
HETATM 381 C CB   . ZAE E 1 2 ? 8.115  -7.703  5.328   1.00 7.01  ? 5002 ZAE E CB   1 
HETATM 382 C CG   . ZAE E 1 2 ? 8.307  -8.822  6.310   1.00 6.33  ? 5002 ZAE E CG   1 
HETATM 383 C CD1  . ZAE E 1 2 ? 7.853  -10.115 5.966   1.00 7.20  ? 5002 ZAE E CD1  1 
HETATM 384 C CD2  . ZAE E 1 2 ? 8.828  -8.611  7.531   1.00 6.89  ? 5002 ZAE E CD2  1 
HETATM 385 C CE1  . ZAE E 1 2 ? 7.972  -11.126 6.921   1.00 7.50  ? 5002 ZAE E CE1  1 
HETATM 386 C CE2  . ZAE E 1 2 ? 8.951  -9.618  8.482   1.00 7.03  ? 5002 ZAE E CE2  1 
HETATM 387 C CZ   . ZAE E 1 2 ? 8.500  -10.897 8.161   1.00 7.38  ? 5002 ZAE E CZ   1 
HETATM 388 C C10  . ZAE E 1 2 ? 5.393  -7.820  7.369   1.00 4.10  ? 5002 ZAE E C10  1 
HETATM 389 H HA   . ZAE E 1 2 ? 6.039  -7.897  4.909   1.00 5.46  ? 5002 ZAE E HA   1 
HETATM 390 H HB2  . ZAE E 1 2 ? 8.841  -6.916  5.539   1.00 6.54  ? 5002 ZAE E HB2  1 
HETATM 391 H HB3  . ZAE E 1 2 ? 8.338  -8.080  4.328   1.00 6.51  ? 5002 ZAE E HB3  1 
HETATM 392 H HD1  . ZAE E 1 2 ? 7.406  -10.312 4.998   1.00 6.56  ? 5002 ZAE E HD1  1 
HETATM 393 H HD2  . ZAE E 1 2 ? 9.151  -7.610  7.793   1.00 6.67  ? 5002 ZAE E HD2  1 
HETATM 394 H HE1  . ZAE E 1 2 ? 7.647  -12.126 6.672   1.00 7.06  ? 5002 ZAE E HE1  1 
HETATM 395 H HE2  . ZAE E 1 2 ? 9.386  -9.413  9.453   1.00 6.77  ? 5002 ZAE E HE2  1 
HETATM 396 H HZ   . ZAE E 1 2 ? 8.614  -11.711 8.867   1.00 7.17  ? 5002 ZAE E HZ   1 
HETATM 397 H H11  . ZAE E 1 2 ? 5.111  -8.582  6.691   1.00 4.02  ? 5002 ZAE E H11  1 
HETATM 398 H H12  . ZAE E 1 2 ? 5.934  -8.280  8.158   1.00 3.93  ? 5002 ZAE E H12  1 
HETATM 399 H H13  . ZAE E 1 2 ? 4.505  -7.390  7.747   1.00 4.00  ? 5002 ZAE E H13  1 
HETATM 400 C C    . BE2 E 1 3 ? 3.815  -3.418  6.047   1.00 3.91  ? 5003 BE2 E C    1 
HETATM 401 O O    . BE2 E 1 3 ? 3.317  -4.499  6.348   1.00 3.90  ? 5003 BE2 E O    1 
HETATM 402 C C1   . BE2 E 1 3 ? 4.205  -3.135  4.615   1.00 4.71  ? 5003 BE2 E C1   1 
HETATM 403 C CA   . BE2 E 1 3 ? 4.951  -4.058  3.908   1.00 5.12  ? 5003 BE2 E CA   1 
HETATM 404 C C3   . BE2 E 1 3 ? 5.263  -3.837  2.559   1.00 6.96  ? 5003 BE2 E C3   1 
HETATM 405 N N    . BE2 E 1 3 ? 5.369  -5.168  4.582   1.00 5.15  ? 5003 BE2 E N    1 
HETATM 406 C C4   . BE2 E 1 3 ? 4.789  -2.680  1.951   1.00 8.07  ? 5003 BE2 E C4   1 
HETATM 407 C C5   . BE2 E 1 3 ? 4.067  -1.760  2.653   1.00 7.92  ? 5003 BE2 E C5   1 
HETATM 408 C C6   . BE2 E 1 3 ? 3.723  -1.968  4.010   1.00 6.24  ? 5003 BE2 E C6   1 
HETATM 409 H H3   . BE2 E 1 3 ? 5.857  -4.532  1.982   1.00 6.36  ? 5003 BE2 E H3   1 
HETATM 410 H H    . BE2 E 1 3 ? 4.817  -5.492  5.313   1.00 4.94  ? 5003 BE2 E H    1 
HETATM 411 H H4   . BE2 E 1 3 ? 5.053  -2.483  0.921   1.00 7.11  ? 5003 BE2 E H4   1 
HETATM 412 H H5   . BE2 E 1 3 ? 3.711  -0.871  2.162   1.00 6.90  ? 5003 BE2 E H5   1 
HETATM 413 H H6   . BE2 E 1 3 ? 3.121  -1.254  4.557   1.00 6.10  ? 5003 BE2 E H6   1 
HETATM 414 N N    . DAL E 1 4 ? 4.050  -2.465  6.944   1.00 3.34  ? 5004 DAL E N    1 
HETATM 415 C CA   . DAL E 1 4 ? 3.691  -2.693  8.346   1.00 3.20  ? 5004 DAL E CA   1 
HETATM 416 C CB   . DAL E 1 4 ? 4.145  -1.500  9.209   1.00 3.95  ? 5004 DAL E CB   1 
HETATM 417 C C    . DAL E 1 4 ? 4.313  -3.996  8.862   1.00 2.67  ? 5004 DAL E C    1 
HETATM 418 O O    . DAL E 1 4 ? 3.643  -4.836  9.466   1.00 3.06  ? 5004 DAL E O    1 
HETATM 419 H H    . DAL E 1 4 ? 4.379  -1.612  6.733   1.00 3.22  ? 5004 DAL E H    1 
HETATM 420 H HA   . DAL E 1 4 ? 2.601  -2.767  8.435   1.00 3.15  ? 5004 DAL E HA   1 
HETATM 421 H HB1  . DAL E 1 4 ? 5.183  -1.340  9.085   1.00 3.71  ? 5004 DAL E HB1  1 
HETATM 422 H HB2  . DAL E 1 4 ? 3.616  -0.630  8.916   1.00 3.67  ? 5004 DAL E HB2  1 
HETATM 423 H HB3  . DAL E 1 4 ? 3.942  -1.706  10.227  1.00 3.69  ? 5004 DAL E HB3  1 
HETATM 424 C C1   . EOH F 2 . ? 0.673  12.413  -2.898  1.00 15.84 ? 1101 EOH A C1   1 
HETATM 425 C C2   . EOH F 2 . ? 1.682  11.820  -2.182  1.00 9.69  ? 1101 EOH A C2   1 
HETATM 426 O O    . EOH F 2 . ? -0.720 12.907  -2.488  1.00 23.08 ? 1101 EOH A O    1 
HETATM 427 H H11  . EOH F 2 . ? 1.127  13.217  -3.478  1.00 16.58 ? 1101 EOH A H11  1 
HETATM 428 H H12  . EOH F 2 . ? 0.420  11.667  -3.645  1.00 12.97 ? 1101 EOH A H12  1 
HETATM 429 H H21  . EOH F 2 . ? 2.319  12.561  -1.792  1.00 11.81 ? 1101 EOH A H21  1 
HETATM 430 H H22  . EOH F 2 . ? 2.265  11.207  -2.810  1.00 11.81 ? 1101 EOH A H22  1 
HETATM 431 H H23  . EOH F 2 . ? 1.272  11.245  -1.394  1.00 12.25 ? 1101 EOH A H23  1 
HETATM 432 H HO   . EOH F 2 . ? -1.347 12.164  -2.521  1.00 20.86 ? 1101 EOH A HO   1 
HETATM 433 C C1   . EOH G 2 . ? -6.058 0.477   -10.554 1.00 7.53  ? 2101 EOH B C1   1 
HETATM 434 C C2   . EOH G 2 . ? -7.257 -0.109  -9.764  1.00 9.65  ? 2101 EOH B C2   1 
HETATM 435 O O    . EOH G 2 . ? -5.842 -0.271  -11.678 1.00 6.43  ? 2101 EOH B O    1 
HETATM 436 H H11  . EOH G 2 . ? -6.257 1.516   -10.825 1.00 7.11  ? 2101 EOH B H11  1 
HETATM 437 H H12  . EOH G 2 . ? -5.158 0.443   -9.941  1.00 7.52  ? 2101 EOH B H12  1 
HETATM 438 H H21  . EOH G 2 . ? -8.094 -0.197  -10.405 1.00 9.14  ? 2101 EOH B H21  1 
HETATM 439 H H22  . EOH G 2 . ? -6.998 -1.063  -9.385  1.00 9.47  ? 2101 EOH B H22  1 
HETATM 440 H H23  . EOH G 2 . ? -7.498 0.536   -8.958  1.00 8.94  ? 2101 EOH B H23  1 
HETATM 441 H HO   . EOH G 2 . ? -5.588 -1.168  -11.421 1.00 6.70  ? 2101 EOH B HO   1 
HETATM 442 C C1   . EOH H 2 . ? -4.884 -4.118  1.851   1.00 10.98 ? 4101 EOH D C1   1 
HETATM 443 C C2   . EOH H 2 . ? -5.908 -4.421  0.721   1.00 11.09 ? 4101 EOH D C2   1 
HETATM 444 O O    . EOH H 2 . ? -4.485 -5.150  2.773   1.00 15.95 ? 4101 EOH D O    1 
HETATM 445 H H11  . EOH H 2 . ? -3.980 -3.790  1.340   1.00 11.50 ? 4101 EOH D H11  1 
HETATM 446 H H12  . EOH H 2 . ? -5.231 -3.236  2.381   1.00 11.41 ? 4101 EOH D H12  1 
HETATM 447 H H21  . EOH H 2 . ? -5.593 -5.275  0.179   1.00 10.76 ? 4101 EOH D H21  1 
HETATM 448 H H22  . EOH H 2 . ? -6.860 -4.605  1.148   1.00 11.41 ? 4101 EOH D H22  1 
HETATM 449 H H23  . EOH H 2 . ? -5.968 -3.591  0.067   1.00 11.36 ? 4101 EOH D H23  1 
HETATM 450 H HO   . EOH H 2 . ? -4.533 -6.010  2.334   1.00 15.34 ? 4101 EOH D HO   1 
HETATM 451 O O    . HOH I 3 . ? -0.164 8.244   -11.107 1.00 5.95  ? 1201 HOH A O    1 
HETATM 452 O O    . HOH J 3 . ? -4.670 -2.588  -10.683 1.00 5.78  ? 2201 HOH B O    1 
HETATM 453 O O    . HOH K 3 . ? -6.168 -1.250  5.281   1.00 16.16 ? 4201 HOH D O    1 
HETATM 454 O O    . HOH L 3 . ? 3.614  -10.843 7.061   1.00 7.76  ? 5101 HOH E O    1 
# 
loop_
_atom_site_anisotrop.id 
_atom_site_anisotrop.type_symbol 
_atom_site_anisotrop.pdbx_label_atom_id 
_atom_site_anisotrop.pdbx_label_alt_id 
_atom_site_anisotrop.pdbx_label_comp_id 
_atom_site_anisotrop.pdbx_label_asym_id 
_atom_site_anisotrop.pdbx_label_seq_id 
_atom_site_anisotrop.pdbx_PDB_ins_code 
_atom_site_anisotrop.U[1][1] 
_atom_site_anisotrop.U[2][2] 
_atom_site_anisotrop.U[3][3] 
_atom_site_anisotrop.U[1][2] 
_atom_site_anisotrop.U[1][3] 
_atom_site_anisotrop.U[2][3] 
_atom_site_anisotrop.pdbx_auth_seq_id 
_atom_site_anisotrop.pdbx_auth_comp_id 
_atom_site_anisotrop.pdbx_auth_asym_id 
_atom_site_anisotrop.pdbx_auth_atom_id 
1   N N    A DLE A 1 ? 0.0246 0.0441 0.0331 -0.0190 0.0027  0.0007  1001 DLE A N    
2   N N    B DLE A 1 ? 0.0233 0.0406 0.0384 -0.0167 0.0020  0.0035  1001 DLE A N    
3   C CA   A DLE A 1 ? 0.0234 0.0397 0.0331 -0.0155 0.0066  -0.0005 1001 DLE A CA   
4   C CA   B DLE A 1 ? 0.0225 0.0368 0.0378 -0.0131 0.0054  0.0048  1001 DLE A CA   
5   C CB   A DLE A 1 ? 0.0324 0.0504 0.0606 -0.0085 0.0132  -0.0066 1001 DLE A CB   
6   C CB   B DLE A 1 ? 0.0242 0.0424 0.0552 -0.0143 0.0137  -0.0002 1001 DLE A CB   
7   C CG   A DLE A 1 ? 0.0472 0.0504 0.0822 -0.0106 0.0072  -0.0043 1001 DLE A CG   
8   C CG   B DLE A 1 ? 0.0270 0.0473 0.0644 -0.0211 0.0080  0.0016  1001 DLE A CG   
9   C CD1  A DLE A 1 ? 0.0470 0.0658 0.0919 0.0012  -0.0002 -0.0084 1001 DLE A CD1  
10  C CD1  B DLE A 1 ? 0.0379 0.0440 0.0893 -0.0229 0.0163  0.0115  1001 DLE A CD1  
11  C CD2  A DLE A 1 ? 0.0855 0.0712 0.0818 0.0110  -0.0016 -0.0027 1001 DLE A CD2  
12  C CD2  B DLE A 1 ? 0.0334 0.0635 0.0936 -0.0045 0.0145  0.0083  1001 DLE A CD2  
13  C C    A DLE A 1 ? 0.0220 0.0410 0.0332 -0.0150 0.0041  0.0023  1001 DLE A C    
14  C C    B DLE A 1 ? 0.0198 0.0368 0.0373 -0.0097 0.0060  0.0065  1001 DLE A C    
15  O O    A DLE A 1 ? 0.0287 0.0475 0.0532 -0.0233 -0.0022 0.0030  1001 DLE A O    
16  O O    B DLE A 1 ? 0.0260 0.0417 0.0562 -0.0184 0.0030  0.0081  1001 DLE A O    
17  H HA   A DLE A 1 ? 0.0216 0.0431 0.0375 -0.0155 0.0053  -0.0002 1001 DLE A HA   
18  H HA   B DLE A 1 ? 0.0217 0.0393 0.0406 -0.0137 0.0053  0.0043  1001 DLE A HA   
19  H HB2  A DLE A 1 ? 0.0325 0.0475 0.0557 -0.0092 0.0128  -0.0023 1001 DLE A HB2  
20  H HB2  B DLE A 1 ? 0.0250 0.0421 0.0516 -0.0148 0.0111  0.0038  1001 DLE A HB2  
21  H HB3  A DLE A 1 ? 0.0310 0.0468 0.0580 -0.0107 0.0072  -0.0051 1001 DLE A HB3  
22  H HB3  B DLE A 1 ? 0.0241 0.0412 0.0526 -0.0146 0.0101  0.0046  1001 DLE A HB3  
23  H HG   A DLE A 1 ? 0.0402 0.0549 0.0775 -0.0073 0.0099  -0.0035 1001 DLE A HG   
24  H HG   B DLE A 1 ? 0.0280 0.0463 0.0624 -0.0172 0.0097  0.0034  1001 DLE A HG   
25  H HD11 A DLE A 1 ? 0.0410 0.0654 0.0867 0.0011  0.0032  -0.0079 1001 DLE A HD11 
26  H HD11 B DLE A 1 ? 0.0328 0.0463 0.0829 -0.0223 0.0126  0.0063  1001 DLE A HD11 
27  H HD12 A DLE A 1 ? 0.0435 0.0622 0.0899 -0.0017 0.0021  -0.0096 1001 DLE A HD12 
28  H HD12 B DLE A 1 ? 0.0368 0.0453 0.0800 -0.0234 0.0129  0.0085  1001 DLE A HD12 
29  H HD13 A DLE A 1 ? 0.0438 0.0608 0.0857 -0.0025 0.0054  -0.0066 1001 DLE A HD13 
30  H HD13 B DLE A 1 ? 0.0326 0.0461 0.0819 -0.0217 0.0116  0.0126  1001 DLE A HD13 
31  H HD21 A DLE A 1 ? 0.0689 0.0700 0.0834 0.0062  0.0053  0.0030  1001 DLE A HD21 
32  H HD21 B DLE A 1 ? 0.0308 0.0636 0.0848 -0.0066 0.0135  0.0115  1001 DLE A HD21 
33  H HD22 A DLE A 1 ? 0.0784 0.0599 0.0860 -0.0016 -0.0066 -0.0023 1001 DLE A HD22 
34  H HD22 B DLE A 1 ? 0.0302 0.0610 0.0832 -0.0077 0.0092  0.0028  1001 DLE A HD22 
35  H HD23 A DLE A 1 ? 0.0707 0.0617 0.0819 0.0007  0.0026  -0.0043 1001 DLE A HD23 
36  H HD23 B DLE A 1 ? 0.0329 0.0591 0.0832 -0.0115 0.0134  0.0048  1001 DLE A HD23 
37  N N    . ZAE A 2 ? 0.0208 0.0481 0.0419 -0.0146 0.0033  0.0083  1002 ZAE A N    
38  C CA   . ZAE A 2 ? 0.0403 0.0523 0.0460 -0.0082 0.0076  0.0154  1002 ZAE A CA   
39  C C    . ZAE A 2 ? 0.0505 0.0539 0.0493 -0.0046 0.0026  0.0135  1002 ZAE A C    
40  O O    . ZAE A 2 ? 0.0745 0.0439 0.0550 -0.0156 0.0082  0.0101  1002 ZAE A O    
41  C CB   . ZAE A 2 ? 0.0533 0.0532 0.0401 -0.0147 0.0105  0.0153  1002 ZAE A CB   
42  C CG   . ZAE A 2 ? 0.0597 0.0625 0.0402 -0.0230 0.0095  0.0104  1002 ZAE A CG   
43  C CD1  . ZAE A 2 ? 0.1050 0.0948 0.0550 -0.0324 -0.0225 0.0076  1002 ZAE A CD1  
44  C CD2  . ZAE A 2 ? 0.0472 0.0683 0.0712 -0.0219 0.0210  -0.0049 1002 ZAE A CD2  
45  C CE1  . ZAE A 2 ? 0.0854 0.1290 0.0598 -0.0478 -0.0166 0.0033  1002 ZAE A CE1  
46  C CE2  . ZAE A 2 ? 0.0686 0.0787 0.0722 -0.0209 0.0268  -0.0118 1002 ZAE A CE2  
47  C CZ   . ZAE A 2 ? 0.0840 0.0999 0.0816 -0.0303 0.0186  -0.0158 1002 ZAE A CZ   
48  C C10  . ZAE A 2 ? 0.0421 0.0755 0.0482 -0.0255 -0.0153 0.0117  1002 ZAE A C10  
49  H HA   . ZAE A 2 ? 0.0385 0.0510 0.0445 -0.0119 0.0075  0.0131  1002 ZAE A HA   
50  H HB2  . ZAE A 2 ? 0.0517 0.0520 0.0425 -0.0156 0.0121  0.0134  1002 ZAE A HB2  
51  H HB3  . ZAE A 2 ? 0.0497 0.0487 0.0415 -0.0130 0.0104  0.0116  1002 ZAE A HB3  
52  H HD1  . ZAE A 2 ? 0.0868 0.0877 0.0516 -0.0383 -0.0053 0.0043  1002 ZAE A HD1  
53  H HD2  . ZAE A 2 ? 0.0561 0.0681 0.0613 -0.0220 0.0187  -0.0012 1002 ZAE A HD2  
54  H HE1  . ZAE A 2 ? 0.0748 0.1028 0.0590 -0.0389 -0.0104 -0.0010 1002 ZAE A HE1  
55  H HE2  . ZAE A 2 ? 0.0659 0.0780 0.0710 -0.0234 0.0215  -0.0091 1002 ZAE A HE2  
56  H HZ   . ZAE A 2 ? 0.0754 0.0929 0.0702 -0.0275 0.0123  -0.0065 1002 ZAE A HZ   
57  H H11  . ZAE A 2 ? 0.0341 0.0580 0.0485 -0.0215 -0.0036 0.0088  1002 ZAE A H11  
58  H H12  . ZAE A 2 ? 0.0299 0.0650 0.0510 -0.0219 -0.0080 0.0170  1002 ZAE A H12  
59  H H13  . ZAE A 2 ? 0.0300 0.0564 0.0521 -0.0184 -0.0084 0.0074  1002 ZAE A H13  
60  C C    . BE2 A 3 ? 0.0207 0.0409 0.0501 -0.0130 0.0098  -0.0020 1003 BE2 A C    
61  O O    . BE2 A 3 ? 0.0195 0.0516 0.0637 -0.0163 0.0016  0.0011  1003 BE2 A O    
62  C C1   . BE2 A 3 ? 0.0283 0.0441 0.0578 -0.0134 0.0167  -0.0040 1003 BE2 A C1   
63  C CA   . BE2 A 3 ? 0.0534 0.0444 0.0651 -0.0062 0.0128  0.0030  1003 BE2 A CA   
64  C C3   . BE2 A 3 ? 0.0661 0.0445 0.0784 -0.0112 0.0109  0.0000  1003 BE2 A C3   
65  N N    . BE2 A 3 ? 0.0534 0.0413 0.0592 -0.0051 0.0130  0.0059  1003 BE2 A N    
66  C C4   . BE2 A 3 ? 0.0807 0.0422 0.0939 -0.0097 0.0272  -0.0039 1003 BE2 A C4   
67  C C5   . BE2 A 3 ? 0.0613 0.0464 0.0850 -0.0206 0.0246  -0.0161 1003 BE2 A C5   
68  C C6   . BE2 A 3 ? 0.0317 0.0481 0.0685 -0.0163 0.0185  -0.0070 1003 BE2 A C6   
69  H H3   . BE2 A 3 ? 0.0610 0.0438 0.0758 -0.0104 0.0141  -0.0021 1003 BE2 A H3   
70  H H    . BE2 A 3 ? 0.0439 0.0382 0.0576 -0.0034 0.0119  0.0013  1003 BE2 A H    
71  H H4   . BE2 A 3 ? 0.0627 0.0424 0.0852 -0.0104 0.0218  -0.0062 1003 BE2 A H4   
72  H H5   . BE2 A 3 ? 0.0593 0.0483 0.0757 -0.0151 0.0199  -0.0092 1003 BE2 A H5   
73  H H6   . BE2 A 3 ? 0.0365 0.0452 0.0672 -0.0152 0.0175  -0.0085 1003 BE2 A H6   
74  N N    . DAL A 4 ? 0.0253 0.0420 0.0376 -0.0191 0.0055  -0.0046 1004 DAL A N    
75  C CA   . DAL A 4 ? 0.0267 0.0437 0.0314 -0.0203 0.0042  -0.0005 1004 DAL A CA   
76  C CB   . DAL A 4 ? 0.0241 0.0549 0.0413 -0.0194 0.0018  0.0055  1004 DAL A CB   
77  C C    . DAL A 4 ? 0.0207 0.0422 0.0326 -0.0139 0.0034  0.0044  1004 DAL A C    
78  O O    . DAL A 4 ? 0.0208 0.0428 0.0387 -0.0154 0.0030  0.0000  1004 DAL A O    
79  H H    . DAL A 4 ? 0.0253 0.0423 0.0334 -0.0186 0.0057  -0.0020 1004 DAL A H    
80  H HA   . DAL A 4 ? 0.0245 0.0444 0.0351 -0.0188 0.0037  0.0004  1004 DAL A HA   
81  H HB1  . DAL A 4 ? 0.0247 0.0484 0.0384 -0.0202 0.0018  0.0040  1004 DAL A HB1  
82  H HB2  . DAL A 4 ? 0.0234 0.0502 0.0401 -0.0188 0.0016  0.0066  1004 DAL A HB2  
83  H HB3  . DAL A 4 ? 0.0231 0.0526 0.0378 -0.0159 0.0025  0.0033  1004 DAL A HB3  
84  N N    . DLE B 1 ? 0.0222 0.0423 0.0374 -0.0132 0.0086  0.0023  2001 DLE B N    
85  C CA   . DLE B 1 ? 0.0253 0.0418 0.0367 -0.0146 0.0086  0.0051  2001 DLE B CA   
86  C CB   . DLE B 1 ? 0.0241 0.0422 0.0425 -0.0162 0.0061  0.0049  2001 DLE B CB   
87  C CG   . DLE B 1 ? 0.0418 0.0474 0.0566 -0.0018 0.0109  0.0047  2001 DLE B CG   
88  C CD1  . DLE B 1 ? 0.0555 0.0614 0.1374 -0.0058 -0.0159 0.0243  2001 DLE B CD1  
89  C CD2  . DLE B 1 ? 0.0517 0.0531 0.1136 -0.0135 -0.0006 -0.0023 2001 DLE B CD2  
90  C C    . DLE B 1 ? 0.0210 0.0456 0.0332 -0.0140 0.0058  0.0026  2001 DLE B C    
91  O O    . DLE B 1 ? 0.0310 0.0506 0.0368 -0.0222 0.0081  0.0053  2001 DLE B O    
92  H H    . DLE B 1 ? 0.0217 0.0420 0.0373 -0.0128 0.0080  0.0028  2001 DLE B H    
93  H HA   . DLE B 1 ? 0.0226 0.0423 0.0395 -0.0142 0.0074  0.0038  2001 DLE B HA   
94  H HB2  . DLE B 1 ? 0.0251 0.0414 0.0422 -0.0134 0.0065  0.0044  2001 DLE B HB2  
95  H HB3  . DLE B 1 ? 0.0235 0.0394 0.0439 -0.0141 0.0079  0.0042  2001 DLE B HB3  
96  H HG   . DLE B 1 ? 0.0393 0.0487 0.0593 -0.0088 0.0089  0.0083  2001 DLE B HG   
97  H HD11 . DLE B 1 ? 0.0507 0.0640 0.0984 -0.0117 -0.0129 0.0227  2001 DLE B HD11 
98  H HD12 . DLE B 1 ? 0.0433 0.0596 0.0896 -0.0012 -0.0069 0.0142  2001 DLE B HD12 
99  H HD13 . DLE B 1 ? 0.0483 0.0602 0.1204 -0.0042 -0.0151 0.0083  2001 DLE B HD13 
100 H HD21 . DLE B 1 ? 0.0532 0.0471 0.0936 -0.0131 -0.0061 0.0027  2001 DLE B HD21 
101 H HD22 . DLE B 1 ? 0.0512 0.0488 0.0969 -0.0098 0.0098  0.0025  2001 DLE B HD22 
102 H HD23 . DLE B 1 ? 0.0511 0.0516 0.0894 -0.0136 0.0040  -0.0003 2001 DLE B HD23 
103 N N    . ZAE B 2 ? 0.0243 0.0452 0.0338 -0.0179 0.0073  -0.0018 2002 ZAE B N    
104 C CA   . ZAE B 2 ? 0.0260 0.0502 0.0383 -0.0174 0.0115  0.0004  2002 ZAE B CA   
105 C C    . ZAE B 2 ? 0.0307 0.0521 0.0399 -0.0229 0.0051  0.0041  2002 ZAE B C    
106 O O    . ZAE B 2 ? 0.0448 0.0568 0.0431 -0.0221 0.0141  0.0083  2002 ZAE B O    
107 C CB   . ZAE B 2 ? 0.0352 0.0535 0.0438 -0.0169 0.0186  0.0013  2002 ZAE B CB   
108 C CG   . ZAE B 2 ? 0.0423 0.0609 0.0536 -0.0193 0.0298  -0.0123 2002 ZAE B CG   
109 C CD1  . ZAE B 2 ? 0.0441 0.0796 0.1053 -0.0226 0.0273  -0.0384 2002 ZAE B CD1  
110 C CD2  . ZAE B 2 ? 0.0871 0.0667 0.0601 0.0023  0.0359  0.0069  2002 ZAE B CD2  
111 C CE1  . ZAE B 2 ? 0.0591 0.0740 0.1481 -0.0377 0.0487  -0.0498 2002 ZAE B CE1  
112 C CE2  . ZAE B 2 ? 0.1381 0.0745 0.0853 0.0120  0.0510  0.0044  2002 ZAE B CE2  
113 C CZ   . ZAE B 2 ? 0.1046 0.0709 0.1214 -0.0306 0.0836  -0.0151 2002 ZAE B CZ   
114 C C10  . ZAE B 2 ? 0.0301 0.0570 0.0481 -0.0259 0.0097  -0.0012 2002 ZAE B C10  
115 H HA   . ZAE B 2 ? 0.0273 0.0497 0.0388 -0.0188 0.0114  0.0003  2002 ZAE B HA   
116 H HB2  . ZAE B 2 ? 0.0342 0.0531 0.0444 -0.0169 0.0198  -0.0014 2002 ZAE B HB2  
117 H HB3  . ZAE B 2 ? 0.0329 0.0531 0.0414 -0.0175 0.0176  -0.0026 2002 ZAE B HB3  
118 H HD1  . ZAE B 2 ? 0.0493 0.0718 0.0931 -0.0257 0.0345  -0.0311 2002 ZAE B HD1  
119 H HD2  . ZAE B 2 ? 0.0778 0.0672 0.0701 -0.0020 0.0392  0.0015  2002 ZAE B HD2  
120 H HE1  . ZAE B 2 ? 0.0608 0.0719 0.1146 -0.0301 0.0474  -0.0347 2002 ZAE B HE1  
121 H HE2  . ZAE B 2 ? 0.1053 0.0681 0.0825 -0.0030 0.0511  -0.0019 2002 ZAE B HE2  
122 H HZ   . ZAE B 2 ? 0.0893 0.0689 0.1134 -0.0188 0.0636  -0.0186 2002 ZAE B HZ   
123 H H11  . ZAE B 2 ? 0.0281 0.0514 0.0457 -0.0218 0.0107  -0.0007 2002 ZAE B H11  
124 H H12  . ZAE B 2 ? 0.0277 0.0545 0.0445 -0.0235 0.0099  -0.0041 2002 ZAE B H12  
125 H H13  . ZAE B 2 ? 0.0283 0.0506 0.0452 -0.0228 0.0061  0.0002  2002 ZAE B H13  
126 C C    . BE2 B 3 ? 0.0166 0.0435 0.0452 -0.0096 0.0029  0.0086  2003 BE2 B C    
127 O O    . BE2 B 3 ? 0.0193 0.0502 0.0462 -0.0148 0.0042  0.0027  2003 BE2 B O    
128 C C1   . BE2 B 3 ? 0.0257 0.0434 0.0537 -0.0144 0.0025  0.0104  2003 BE2 B C1   
129 C CA   . BE2 B 3 ? 0.0219 0.0506 0.0468 -0.0167 0.0018  0.0112  2003 BE2 B CA   
130 C C3   . BE2 B 3 ? 0.0293 0.0653 0.0500 -0.0135 0.0003  0.0182  2003 BE2 B C3   
131 N N    . BE2 B 3 ? 0.0321 0.0481 0.0432 -0.0185 0.0039  0.0102  2003 BE2 B N    
132 C C4   . BE2 B 3 ? 0.0289 0.0594 0.0624 -0.0128 -0.0012 0.0234  2003 BE2 B C4   
133 C C5   . BE2 B 3 ? 0.0290 0.0512 0.0834 -0.0117 -0.0016 0.0269  2003 BE2 B C5   
134 C C6   . BE2 B 3 ? 0.0233 0.0487 0.0650 -0.0164 0.0044  0.0150  2003 BE2 B C6   
135 H H3   . BE2 B 3 ? 0.0288 0.0583 0.0535 -0.0141 0.0009  0.0158  2003 BE2 B H3   
136 H H4   . BE2 B 3 ? 0.0236 0.0554 0.0589 -0.0146 -0.0023 0.0191  2003 BE2 B H4   
137 H H5   . BE2 B 3 ? 0.0248 0.0510 0.0696 -0.0119 0.0004  0.0216  2003 BE2 B H5   
138 H H6   . BE2 B 3 ? 0.0243 0.0468 0.0631 -0.0147 0.0026  0.0159  2003 BE2 B H6   
139 N N    . DAL B 4 ? 0.0182 0.0463 0.0441 -0.0119 0.0052  0.0039  2004 DAL B N    
140 C CA   . DAL B 4 ? 0.0200 0.0479 0.0349 -0.0144 0.0063  -0.0011 2004 DAL B CA   
141 C CB   . DAL B 4 ? 0.0234 0.0569 0.0415 -0.0147 0.0066  0.0006  2004 DAL B CB   
142 C C    . DAL B 4 ? 0.0169 0.0486 0.0345 -0.0106 0.0027  0.0070  2004 DAL B C    
143 O O    . DAL B 4 ? 0.0210 0.0506 0.0540 -0.0141 0.0058  0.0132  2004 DAL B O    
144 H H    . DAL B 4 ? 0.0191 0.0457 0.0412 -0.0119 0.0065  0.0037  2004 DAL B H    
145 H HA   . DAL B 4 ? 0.0198 0.0472 0.0371 -0.0138 0.0056  0.0021  2004 DAL B HA   
146 H HB1  . DAL B 4 ? 0.0233 0.0539 0.0379 -0.0150 0.0084  0.0004  2004 DAL B HB1  
147 H HB2  . DAL B 4 ? 0.0212 0.0548 0.0384 -0.0150 0.0064  0.0007  2004 DAL B HB2  
148 H HB3  . DAL B 4 ? 0.0202 0.0543 0.0384 -0.0137 0.0060  -0.0016 2004 DAL B HB3  
149 N N    A DLE C 1 ? 0.0255 0.0559 0.0930 -0.0186 0.0213  -0.0037 3001 DLE C N    
150 N N    B DLE C 1 ? 0.0205 0.0342 0.0707 -0.0091 0.0153  -0.0004 3001 DLE C N    
151 C CA   A DLE C 1 ? 0.0324 0.0637 0.1294 -0.0277 0.0251  -0.0400 3001 DLE C CA   
152 C CA   B DLE C 1 ? 0.0261 0.0374 0.1012 -0.0146 0.0190  -0.0160 3001 DLE C CA   
153 C CB   A DLE C 1 ? 0.0565 0.0507 0.0560 -0.0038 0.0054  -0.0058 3001 DLE C CB   
154 C CB   B DLE C 1 ? 0.0373 0.0354 0.0382 -0.0023 0.0046  -0.0083 3001 DLE C CB   
155 C CG   A DLE C 1 ? 0.0895 0.0652 0.0581 0.0059  0.0313  -0.0002 3001 DLE C CG   
156 C CG   B DLE C 1 ? 0.0617 0.0350 0.0490 -0.0092 0.0073  -0.0133 3001 DLE C CG   
157 C CD1  A DLE C 1 ? 0.0781 0.1085 0.1119 0.0255  -0.0093 -0.0232 3001 DLE C CD1  
158 C CD1  B DLE C 1 ? 0.0566 0.0435 0.0703 -0.0135 0.0137  -0.0123 3001 DLE C CD1  
159 C CD2  A DLE C 1 ? 0.1375 0.0471 0.0975 0.0151  0.0300  0.0023  3001 DLE C CD2  
160 C CD2  B DLE C 1 ? 0.0709 0.1052 0.0816 0.0243  0.0182  -0.0145 3001 DLE C CD2  
161 C C    A DLE C 1 ? 0.0333 0.0712 0.0907 -0.0346 0.0273  -0.0490 3001 DLE C C    
162 C C    B DLE C 1 ? 0.0357 0.0655 0.0812 -0.0310 0.0097  -0.0269 3001 DLE C C    
163 O O    A DLE C 1 ? 0.0339 0.1050 0.0745 -0.0340 0.0275  -0.0400 3001 DLE C O    
164 O O    B DLE C 1 ? 0.0338 0.0956 0.0558 -0.0409 0.0041  -0.0211 3001 DLE C O    
165 H HA   A DLE C 1 ? 0.0390 0.0645 0.0922 -0.0145 0.0234  -0.0271 3001 DLE C HA   
166 H HA   B DLE C 1 ? 0.0259 0.0408 0.0756 -0.0140 0.0127  -0.0126 3001 DLE C HA   
167 H HB2  A DLE C 1 ? 0.0591 0.0532 0.0683 -0.0114 0.0132  -0.0110 3001 DLE C HB2  
168 H HB2  B DLE C 1 ? 0.0357 0.0336 0.0428 -0.0042 0.0029  -0.0085 3001 DLE C HB2  
169 H HB3  A DLE C 1 ? 0.0576 0.0550 0.0604 -0.0077 0.0130  -0.0118 3001 DLE C HB3  
170 H HB3  B DLE C 1 ? 0.0364 0.0334 0.0488 -0.0084 0.0063  -0.0095 3001 DLE C HB3  
171 H HG   A DLE C 1 ? 0.0855 0.0647 0.0523 0.0076  0.0145  -0.0042 3001 DLE C HG   
172 H HG   B DLE C 1 ? 0.0561 0.0431 0.0531 -0.0047 0.0098  -0.0121 3001 DLE C HG   
173 H HD11 A DLE C 1 ? 0.0804 0.0957 0.0961 0.0152  0.0084  -0.0128 3001 DLE C HD11 
174 H HD11 B DLE C 1 ? 0.0588 0.0416 0.0618 -0.0097 0.0101  -0.0066 3001 DLE C HD11 
175 H HD12 A DLE C 1 ? 0.0786 0.1065 0.0918 0.0192  0.0070  -0.0096 3001 DLE C HD12 
176 H HD12 B DLE C 1 ? 0.0588 0.0401 0.0614 -0.0072 0.0131  -0.0126 3001 DLE C HD12 
177 H HD13 A DLE C 1 ? 0.0796 0.0952 0.1028 0.0157  0.0011  -0.0055 3001 DLE C HD13 
178 H HD13 B DLE C 1 ? 0.0614 0.0407 0.0642 -0.0117 0.0145  -0.0143 3001 DLE C HD13 
179 H HD21 A DLE C 1 ? 0.1190 0.0551 0.0904 0.0065  0.0228  0.0080  3001 DLE C HD21 
180 H HD21 B DLE C 1 ? 0.0730 0.0821 0.0682 0.0067  0.0177  -0.0158 3001 DLE C HD21 
181 H HD22 A DLE C 1 ? 0.1323 0.0512 0.0826 0.0036  0.0231  0.0017  3001 DLE C HD22 
182 H HD22 B DLE C 1 ? 0.0794 0.0889 0.0694 0.0221  0.0207  -0.0076 3001 DLE C HD22 
183 H HD23 A DLE C 1 ? 0.1196 0.0561 0.0774 0.0063  0.0299  -0.0003 3001 DLE C HD23 
184 H HD23 B DLE C 1 ? 0.0715 0.0765 0.0762 0.0106  0.0204  -0.0154 3001 DLE C HD23 
185 N N    A ZAE C 2 ? 0.0435 0.0903 0.0725 -0.0343 0.0302  -0.0325 3002 ZAE C N    
186 N N    B ZAE C 2 ? 0.0599 0.0941 0.0684 -0.0390 0.0293  -0.0445 3002 ZAE C N    
187 C CA   A ZAE C 2 ? 0.0618 0.0999 0.0688 -0.0290 0.0230  -0.0329 3002 ZAE C CA   
188 C CA   B ZAE C 2 ? 0.0675 0.0984 0.0665 -0.0442 0.0172  -0.0461 3002 ZAE C CA   
189 C C    A ZAE C 2 ? 0.0546 0.0863 0.0502 -0.0292 0.0101  -0.0207 3002 ZAE C C    
190 C C    B ZAE C 2 ? 0.0575 0.0893 0.0591 -0.0333 0.0072  -0.0203 3002 ZAE C C    
191 O O    A ZAE C 2 ? 0.0537 0.1131 0.0784 -0.0249 0.0071  -0.0345 3002 ZAE C O    
192 O O    B ZAE C 2 ? 0.0586 0.1226 0.0959 -0.0315 0.0046  -0.0361 3002 ZAE C O    
193 C CB   A ZAE C 2 ? 0.1080 0.1082 0.0594 -0.0244 0.0044  -0.0387 3002 ZAE C CB   
194 C CB   B ZAE C 2 ? 0.0957 0.0993 0.0591 -0.0429 0.0015  -0.0430 3002 ZAE C CB   
195 C CG   A ZAE C 2 ? 0.0871 0.0840 0.0444 -0.0413 0.0073  -0.0223 3002 ZAE C CG   
196 C CG   B ZAE C 2 ? 0.0868 0.0853 0.0451 -0.0423 0.0071  -0.0199 3002 ZAE C CG   
197 C CD1  A ZAE C 2 ? 0.1483 0.0747 0.0513 -0.0447 0.0032  -0.0068 3002 ZAE C CD1  
198 C CD1  B ZAE C 2 ? 0.1485 0.0766 0.0469 -0.0457 0.0028  -0.0088 3002 ZAE C CD1  
199 C CD2  A ZAE C 2 ? 0.1044 0.0763 0.0370 -0.0532 -0.0051 -0.0059 3002 ZAE C CD2  
200 C CD2  B ZAE C 2 ? 0.1050 0.0765 0.0361 -0.0538 -0.0055 -0.0058 3002 ZAE C CD2  
201 C CE1  A ZAE C 2 ? 0.1434 0.0760 0.0426 -0.0445 0.0093  -0.0039 3002 ZAE C CE1  
202 C CE1  B ZAE C 2 ? 0.1446 0.0755 0.0355 -0.0495 0.0116  0.0013  3002 ZAE C CE1  
203 C CE2  A ZAE C 2 ? 0.1024 0.0730 0.0458 -0.0387 0.0070  -0.0102 3002 ZAE C CE2  
204 C CE2  B ZAE C 2 ? 0.1034 0.0736 0.0452 -0.0387 0.0070  -0.0090 3002 ZAE C CE2  
205 C CZ   A ZAE C 2 ? 0.1033 0.0826 0.0469 -0.0410 0.0107  -0.0062 3002 ZAE C CZ   
206 C CZ   B ZAE C 2 ? 0.1040 0.0847 0.0454 -0.0415 0.0106  -0.0059 3002 ZAE C CZ   
207 C C10  A ZAE C 2 ? 0.0478 0.0745 0.0934 -0.0390 0.0383  -0.0376 3002 ZAE C C10  
208 C C10  B ZAE C 2 ? 0.0625 0.1033 0.1227 -0.0370 0.0432  -0.0562 3002 ZAE C C10  
209 H HA   A ZAE C 2 ? 0.0629 0.0969 0.0647 -0.0280 0.0178  -0.0306 3002 ZAE C HA   
210 H HA   B ZAE C 2 ? 0.0684 0.0969 0.0653 -0.0382 0.0136  -0.0394 3002 ZAE C HA   
211 H HB2  A ZAE C 2 ? 0.0880 0.1085 0.0662 -0.0266 0.0059  -0.0410 3002 ZAE C HB2  
212 H HB2  B ZAE C 2 ? 0.0841 0.1018 0.0626 -0.0405 0.0056  -0.0417 3002 ZAE C HB2  
213 H HB3  A ZAE C 2 ? 0.0905 0.1013 0.0610 -0.0323 0.0114  -0.0351 3002 ZAE C HB3  
214 H HB3  B ZAE C 2 ? 0.0867 0.0963 0.0591 -0.0450 0.0080  -0.0389 3002 ZAE C HB3  
215 H HD1  A ZAE C 2 ? 0.1219 0.0763 0.0471 -0.0431 0.0055  -0.0103 3002 ZAE C HD1  
216 H HD1  B ZAE C 2 ? 0.1221 0.0777 0.0446 -0.0448 0.0059  -0.0100 3002 ZAE C HD1  
217 H HD2  A ZAE C 2 ? 0.0951 0.0762 0.0408 -0.0473 0.0050  -0.0079 3002 ZAE C HD2  
218 H HD2  B ZAE C 2 ? 0.0955 0.0768 0.0404 -0.0481 0.0046  -0.0072 3002 ZAE C HD2  
219 H HE1  A ZAE C 2 ? 0.1239 0.0839 0.0285 -0.0488 -0.0006 -0.0117 3002 ZAE C HE1  
220 H HE1  B ZAE C 2 ? 0.1250 0.0903 0.0209 -0.0581 0.0014  -0.0065 3002 ZAE C HE1  
221 H HE2  A ZAE C 2 ? 0.1021 0.0718 0.0440 -0.0408 0.0055  -0.0097 3002 ZAE C HE2  
222 H HE2  B ZAE C 2 ? 0.1028 0.0718 0.0430 -0.0413 0.0053  -0.0089 3002 ZAE C HE2  
223 H HZ   A ZAE C 2 ? 0.1095 0.0761 0.0441 -0.0406 0.0092  -0.0074 3002 ZAE C HZ   
224 H HZ   B ZAE C 2 ? 0.1098 0.0768 0.0417 -0.0420 0.0095  -0.0060 3002 ZAE C HZ   
225 H H11  A ZAE C 2 ? 0.0423 0.0723 0.0845 -0.0344 0.0350  -0.0351 3002 ZAE C H11  
226 H H11  B ZAE C 2 ? 0.0597 0.1004 0.1031 -0.0344 0.0369  -0.0484 3002 ZAE C H11  
227 H H12  A ZAE C 2 ? 0.0446 0.0782 0.0845 -0.0368 0.0325  -0.0312 3002 ZAE C H12  
228 H H12  B ZAE C 2 ? 0.0594 0.1015 0.1143 -0.0370 0.0315  -0.0434 3002 ZAE C H12  
229 H H13  A ZAE C 2 ? 0.0474 0.0793 0.0879 -0.0391 0.0370  -0.0368 3002 ZAE C H13  
230 H H13  B ZAE C 2 ? 0.0641 0.1049 0.1062 -0.0409 0.0392  -0.0521 3002 ZAE C H13  
231 C C    A BE2 C 3 ? 0.0258 0.0407 0.0443 -0.0168 0.0107  -0.0012 3003 BE2 C C    
232 C C    B BE2 C 3 ? 0.0257 0.0392 0.0422 -0.0160 0.0120  -0.0032 3003 BE2 C C    
233 O O    A BE2 C 3 ? 0.0265 0.0503 0.0548 -0.0160 0.0174  -0.0002 3003 BE2 C O    
234 O O    B BE2 C 3 ? 0.0284 0.0445 0.0464 -0.0165 0.0173  -0.0033 3003 BE2 C O    
235 C C1   A BE2 C 3 ? 0.0307 0.0399 0.0374 -0.0146 0.0090  0.0009  3003 BE2 C C1   
236 C C1   B BE2 C 3 ? 0.0296 0.0397 0.0348 -0.0137 0.0115  -0.0004 3003 BE2 C C1   
237 C CA   A BE2 C 3 ? 0.0506 0.0582 0.0375 -0.0150 0.0089  -0.0026 3003 BE2 C CA   
238 C CA   B BE2 C 3 ? 0.0434 0.0489 0.0328 -0.0108 0.0136  -0.0015 3003 BE2 C CA   
239 C C3   A BE2 C 3 ? 0.0581 0.0639 0.0502 -0.0067 -0.0010 0.0070  3003 BE2 C C3   
240 C C3   B BE2 C 3 ? 0.0506 0.0575 0.0432 -0.0046 -0.0005 0.0049  3003 BE2 C C3   
241 N N    A BE2 C 3 ? 0.0375 0.0799 0.0546 -0.0205 0.0060  -0.0198 3003 BE2 C N    
242 N N    B BE2 C 3 ? 0.0393 0.0626 0.0485 -0.0139 0.0108  -0.0164 3003 BE2 C N    
243 C C4   A BE2 C 3 ? 0.0576 0.0523 0.0777 -0.0010 -0.0070 0.0017  3003 BE2 C C4   
244 C C4   B BE2 C 3 ? 0.0492 0.0515 0.0675 0.0030  -0.0046 -0.0010 3003 BE2 C C4   
245 C C5   A BE2 C 3 ? 0.0519 0.0432 0.0645 -0.0032 0.0066  -0.0016 3003 BE2 C C5   
246 C C5   B BE2 C 3 ? 0.0446 0.0465 0.0570 -0.0029 0.0062  -0.0033 3003 BE2 C C5   
247 C C6   A BE2 C 3 ? 0.0368 0.0421 0.0425 -0.0122 0.0103  0.0007  3003 BE2 C C6   
248 C C6   B BE2 C 3 ? 0.0330 0.0400 0.0417 -0.0103 0.0121  -0.0009 3003 BE2 C C6   
249 H H3   A BE2 C 3 ? 0.0521 0.0569 0.0506 -0.0083 0.0010  0.0027  3003 BE2 C H3   
250 H H3   B BE2 C 3 ? 0.0452 0.0515 0.0419 -0.0051 0.0028  0.0014  3003 BE2 C H3   
251 H H    A BE2 C 3 ? 0.0449 0.0637 0.0497 -0.0191 0.0076  -0.0126 3003 BE2 C H    
252 H H    B BE2 C 3 ? 0.0427 0.0527 0.0441 -0.0137 0.0122  -0.0108 3003 BE2 C H    
253 H H4   A BE2 C 3 ? 0.0530 0.0461 0.0633 -0.0047 0.0002  0.0009  3003 BE2 C H4   
254 H H4   B BE2 C 3 ? 0.0452 0.0444 0.0554 -0.0006 0.0017  -0.0014 3003 BE2 C H4   
255 H H5   A BE2 C 3 ? 0.0455 0.0411 0.0576 -0.0046 0.0034  0.0015  3003 BE2 C H5   
256 H H5   B BE2 C 3 ? 0.0394 0.0420 0.0527 -0.0029 0.0039  0.0003  3003 BE2 C H5   
257 H H6   A BE2 C 3 ? 0.0385 0.0415 0.0429 -0.0106 0.0091  0.0005  3003 BE2 C H6   
258 H H6   B BE2 C 3 ? 0.0349 0.0408 0.0417 -0.0092 0.0110  -0.0011 3003 BE2 C H6   
259 N N    A DAL C 4 ? 0.0211 0.0418 0.0431 -0.0135 0.0055  0.0056  3004 DAL C N    
260 N N    B DAL C 4 ? 0.0200 0.0377 0.0477 -0.0116 0.0065  0.0035  3004 DAL C N    
261 C CA   A DAL C 4 ? 0.0214 0.0432 0.0548 -0.0128 0.0073  0.0101  3004 DAL C CA   
262 C CA   B DAL C 4 ? 0.0214 0.0385 0.0524 -0.0118 0.0076  0.0080  3004 DAL C CA   
263 C CB   A DAL C 4 ? 0.0240 0.0564 0.0665 -0.0144 0.0068  0.0198  3004 DAL C CB   
264 C CB   B DAL C 4 ? 0.0187 0.0516 0.0623 -0.0120 0.0051  0.0163  3004 DAL C CB   
265 C C    A DAL C 4 ? 0.0248 0.0437 0.0656 -0.0112 0.0168  0.0096  3004 DAL C C    
266 C C    B DAL C 4 ? 0.0282 0.0442 0.0580 -0.0108 0.0205  0.0070  3004 DAL C C    
267 O O    A DAL C 4 ? 0.0234 0.0571 0.0817 -0.0149 0.0189  0.0027  3004 DAL C O    
268 O O    B DAL C 4 ? 0.0220 0.0504 0.0775 -0.0126 0.0172  0.0034  3004 DAL C O    
269 H H    A DAL C 4 ? 0.0201 0.0407 0.0403 -0.0129 0.0032  0.0073  3004 DAL C H    
270 H H    B DAL C 4 ? 0.0195 0.0367 0.0444 -0.0116 0.0040  0.0051  3004 DAL C H    
271 H HA   A DAL C 4 ? 0.0226 0.0432 0.0550 -0.0136 0.0078  0.0104  3004 DAL C HA   
272 H HA   B DAL C 4 ? 0.0221 0.0392 0.0534 -0.0124 0.0082  0.0079  3004 DAL C HA   
273 H HB1  A DAL C 4 ? 0.0238 0.0499 0.0615 -0.0134 0.0076  0.0163  3004 DAL C HB1  
274 H HB1  B DAL C 4 ? 0.0191 0.0458 0.0587 -0.0115 0.0057  0.0131  3004 DAL C HB1  
275 H HB2  A DAL C 4 ? 0.0235 0.0533 0.0646 -0.0125 0.0082  0.0196  3004 DAL C HB2  
276 H HB2  B DAL C 4 ? 0.0199 0.0479 0.0609 -0.0112 0.0071  0.0163  3004 DAL C HB2  
277 H HB3  A DAL C 4 ? 0.0268 0.0485 0.0616 -0.0154 0.0080  0.0155  3004 DAL C HB3  
278 H HB3  B DAL C 4 ? 0.0223 0.0439 0.0584 -0.0136 0.0067  0.0128  3004 DAL C HB3  
279 N N    . DLE D 1 ? 0.0213 0.0724 0.0526 -0.0205 0.0088  -0.0023 4001 DLE D N    
280 C CA   . DLE D 1 ? 0.0298 0.0813 0.0552 -0.0334 0.0031  -0.0114 4001 DLE D CA   
281 C CB   . DLE D 1 ? 0.0517 0.1434 0.0492 -0.0384 0.0083  -0.0070 4001 DLE D CB   
282 C CG   . DLE D 1 ? 0.1109 0.1422 0.0559 -0.0173 -0.0187 -0.0113 4001 DLE D CG   
283 C CD1  . DLE D 1 ? 0.1356 0.3324 0.0696 -0.1020 -0.0059 0.0447  4001 DLE D CD1  
284 C CD2  . DLE D 1 ? 0.1448 0.3255 0.0896 -0.0950 -0.0010 -0.0392 4001 DLE D CD2  
285 C C    . DLE D 1 ? 0.0398 0.0752 0.0430 -0.0342 0.0011  0.0023  4001 DLE D C    
286 O O    . DLE D 1 ? 0.0486 0.0865 0.0644 -0.0392 -0.0036 -0.0073 4001 DLE D O    
287 H H    . DLE D 1 ? 0.0246 0.0725 0.0529 -0.0258 0.0077  -0.0043 4001 DLE D H    
288 H HA   . DLE D 1 ? 0.0282 0.0885 0.0554 -0.0310 -0.0023 -0.0096 4001 DLE D HA   
289 H HB2  . DLE D 1 ? 0.0544 0.1372 0.0528 -0.0359 0.0011  -0.0064 4001 DLE D HB2  
290 H HB3  . DLE D 1 ? 0.0529 0.1275 0.0542 -0.0331 0.0016  -0.0075 4001 DLE D HB3  
291 H HG   . DLE D 1 ? 0.0881 0.1575 0.0560 -0.0292 -0.0005 -0.0150 4001 DLE D HG   
292 H HD11 . DLE D 1 ? 0.1228 0.2438 0.0847 -0.0593 -0.0175 0.0206  4001 DLE D HD11 
293 H HD12 . DLE D 1 ? 0.1291 0.2739 0.0690 -0.0431 -0.0073 0.0268  4001 DLE D HD12 
294 H HD13 . DLE D 1 ? 0.1589 0.2667 0.0663 -0.0928 -0.0097 0.0181  4001 DLE D HD13 
295 H HD21 . DLE D 1 ? 0.1263 0.2323 0.0824 -0.0604 -0.0161 -0.0234 4001 DLE D HD21 
296 H HD22 . DLE D 1 ? 0.1132 0.2406 0.0924 -0.0484 -0.0145 -0.0524 4001 DLE D HD22 
297 H HD23 . DLE D 1 ? 0.1652 0.2489 0.0774 -0.0814 -0.0031 -0.0365 4001 DLE D HD23 
298 N N    . ZAE D 2 ? 0.0387 0.0700 0.0419 -0.0232 -0.0101 0.0042  4002 ZAE D N    
299 C CA   . ZAE D 2 ? 0.0556 0.0617 0.0490 -0.0246 -0.0122 0.0082  4002 ZAE D CA   
300 C C    . ZAE D 2 ? 0.0395 0.0606 0.0586 -0.0228 -0.0106 0.0027  4002 ZAE D C    
301 O O    . ZAE D 2 ? 0.0831 0.0609 0.0691 -0.0324 -0.0169 0.0100  4002 ZAE D O    
302 C CB   . ZAE D 2 ? 0.1168 0.0675 0.0666 -0.0420 -0.0196 0.0181  4002 ZAE D CB   
303 C CG   . ZAE D 2 ? 0.1065 0.0651 0.0444 -0.0087 -0.0036 0.0143  4002 ZAE D CG   
304 C CD1  . ZAE D 2 ? 0.1252 0.0787 0.0399 0.0247  -0.0062 0.0034  4002 ZAE D CD1  
305 C CD2  . ZAE D 2 ? 0.0838 0.0849 0.0652 -0.0104 0.0116  0.0170  4002 ZAE D CD2  
306 C CE1  . ZAE D 2 ? 0.1236 0.0906 0.0517 0.0412  -0.0156 -0.0075 4002 ZAE D CE1  
307 C CE2  . ZAE D 2 ? 0.0978 0.0760 0.0476 -0.0010 0.0180  0.0099  4002 ZAE D CE2  
308 C CZ   . ZAE D 2 ? 0.1128 0.0807 0.0347 0.0178  -0.0077 0.0036  4002 ZAE D CZ   
309 C C10  . ZAE D 2 ? 0.0338 0.0798 0.0436 -0.0244 -0.0079 0.0046  4002 ZAE D C10  
310 H HA   . ZAE D 2 ? 0.0553 0.0628 0.0523 -0.0263 -0.0115 0.0071  4002 ZAE D HA   
311 H HB2  . ZAE D 2 ? 0.1119 0.0649 0.0565 -0.0343 -0.0171 0.0149  4002 ZAE D HB2  
312 H HB3  . ZAE D 2 ? 0.0948 0.0726 0.0571 -0.0319 -0.0127 0.0173  4002 ZAE D HB3  
313 H HD1  . ZAE D 2 ? 0.1157 0.0724 0.0428 0.0176  -0.0045 0.0029  4002 ZAE D HD1  
314 H HD2  . ZAE D 2 ? 0.0858 0.0748 0.0546 -0.0083 0.0078  0.0132  4002 ZAE D HD2  
315 H HE1  . ZAE D 2 ? 0.1152 0.0787 0.0446 0.0218  -0.0089 -0.0001 4002 ZAE D HE1  
316 H HE2  . ZAE D 2 ? 0.0963 0.0732 0.0413 0.0037  0.0078  0.0092  4002 ZAE D HE2  
317 H HZ   . ZAE D 2 ? 0.1038 0.0789 0.0405 0.0144  -0.0077 0.0016  4002 ZAE D HZ   
318 H H11  . ZAE D 2 ? 0.0359 0.0720 0.0443 -0.0252 -0.0082 0.0039  4002 ZAE D H11  
319 H H12  . ZAE D 2 ? 0.0340 0.0745 0.0447 -0.0247 -0.0063 0.0025  4002 ZAE D H12  
320 H H13  . ZAE D 2 ? 0.0329 0.0755 0.0450 -0.0242 -0.0075 0.0014  4002 ZAE D H13  
321 C C    . BE2 D 3 ? 0.0191 0.0550 0.0339 -0.0155 0.0043  -0.0011 4003 BE2 D C    
322 O O    . BE2 D 3 ? 0.0183 0.0524 0.0344 -0.0141 0.0043  -0.0014 4003 BE2 D O    
323 C C1   . BE2 D 3 ? 0.0187 0.0528 0.0319 -0.0140 0.0055  -0.0019 4003 BE2 D C1   
324 C CA   . BE2 D 3 ? 0.0201 0.0586 0.0414 -0.0143 0.0004  -0.0012 4003 BE2 D CA   
325 C C3   . BE2 D 3 ? 0.0351 0.0632 0.0475 -0.0122 -0.0036 -0.0075 4003 BE2 D C3   
326 N N    . BE2 D 3 ? 0.0350 0.0527 0.0463 -0.0185 -0.0077 0.0021  4003 BE2 D N    
327 C C4   . BE2 D 3 ? 0.0359 0.0728 0.0406 -0.0168 -0.0034 -0.0117 4003 BE2 D C4   
328 C C5   . BE2 D 3 ? 0.0189 0.0748 0.0370 -0.0187 -0.0021 -0.0056 4003 BE2 D C5   
329 C C6   . BE2 D 3 ? 0.0187 0.0635 0.0340 -0.0172 0.0023  0.0003  4003 BE2 D C6   
330 H H3   . BE2 D 3 ? 0.0293 0.0619 0.0435 -0.0144 -0.0018 -0.0072 4003 BE2 D H3   
331 H H    . BE2 D 3 ? 0.0267 0.0520 0.0435 -0.0152 -0.0039 0.0013  4003 BE2 D H    
332 H H4   . BE2 D 3 ? 0.0277 0.0649 0.0396 -0.0145 -0.0019 -0.0061 4003 BE2 D H4   
333 H H5   . BE2 D 3 ? 0.0238 0.0685 0.0310 -0.0176 0.0008  -0.0055 4003 BE2 D H5   
334 H H6   . BE2 D 3 ? 0.0183 0.0608 0.0346 -0.0156 0.0025  -0.0032 4003 BE2 D H6   
335 N N    . DAL D 4 ? 0.0201 0.0454 0.0485 -0.0153 0.0031  0.0002  4004 DAL D N    
336 C CA   . DAL D 4 ? 0.0225 0.0526 0.0574 -0.0192 0.0095  -0.0086 4004 DAL D CA   
337 C CB   . DAL D 4 ? 0.0207 0.0627 0.0919 -0.0182 0.0127  -0.0050 4004 DAL D CB   
338 C C    . DAL D 4 ? 0.0215 0.0647 0.0541 -0.0195 0.0114  -0.0093 4004 DAL D C    
339 O O    . DAL D 4 ? 0.0205 0.0759 0.0552 -0.0214 0.0104  -0.0172 4004 DAL D O    
340 H H    . DAL D 4 ? 0.0190 0.0474 0.0497 -0.0143 0.0048  -0.0026 4004 DAL D H    
341 H HA   . DAL D 4 ? 0.0210 0.0553 0.0599 -0.0167 0.0107  -0.0050 4004 DAL D HA   
342 H HB1  . DAL D 4 ? 0.0247 0.0601 0.0776 -0.0157 0.0127  -0.0053 4004 DAL D HB1  
343 H HB2  . DAL D 4 ? 0.0230 0.0592 0.0825 -0.0188 0.0155  -0.0090 4004 DAL D HB2  
344 H HB3  . DAL D 4 ? 0.0218 0.0617 0.0796 -0.0155 0.0135  -0.0025 4004 DAL D HB3  
345 N N    . DLE E 1 ? 0.0177 0.0406 0.0473 -0.0117 0.0008  0.0037  5001 DLE E N    
346 C CA   A DLE E 1 ? 0.0198 0.0407 0.0565 -0.0139 0.0014  0.0032  5001 DLE E CA   
347 C CA   B DLE E 1 ? 0.0200 0.0430 0.0584 -0.0145 0.0022  0.0047  5001 DLE E CA   
348 C CB   A DLE E 1 ? 0.0208 0.0566 0.0634 -0.0111 0.0077  0.0039  5001 DLE E CB   
349 C CB   B DLE E 1 ? 0.0199 0.0594 0.0670 -0.0126 0.0038  0.0044  5001 DLE E CB   
350 C CG   A DLE E 1 ? 0.0267 0.0863 0.0807 -0.0026 -0.0076 -0.0013 5001 DLE E CG   
351 C CG   B DLE E 1 ? 0.0298 0.0963 0.0794 -0.0059 0.0016  -0.0041 5001 DLE E CG   
352 C CD1  A DLE E 1 ? 0.0878 0.1492 0.0837 -0.0404 0.0183  0.0251  5001 DLE E CD1  
353 C CD1  B DLE E 1 ? 0.0449 0.1128 0.0745 -0.0220 -0.0099 0.0010  5001 DLE E CD1  
354 C CD2  A DLE E 1 ? 0.0312 0.1127 0.0725 -0.0211 0.0015  -0.0153 5001 DLE E CD2  
355 C CD2  B DLE E 1 ? 0.0685 0.1003 0.0825 -0.0129 -0.0148 -0.0299 5001 DLE E CD2  
356 C C    . DLE E 1 ? 0.0223 0.0441 0.0741 -0.0163 0.0124  -0.0070 5001 DLE E C    
357 O O    . DLE E 1 ? 0.0308 0.0596 0.0792 -0.0273 0.0174  -0.0086 5001 DLE E O    
358 H HA   . DLE E 1 ? 0.0206 0.0445 0.0603 -0.0147 0.0056  0.0038  5001 DLE E HA   
359 H HB2  A DLE E 1 ? 0.0196 0.0559 0.0655 -0.0131 0.0049  0.0030  5001 DLE E HB2  
360 H HB2  B DLE E 1 ? 0.0200 0.0579 0.0672 -0.0131 0.0040  0.0025  5001 DLE E HB2  
361 H HB3  A DLE E 1 ? 0.0223 0.0547 0.0652 -0.0112 0.0042  0.0026  5001 DLE E HB3  
362 H HB3  B DLE E 1 ? 0.0232 0.0548 0.0666 -0.0133 0.0035  0.0030  5001 DLE E HB3  
363 H HG   A DLE E 1 ? 0.0305 0.0774 0.0749 -0.0082 0.0023  -0.0003 5001 DLE E HG   
364 H HG   B DLE E 1 ? 0.0342 0.0874 0.0762 -0.0119 -0.0011 -0.0040 5001 DLE E HG   
365 H HD11 A DLE E 1 ? 0.0647 0.1137 0.0931 -0.0240 0.0123  0.0097  5001 DLE E HD11 
366 H HD11 B DLE E 1 ? 0.0487 0.1027 0.0865 -0.0147 0.0052  -0.0033 5001 DLE E HD11 
367 H HD12 A DLE E 1 ? 0.0822 0.1082 0.0899 -0.0193 0.0162  0.0118  5001 DLE E HD12 
368 H HD12 B DLE E 1 ? 0.0582 0.1095 0.0837 -0.0177 -0.0015 0.0036  5001 DLE E HD12 
369 H HD13 A DLE E 1 ? 0.0759 0.1322 0.0853 -0.0425 0.0078  0.0147  5001 DLE E HD13 
370 H HD13 B DLE E 1 ? 0.0542 0.1020 0.0807 -0.0171 0.0061  0.0035  5001 DLE E HD13 
371 H HD21 A DLE E 1 ? 0.0361 0.1040 0.0755 -0.0204 -0.0038 -0.0093 5001 DLE E HD21 
372 H HD21 B DLE E 1 ? 0.0491 0.1033 0.0924 -0.0098 -0.0202 -0.0251 5001 DLE E HD21 
373 H HD22 A DLE E 1 ? 0.0327 0.1026 0.0763 -0.0145 -0.0043 -0.0120 5001 DLE E HD22 
374 H HD22 B DLE E 1 ? 0.0562 0.1024 0.0860 -0.0181 -0.0051 -0.0196 5001 DLE E HD22 
375 H HD23 A DLE E 1 ? 0.0306 0.1022 0.0703 -0.0151 -0.0042 -0.0096 5001 DLE E HD23 
376 H HD23 B DLE E 1 ? 0.0494 0.0998 0.0801 -0.0128 -0.0117 -0.0176 5001 DLE E HD23 
377 N N    . ZAE E 2 ? 0.0277 0.0579 0.0716 -0.0223 0.0180  -0.0156 5002 ZAE E N    
378 C CA   . ZAE E 2 ? 0.0496 0.0739 0.0834 -0.0263 0.0363  -0.0278 5002 ZAE E CA   
379 C C    . ZAE E 2 ? 0.0589 0.0974 0.0721 -0.0471 0.0247  -0.0238 5002 ZAE E C    
380 O O    . ZAE E 2 ? 0.0824 0.1327 0.0958 -0.0480 0.0460  -0.0125 5002 ZAE E O    
381 C CB   . ZAE E 2 ? 0.0444 0.0897 0.1321 -0.0282 0.0492  -0.0294 5002 ZAE E CB   
382 C CG   . ZAE E 2 ? 0.0312 0.0776 0.1316 -0.0243 0.0410  -0.0377 5002 ZAE E CG   
383 C CD1  . ZAE E 2 ? 0.0425 0.0875 0.1435 -0.0130 0.0062  -0.0545 5002 ZAE E CD1  
384 C CD2  . ZAE E 2 ? 0.0264 0.0794 0.1558 -0.0153 0.0301  -0.0440 5002 ZAE E CD2  
385 C CE1  . ZAE E 2 ? 0.0460 0.0669 0.1717 -0.0127 0.0133  -0.0376 5002 ZAE E CE1  
386 C CE2  . ZAE E 2 ? 0.0321 0.0873 0.1475 -0.0047 0.0126  -0.0452 5002 ZAE E CE2  
387 C CZ   . ZAE E 2 ? 0.0367 0.0850 0.1588 -0.0133 0.0205  -0.0303 5002 ZAE E CZ   
388 C C10  . ZAE E 2 ? 0.0268 0.0511 0.0778 -0.0222 0.0082  -0.0065 5002 ZAE E C10  
389 H HA   . ZAE E 2 ? 0.0441 0.0763 0.0871 -0.0280 0.0316  -0.0219 5002 ZAE E HA   
390 H HB2  . ZAE E 2 ? 0.0485 0.0829 0.1172 -0.0236 0.0398  -0.0288 5002 ZAE E HB2  
391 H HB3  . ZAE E 2 ? 0.0429 0.0831 0.1210 -0.0267 0.0359  -0.0234 5002 ZAE E HB3  
392 H HD1  . ZAE E 2 ? 0.0377 0.0789 0.1326 -0.0163 0.0160  -0.0447 5002 ZAE E HD1  
393 H HD2  . ZAE E 2 ? 0.0352 0.0719 0.1461 -0.0131 0.0295  -0.0336 5002 ZAE E HD2  
394 H HE1  . ZAE E 2 ? 0.0449 0.0646 0.1586 -0.0133 0.0161  -0.0318 5002 ZAE E HE1  
395 H HE2  . ZAE E 2 ? 0.0304 0.0824 0.1441 -0.0103 0.0174  -0.0413 5002 ZAE E HE2  
396 H HZ   . ZAE E 2 ? 0.0366 0.0793 0.1563 -0.0108 0.0179  -0.0349 5002 ZAE E HZ   
397 H H11  . ZAE E 2 ? 0.0264 0.0526 0.0737 -0.0217 0.0125  -0.0075 5002 ZAE E H11  
398 H H12  . ZAE E 2 ? 0.0260 0.0509 0.0722 -0.0219 0.0114  -0.0083 5002 ZAE E H12  
399 H H13  . ZAE E 2 ? 0.0282 0.0496 0.0740 -0.0231 0.0101  -0.0070 5002 ZAE E H13  
400 C C    . BE2 E 3 ? 0.0217 0.0722 0.0544 -0.0233 -0.0025 0.0075  5003 BE2 E C    
401 O O    . BE2 E 3 ? 0.0286 0.0706 0.0489 -0.0305 -0.0043 0.0109  5003 BE2 E O    
402 C C1   . BE2 E 3 ? 0.0374 0.0931 0.0485 -0.0445 -0.0104 0.0152  5003 BE2 E C1   
403 C CA   . BE2 E 3 ? 0.0440 0.1001 0.0502 -0.0516 -0.0030 0.0021  5003 BE2 E CA   
404 C C3   . BE2 E 3 ? 0.0889 0.1250 0.0505 -0.0689 0.0047  -0.0130 5003 BE2 E C3   
405 N N    . BE2 E 3 ? 0.0508 0.0850 0.0595 -0.0445 0.0116  -0.0092 5003 BE2 E N    
406 C C4   . BE2 E 3 ? 0.1004 0.1582 0.0480 -0.0844 -0.0144 0.0264  5003 BE2 E C4   
407 C C5   . BE2 E 3 ? 0.1001 0.1329 0.0677 -0.0600 -0.0331 0.0379  5003 BE2 E C5   
408 C C6   . BE2 E 3 ? 0.0481 0.1220 0.0669 -0.0548 -0.0132 0.0306  5003 BE2 E C6   
409 H H3   . BE2 E 3 ? 0.0732 0.1153 0.0531 -0.0620 -0.0008 0.0005  5003 BE2 E H3   
410 H H    . BE2 E 3 ? 0.0469 0.0847 0.0558 -0.0442 0.0055  -0.0054 5003 BE2 E H    
411 H H4   . BE2 E 3 ? 0.0847 0.1329 0.0526 -0.0724 -0.0033 0.0211  5003 BE2 E H4   
412 H H5   . BE2 E 3 ? 0.0766 0.1203 0.0651 -0.0580 -0.0183 0.0273  5003 BE2 E H5   
413 H H6   . BE2 E 3 ? 0.0573 0.1120 0.0622 -0.0543 -0.0171 0.0276  5003 BE2 E H6   
414 N N    . DAL E 4 ? 0.0198 0.0519 0.0551 -0.0149 0.0031  0.0123  5004 DAL E N    
415 C CA   . DAL E 4 ? 0.0187 0.0484 0.0545 -0.0109 0.0066  0.0118  5004 DAL E CA   
416 C CB   . DAL E 4 ? 0.0342 0.0464 0.0695 -0.0129 0.0176  0.0033  5004 DAL E CB   
417 C C    . DAL E 4 ? 0.0170 0.0428 0.0417 -0.0106 0.0030  0.0035  5004 DAL E C    
418 O O    . DAL E 4 ? 0.0202 0.0447 0.0511 -0.0142 0.0043  0.0063  5004 DAL E O    
419 H H    . DAL E 4 ? 0.0194 0.0474 0.0556 -0.0096 0.0050  0.0101  5004 DAL E H    
420 H HA   . DAL E 4 ? 0.0188 0.0472 0.0534 -0.0108 0.0080  0.0081  5004 DAL E HA   
421 H HB1  . DAL E 4 ? 0.0331 0.0442 0.0634 -0.0141 0.0138  0.0057  5004 DAL E HB1  
422 H HB2  . DAL E 4 ? 0.0299 0.0451 0.0643 -0.0139 0.0152  0.0020  5004 DAL E HB2  
423 H HB3  . DAL E 4 ? 0.0285 0.0452 0.0662 -0.0123 0.0114  0.0037  5004 DAL E HB3  
424 C C1   . EOH F . ? 0.2277 0.1338 0.2401 -0.0335 -0.0425 -0.0337 1101 EOH A C1   
425 C C2   . EOH F . ? 0.1886 0.0858 0.0937 -0.0081 -0.0183 -0.0359 1101 EOH A C2   
426 O O    . EOH F . ? 0.1801 0.3414 0.3554 -0.0389 0.0507  0.0134  1101 EOH A O    
427 H H11  . EOH F . ? 0.2351 0.1819 0.2129 -0.0013 -0.0020 -0.0095 1101 EOH A H11  
428 H H12  . EOH F . ? 0.1770 0.1349 0.1808 -0.0231 -0.0037 -0.0165 1101 EOH A H12  
429 H H21  . EOH F . ? 0.1983 0.1063 0.1440 -0.0273 -0.0206 -0.0422 1101 EOH A H21  
430 H H22  . EOH F . ? 0.1497 0.1713 0.1277 -0.0013 0.0097  -0.0429 1101 EOH A H22  
431 H H23  . EOH F . ? 0.2034 0.1134 0.1484 -0.0023 0.0140  -0.0074 1101 EOH A H23  
432 H HO   . EOH F . ? 0.2477 0.2515 0.2934 -0.0061 0.0068  -0.0095 1101 EOH A HO   
433 C C1   . EOH G . ? 0.0954 0.0785 0.1119 0.0020  -0.0030 -0.0247 2101 EOH B C1   
434 C C2   . EOH G . ? 0.0893 0.1616 0.1156 0.0078  0.0096  -0.0435 2101 EOH B C2   
435 O O    . EOH G . ? 0.0828 0.0968 0.0645 0.0022  -0.0080 -0.0070 2101 EOH B O    
436 H H11  . EOH G . ? 0.0871 0.0842 0.0986 0.0082  -0.0013 -0.0211 2101 EOH B H11  
437 H H12  . EOH G . ? 0.0908 0.0936 0.1009 0.0035  0.0031  -0.0213 2101 EOH B H12  
438 H H21  . EOH G . ? 0.0947 0.1354 0.1170 0.0048  0.0052  -0.0388 2101 EOH B H21  
439 H H22  . EOH G . ? 0.0922 0.1501 0.1173 0.0008  0.0074  -0.0463 2101 EOH B H22  
440 H H23  . EOH G . ? 0.0900 0.1332 0.1162 0.0028  0.0056  -0.0363 2101 EOH B H23  
441 H HO   . EOH G . ? 0.0828 0.0908 0.0809 0.0061  -0.0050 -0.0158 2101 EOH B HO   
442 C C1   . EOH H . ? 0.0732 0.1268 0.2171 -0.0354 0.0426  -0.0035 4101 EOH D C1   
443 C C2   . EOH H . ? 0.0963 0.1420 0.1829 -0.0275 0.0272  -0.0332 4101 EOH D C2   
444 O O    . EOH H . ? 0.1108 0.2260 0.2690 0.0121  0.0291  0.0157  4101 EOH D O    
445 H H11  . EOH H . ? 0.0892 0.1469 0.2007 -0.0233 0.0606  -0.0003 4101 EOH D H11  
446 H H12  . EOH H . ? 0.0823 0.1377 0.2135 -0.0214 0.0409  -0.0049 4101 EOH D H12  
447 H H21  . EOH H . ? 0.0864 0.1273 0.1950 -0.0207 0.0313  -0.0190 4101 EOH D H21  
448 H H22  . EOH H . ? 0.0997 0.1389 0.1947 -0.0214 0.0348  -0.0224 4101 EOH D H22  
449 H H23  . EOH H . ? 0.0879 0.1438 0.1997 -0.0241 0.0338  -0.0236 4101 EOH D H23  
450 H HO   . EOH H . ? 0.1053 0.2199 0.2575 -0.0094 0.0343  0.0219  4101 EOH D HO   
451 O O    . HOH I . ? 0.0581 0.0749 0.0930 -0.0163 -0.0166 0.0208  1201 HOH A O    
452 O O    . HOH J . ? 0.0365 0.0744 0.1087 -0.0237 0.0079  0.0004  2201 HOH B O    
453 O O    . HOH K . ? 0.1126 0.2614 0.2398 -0.0496 -0.0179 0.0419  4201 HOH D O    
454 O O    . HOH L . ? 0.1429 0.0862 0.0655 0.0056  -0.0001 -0.0031 5101 HOH E O    
# 
loop_
_pdbx_poly_seq_scheme.asym_id 
_pdbx_poly_seq_scheme.entity_id 
_pdbx_poly_seq_scheme.seq_id 
_pdbx_poly_seq_scheme.mon_id 
_pdbx_poly_seq_scheme.ndb_seq_num 
_pdbx_poly_seq_scheme.pdb_seq_num 
_pdbx_poly_seq_scheme.auth_seq_num 
_pdbx_poly_seq_scheme.pdb_mon_id 
_pdbx_poly_seq_scheme.auth_mon_id 
_pdbx_poly_seq_scheme.pdb_strand_id 
_pdbx_poly_seq_scheme.pdb_ins_code 
_pdbx_poly_seq_scheme.hetero 
A 1 1 DLE 1 1001 1001 DLE DLE A . n 
A 1 2 ZAE 2 1002 1002 ZAE ZAE A . n 
A 1 3 BE2 3 1003 1003 BE2 BE2 A . n 
A 1 4 DAL 4 1004 1004 DAL DAL A . n 
B 1 1 DLE 1 2001 2001 DLE DLE B . n 
B 1 2 ZAE 2 2002 2002 ZAE ZAE B . n 
B 1 3 BE2 3 2003 2003 BE2 BE2 B . n 
B 1 4 DAL 4 2004 2004 DAL DAL B . n 
C 1 1 DLE 1 3001 3001 DLE DLE C . n 
C 1 2 ZAE 2 3002 3002 ZAE ZAE C . n 
C 1 3 BE2 3 3003 3003 BE2 BE2 C . n 
C 1 4 DAL 4 3004 3004 DAL DAL C . n 
D 1 1 DLE 1 4001 4001 DLE DLE D . n 
D 1 2 ZAE 2 4002 4002 ZAE ZAE D . n 
D 1 3 BE2 3 4003 4003 BE2 BE2 D . n 
D 1 4 DAL 4 4004 4004 DAL DAL D . n 
E 1 1 DLE 1 5001 5001 DLE DLE E . n 
E 1 2 ZAE 2 5002 5002 ZAE ZAE E . n 
E 1 3 BE2 3 5003 5003 BE2 BE2 E . n 
E 1 4 DAL 4 5004 5004 DAL DAL E . n 
# 
loop_
_pdbx_nonpoly_scheme.asym_id 
_pdbx_nonpoly_scheme.entity_id 
_pdbx_nonpoly_scheme.mon_id 
_pdbx_nonpoly_scheme.ndb_seq_num 
_pdbx_nonpoly_scheme.pdb_seq_num 
_pdbx_nonpoly_scheme.auth_seq_num 
_pdbx_nonpoly_scheme.pdb_mon_id 
_pdbx_nonpoly_scheme.auth_mon_id 
_pdbx_nonpoly_scheme.pdb_strand_id 
_pdbx_nonpoly_scheme.pdb_ins_code 
F 2 EOH 1 1101 7 EOH EOH A . 
G 2 EOH 1 2101 2 EOH EOH B . 
H 2 EOH 1 4101 1 EOH EOH D . 
I 3 HOH 1 1201 4 HOH HOH A . 
J 3 HOH 1 2201 5 HOH HOH B . 
K 3 HOH 1 4201 6 HOH HOH D . 
L 3 HOH 1 5101 3 HOH HOH E . 
# 
_pdbx_struct_assembly.id                   1 
_pdbx_struct_assembly.details              author_defined_assembly 
_pdbx_struct_assembly.method_details       ? 
_pdbx_struct_assembly.oligomeric_details   pentameric 
_pdbx_struct_assembly.oligomeric_count     5 
# 
_pdbx_struct_assembly_gen.assembly_id       1 
_pdbx_struct_assembly_gen.oper_expression   1 
_pdbx_struct_assembly_gen.asym_id_list      A,B,C,D,E,F,G,H,I,J,K,L 
# 
loop_
_pdbx_struct_assembly_prop.biol_id 
_pdbx_struct_assembly_prop.type 
_pdbx_struct_assembly_prop.value 
_pdbx_struct_assembly_prop.details 
1 'ABSA (A^2)' 2000 ? 
1 MORE         11   ? 
1 'SSA (A^2)'  2660 ? 
# 
_pdbx_struct_oper_list.id                   1 
_pdbx_struct_oper_list.type                 'identity operation' 
_pdbx_struct_oper_list.name                 1_555 
_pdbx_struct_oper_list.symmetry_operation   x,y,z 
_pdbx_struct_oper_list.matrix[1][1]         1.0000000000 
_pdbx_struct_oper_list.matrix[1][2]         0.0000000000 
_pdbx_struct_oper_list.matrix[1][3]         0.0000000000 
_pdbx_struct_oper_list.vector[1]            0.0000000000 
_pdbx_struct_oper_list.matrix[2][1]         0.0000000000 
_pdbx_struct_oper_list.matrix[2][2]         1.0000000000 
_pdbx_struct_oper_list.matrix[2][3]         0.0000000000 
_pdbx_struct_oper_list.vector[2]            0.0000000000 
_pdbx_struct_oper_list.matrix[3][1]         0.0000000000 
_pdbx_struct_oper_list.matrix[3][2]         0.0000000000 
_pdbx_struct_oper_list.matrix[3][3]         1.0000000000 
_pdbx_struct_oper_list.vector[3]            0.0000000000 
# 
loop_
_pdbx_audit_revision_history.ordinal 
_pdbx_audit_revision_history.data_content_type 
_pdbx_audit_revision_history.major_revision 
_pdbx_audit_revision_history.minor_revision 
_pdbx_audit_revision_history.revision_date 
1 'Structure model' 1 0 2017-11-15 
2 'Structure model' 1 1 2017-12-06 
3 'Structure model' 1 2 2018-01-03 
4 'Structure model' 2 0 2021-09-15 
5 'Structure model' 3 0 2023-11-15 
# 
_pdbx_audit_revision_details.ordinal             1 
_pdbx_audit_revision_details.revision_ordinal    1 
_pdbx_audit_revision_details.data_content_type   'Structure model' 
_pdbx_audit_revision_details.provider            repository 
_pdbx_audit_revision_details.type                'Initial release' 
_pdbx_audit_revision_details.description         ? 
_pdbx_audit_revision_details.details             ? 
# 
loop_
_pdbx_audit_revision_group.ordinal 
_pdbx_audit_revision_group.revision_ordinal 
_pdbx_audit_revision_group.data_content_type 
_pdbx_audit_revision_group.group 
1 2 'Structure model' 'Database references'  
2 3 'Structure model' 'Database references'  
3 4 'Structure model' 'Atomic model'         
4 4 'Structure model' 'Database references'  
5 4 'Structure model' 'Derived calculations' 
6 5 'Structure model' 'Atomic model'         
7 5 'Structure model' 'Data collection'      
8 5 'Structure model' 'Derived calculations' 
# 
loop_
_pdbx_audit_revision_category.ordinal 
_pdbx_audit_revision_category.revision_ordinal 
_pdbx_audit_revision_category.data_content_type 
_pdbx_audit_revision_category.category 
1  2 'Structure model' citation                       
2  3 'Structure model' citation                       
3  4 'Structure model' atom_site                      
4  4 'Structure model' atom_site_anisotrop            
5  4 'Structure model' database_2                     
6  4 'Structure model' struct_conn                    
7  5 'Structure model' atom_site                      
8  5 'Structure model' atom_site_anisotrop            
9  5 'Structure model' chem_comp_atom                 
10 5 'Structure model' chem_comp_bond                 
11 5 'Structure model' pdbx_validate_main_chain_plane 
12 5 'Structure model' pdbx_validate_peptide_omega    
13 5 'Structure model' pdbx_validate_rmsd_angle       
14 5 'Structure model' struct_conn                    
# 
loop_
_pdbx_audit_revision_item.ordinal 
_pdbx_audit_revision_item.revision_ordinal 
_pdbx_audit_revision_item.data_content_type 
_pdbx_audit_revision_item.item 
1  2 'Structure model' '_citation.title'                         
2  3 'Structure model' '_citation.journal_volume'                
3  3 'Structure model' '_citation.page_first'                    
4  3 'Structure model' '_citation.page_last'                     
5  4 'Structure model' '_atom_site.auth_atom_id'                 
6  4 'Structure model' '_atom_site.label_atom_id'                
7  4 'Structure model' '_atom_site_anisotrop.pdbx_auth_atom_id'  
8  4 'Structure model' '_atom_site_anisotrop.pdbx_label_atom_id' 
9  4 'Structure model' '_database_2.pdbx_DOI'                    
10 4 'Structure model' '_database_2.pdbx_database_accession'     
11 4 'Structure model' '_struct_conn.pdbx_dist_value'            
12 4 'Structure model' '_struct_conn.pdbx_leaving_atom_flag'     
13 4 'Structure model' '_struct_conn.ptnr1_label_atom_id'        
14 4 'Structure model' '_struct_conn.ptnr2_auth_comp_id'         
15 4 'Structure model' '_struct_conn.ptnr2_auth_seq_id'          
16 4 'Structure model' '_struct_conn.ptnr2_label_atom_id'        
17 4 'Structure model' '_struct_conn.ptnr2_label_comp_id'        
18 4 'Structure model' '_struct_conn.ptnr2_label_seq_id'         
19 5 'Structure model' '_atom_site.auth_atom_id'                 
20 5 'Structure model' '_atom_site.label_atom_id'                
21 5 'Structure model' '_atom_site_anisotrop.pdbx_auth_atom_id'  
22 5 'Structure model' '_atom_site_anisotrop.pdbx_label_atom_id' 
23 5 'Structure model' '_struct_conn.pdbx_leaving_atom_flag'     
24 5 'Structure model' '_struct_conn.ptnr2_label_atom_id'        
# 
loop_
_software.citation_id 
_software.classification 
_software.compiler_name 
_software.compiler_version 
_software.contact_author 
_software.contact_author_email 
_software.date 
_software.description 
_software.dependencies 
_software.hardware 
_software.language 
_software.location 
_software.mods 
_software.name 
_software.os 
_software.os_version 
_software.type 
_software.version 
_software.pdbx_ordinal 
? refinement       ? ? ? ? ? ? ? ? ? ? ? REFMAC  ? ? ? 5.8.0158 1 
? 'data reduction' ? ? ? ? ? ? ? ? ? ? ? XDS     ? ? ? .        2 
? 'data scaling'   ? ? ? ? ? ? ? ? ? ? ? Aimless ? ? ? .        3 
? phasing          ? ? ? ? ? ? ? ? ? ? ? SHELXS  ? ? ? .        4 
# 
loop_
_pdbx_validate_rmsd_angle.id 
_pdbx_validate_rmsd_angle.PDB_model_num 
_pdbx_validate_rmsd_angle.auth_atom_id_1 
_pdbx_validate_rmsd_angle.auth_asym_id_1 
_pdbx_validate_rmsd_angle.auth_comp_id_1 
_pdbx_validate_rmsd_angle.auth_seq_id_1 
_pdbx_validate_rmsd_angle.PDB_ins_code_1 
_pdbx_validate_rmsd_angle.label_alt_id_1 
_pdbx_validate_rmsd_angle.auth_atom_id_2 
_pdbx_validate_rmsd_angle.auth_asym_id_2 
_pdbx_validate_rmsd_angle.auth_comp_id_2 
_pdbx_validate_rmsd_angle.auth_seq_id_2 
_pdbx_validate_rmsd_angle.PDB_ins_code_2 
_pdbx_validate_rmsd_angle.label_alt_id_2 
_pdbx_validate_rmsd_angle.auth_atom_id_3 
_pdbx_validate_rmsd_angle.auth_asym_id_3 
_pdbx_validate_rmsd_angle.auth_comp_id_3 
_pdbx_validate_rmsd_angle.auth_seq_id_3 
_pdbx_validate_rmsd_angle.PDB_ins_code_3 
_pdbx_validate_rmsd_angle.label_alt_id_3 
_pdbx_validate_rmsd_angle.angle_value 
_pdbx_validate_rmsd_angle.angle_target_value 
_pdbx_validate_rmsd_angle.angle_deviation 
_pdbx_validate_rmsd_angle.angle_standard_deviation 
_pdbx_validate_rmsd_angle.linker_flag 
1 1 CA A BE2 1003 ? ? C  A BE2 1003 ? ? N   A DAL 1004 ? ? 134.05 117.20 16.85  2.20 Y 
2 1 CA B BE2 2003 ? ? C  B BE2 2003 ? ? N   B DAL 2004 ? ? 132.10 117.20 14.90  2.20 Y 
3 1 CB C DLE 3001 ? A CA C DLE 3001 ? A C   C DLE 3001 ? A 97.54  110.20 -12.66 1.90 N 
4 1 CB C DLE 3001 ? B CG C DLE 3001 ? B CD2 C DLE 3001 ? B 122.19 111.00 11.19  1.70 N 
5 1 CA C BE2 3003 ? A C  C BE2 3003 ? A N   C DAL 3004 ? A 132.10 117.20 14.90  2.20 Y 
6 1 CA C BE2 3003 ? B C  C BE2 3003 ? B N   C DAL 3004 ? B 131.22 117.20 14.02  2.20 Y 
7 1 CA D BE2 4003 ? ? C  D BE2 4003 ? ? N   D DAL 4004 ? ? 134.87 117.20 17.67  2.20 Y 
8 1 CA E BE2 5003 ? ? C  E BE2 5003 ? ? N   E DAL 5004 ? ? 132.77 117.20 15.57  2.20 Y 
# 
loop_
_pdbx_validate_peptide_omega.id 
_pdbx_validate_peptide_omega.PDB_model_num 
_pdbx_validate_peptide_omega.auth_comp_id_1 
_pdbx_validate_peptide_omega.auth_asym_id_1 
_pdbx_validate_peptide_omega.auth_seq_id_1 
_pdbx_validate_peptide_omega.PDB_ins_code_1 
_pdbx_validate_peptide_omega.label_alt_id_1 
_pdbx_validate_peptide_omega.auth_comp_id_2 
_pdbx_validate_peptide_omega.auth_asym_id_2 
_pdbx_validate_peptide_omega.auth_seq_id_2 
_pdbx_validate_peptide_omega.PDB_ins_code_2 
_pdbx_validate_peptide_omega.label_alt_id_2 
_pdbx_validate_peptide_omega.omega 
1 1 BE2 A 1003 ? ? DAL A 1004 ? ? -147.97 
2 1 BE2 B 2003 ? ? DAL B 2004 ? ? -148.87 
3 1 BE2 C 3003 ? B DAL C 3004 ? B -149.90 
4 1 BE2 D 4003 ? ? DAL D 4004 ? ? -146.23 
# 
loop_
_pdbx_validate_main_chain_plane.id 
_pdbx_validate_main_chain_plane.PDB_model_num 
_pdbx_validate_main_chain_plane.auth_comp_id 
_pdbx_validate_main_chain_plane.auth_asym_id 
_pdbx_validate_main_chain_plane.auth_seq_id 
_pdbx_validate_main_chain_plane.PDB_ins_code 
_pdbx_validate_main_chain_plane.label_alt_id 
_pdbx_validate_main_chain_plane.improper_torsion_angle 
1 1 BE2 A 1003 ? ? 18.00 
2 1 BE2 B 2003 ? ? 17.03 
3 1 BE2 C 3003 ? A 17.96 
4 1 BE2 C 3003 ? B 17.43 
5 1 BE2 D 4003 ? ? 19.40 
6 1 BE2 E 5003 ? ? 16.33 
# 
loop_
_chem_comp_atom.comp_id 
_chem_comp_atom.atom_id 
_chem_comp_atom.type_symbol 
_chem_comp_atom.pdbx_aromatic_flag 
_chem_comp_atom.pdbx_stereo_config 
_chem_comp_atom.pdbx_ordinal 
BE2 C    C N N 1  
BE2 O    O N N 2  
BE2 OXT  O N N 3  
BE2 C1   C Y N 4  
BE2 CA   C Y N 5  
BE2 C3   C Y N 6  
BE2 N    N N N 7  
BE2 C4   C Y N 8  
BE2 C5   C Y N 9  
BE2 C6   C Y N 10 
BE2 HXT  H N N 11 
BE2 H3   H N N 12 
BE2 H    H N N 13 
BE2 H2   H N N 14 
BE2 H4   H N N 15 
BE2 H5   H N N 16 
BE2 H6   H N N 17 
DAL N    N N N 18 
DAL CA   C N R 19 
DAL CB   C N N 20 
DAL C    C N N 21 
DAL O    O N N 22 
DAL OXT  O N N 23 
DAL H    H N N 24 
DAL H2   H N N 25 
DAL HA   H N N 26 
DAL HB1  H N N 27 
DAL HB2  H N N 28 
DAL HB3  H N N 29 
DAL HXT  H N N 30 
DLE N    N N N 31 
DLE CA   C N R 32 
DLE CB   C N N 33 
DLE CG   C N N 34 
DLE CD1  C N N 35 
DLE CD2  C N N 36 
DLE C    C N N 37 
DLE O    O N N 38 
DLE OXT  O N N 39 
DLE H    H N N 40 
DLE H2   H N N 41 
DLE HA   H N N 42 
DLE HB2  H N N 43 
DLE HB3  H N N 44 
DLE HG   H N N 45 
DLE HD11 H N N 46 
DLE HD12 H N N 47 
DLE HD13 H N N 48 
DLE HD21 H N N 49 
DLE HD22 H N N 50 
DLE HD23 H N N 51 
DLE HXT  H N N 52 
EOH C1   C N N 53 
EOH C2   C N N 54 
EOH O    O N N 55 
EOH H11  H N N 56 
EOH H12  H N N 57 
EOH H21  H N N 58 
EOH H22  H N N 59 
EOH H23  H N N 60 
EOH HO   H N N 61 
HOH O    O N N 62 
HOH H1   H N N 63 
HOH H2   H N N 64 
ZAE N    N N N 65 
ZAE CA   C N R 66 
ZAE C    C N N 67 
ZAE O    O N N 68 
ZAE OXT  O N N 69 
ZAE CB   C N N 70 
ZAE CG   C Y N 71 
ZAE CD1  C Y N 72 
ZAE CD2  C Y N 73 
ZAE CE1  C Y N 74 
ZAE CE2  C Y N 75 
ZAE CZ   C Y N 76 
ZAE C10  C N N 77 
ZAE H    H N N 78 
ZAE HA   H N N 79 
ZAE HXT  H N N 80 
ZAE HB2  H N N 81 
ZAE HB3  H N N 82 
ZAE HD1  H N N 83 
ZAE HD2  H N N 84 
ZAE HE1  H N N 85 
ZAE HE2  H N N 86 
ZAE HZ   H N N 87 
ZAE H11  H N N 88 
ZAE H12  H N N 89 
ZAE H13  H N N 90 
# 
loop_
_chem_comp_bond.comp_id 
_chem_comp_bond.atom_id_1 
_chem_comp_bond.atom_id_2 
_chem_comp_bond.value_order 
_chem_comp_bond.pdbx_aromatic_flag 
_chem_comp_bond.pdbx_stereo_config 
_chem_comp_bond.pdbx_ordinal 
BE2 C   O    doub N N 1  
BE2 C   OXT  sing N N 2  
BE2 C   C1   sing N N 3  
BE2 OXT HXT  sing N N 4  
BE2 C1  CA   doub Y N 5  
BE2 C1  C6   sing Y N 6  
BE2 CA  C3   sing Y N 7  
BE2 CA  N    sing N N 8  
BE2 C3  C4   doub Y N 9  
BE2 C3  H3   sing N N 10 
BE2 N   H    sing N N 11 
BE2 N   H2   sing N N 12 
BE2 C4  C5   sing Y N 13 
BE2 C4  H4   sing N N 14 
BE2 C5  C6   doub Y N 15 
BE2 C5  H5   sing N N 16 
BE2 C6  H6   sing N N 17 
DAL N   CA   sing N N 18 
DAL N   H    sing N N 19 
DAL N   H2   sing N N 20 
DAL CA  CB   sing N N 21 
DAL CA  C    sing N N 22 
DAL CA  HA   sing N N 23 
DAL CB  HB1  sing N N 24 
DAL CB  HB2  sing N N 25 
DAL CB  HB3  sing N N 26 
DAL C   O    doub N N 27 
DAL C   OXT  sing N N 28 
DAL OXT HXT  sing N N 29 
DLE N   CA   sing N N 30 
DLE N   H    sing N N 31 
DLE N   H2   sing N N 32 
DLE CA  CB   sing N N 33 
DLE CA  C    sing N N 34 
DLE CA  HA   sing N N 35 
DLE CB  CG   sing N N 36 
DLE CB  HB2  sing N N 37 
DLE CB  HB3  sing N N 38 
DLE CG  CD1  sing N N 39 
DLE CG  CD2  sing N N 40 
DLE CG  HG   sing N N 41 
DLE CD1 HD11 sing N N 42 
DLE CD1 HD12 sing N N 43 
DLE CD1 HD13 sing N N 44 
DLE CD2 HD21 sing N N 45 
DLE CD2 HD22 sing N N 46 
DLE CD2 HD23 sing N N 47 
DLE C   O    doub N N 48 
DLE C   OXT  sing N N 49 
DLE OXT HXT  sing N N 50 
EOH C1  C2   sing N N 51 
EOH C1  O    sing N N 52 
EOH C1  H11  sing N N 53 
EOH C1  H12  sing N N 54 
EOH C2  H21  sing N N 55 
EOH C2  H22  sing N N 56 
EOH C2  H23  sing N N 57 
EOH O   HO   sing N N 58 
HOH O   H1   sing N N 59 
HOH O   H2   sing N N 60 
ZAE N   CA   sing N N 61 
ZAE N   C10  sing N N 62 
ZAE N   H    sing N N 63 
ZAE CA  C    sing N N 64 
ZAE CA  CB   sing N N 65 
ZAE CA  HA   sing N N 66 
ZAE C   O    doub N N 67 
ZAE C   OXT  sing N N 68 
ZAE OXT HXT  sing N N 69 
ZAE CB  CG   sing N N 70 
ZAE CB  HB2  sing N N 71 
ZAE CB  HB3  sing N N 72 
ZAE CG  CD1  doub Y N 73 
ZAE CG  CD2  sing Y N 74 
ZAE CD1 CE1  sing Y N 75 
ZAE CD1 HD1  sing N N 76 
ZAE CD2 CE2  doub Y N 77 
ZAE CD2 HD2  sing N N 78 
ZAE CE1 CZ   doub Y N 79 
ZAE CE1 HE1  sing N N 80 
ZAE CE2 CZ   sing Y N 81 
ZAE CE2 HE2  sing N N 82 
ZAE CZ  HZ   sing N N 83 
ZAE C10 H11  sing N N 84 
ZAE C10 H12  sing N N 85 
ZAE C10 H13  sing N N 86 
# 
loop_
_pdbx_entity_nonpoly.entity_id 
_pdbx_entity_nonpoly.name 
_pdbx_entity_nonpoly.comp_id 
2 ETHANOL EOH 
3 water   HOH 
# 
_pdbx_struct_assembly_auth_evidence.id                     1 
_pdbx_struct_assembly_auth_evidence.assembly_id            1 
_pdbx_struct_assembly_auth_evidence.experimental_support   none 
_pdbx_struct_assembly_auth_evidence.details                ? 
# 
